data_7L8T
#
_entry.id   7L8T
#
loop_
_entity.id
_entity.type
_entity.pdbx_description
1 polymer 'BG505 SOSIP.v5.2 N241/N289 - gp120'
2 polymer 'BG505 SOSIP.v5.2 N241/N289 - gp41'
3 polymer 'Rh.33311 pAbC-1 - Heavy Chain'
4 polymer 'Rh.33311 pAbC-1 - Light Chain'
5 branched 2-acetamido-2-deoxy-beta-D-glucopyranose-(1-4)-2-acetamido-2-deoxy-beta-D-glucopyranose
6 branched alpha-D-mannopyranose-(1-2)-alpha-D-mannopyranose-(1-3)-[alpha-D-mannopyranose-(1-6)]beta-D-mannopyranose-(1-4)-2-acetamido-2-deoxy-beta-D-glucopyranose-(1-4)-2-acetamido-2-deoxy-beta-D-glucopyranose
7 branched alpha-D-mannopyranose-(1-3)-[alpha-D-mannopyranose-(1-6)]beta-D-mannopyranose-(1-4)-2-acetamido-2-deoxy-beta-D-glucopyranose-(1-4)-2-acetamido-2-deoxy-beta-D-glucopyranose
8 non-polymer 2-acetamido-2-deoxy-beta-D-glucopyranose
#
loop_
_entity_poly.entity_id
_entity_poly.type
_entity_poly.pdbx_seq_one_letter_code
_entity_poly.pdbx_strand_id
1 'polypeptide(L)'
;MKRGLCCVLLLCGAVFVSPSQEIHARFRRGARAENLWVTVYYGVPVWKDAETTLFCASDAKAYETKKHNVWATHCCVPTD
PNPQEIHLENVTEEFNMWKNNMVEQMHTDIISLWDQSLKPCVKLTPLCVTLQCTNVTNNITDDMRGELKNCSFNMTTELR
DKKQKVYSLFYRLDVVQINENQGNRSNNSNKEYRLINCNTSAITQACPKVSFEPIPIHYCAPAGFAILKCKDKKFNGTGP
CTNVSTVQCTHGIKPVVSTQLLLNGSLAEEEVIIRSENITNNAKNILVQLNESVQINCTRPNNNTRKSIRIGPGQWFYAT
GDIIGDIRQAHCNVSKATWNETLGKVVKQLRKHFGNNTIIRFANSSGGDLEVTTHSFNCGGEFFYCNTSGLFNSTWISNT
SVQGSNSTGSNDSITLPCRIKQIINMWQRIGQAMYAPPIQGVIRCVSNITGLILTRDGGSTNSTTETFRPGGGDMRDNWR
SELYKYKVVKIEPLGVAPTRCKR
;
A,C,E
2 'polypeptide(L)'
;AVGIGAVFLGFLGAAGSTMGAASMTLTVQARNLLSGIVQQQSNLLRAPECQQHLLKLTVWGIKQLQARVLAVERYLRDQQ
LLGIWGCSGKLICCTNVPWNSTWSNRNLSEIWDNMTWLQWDKEISNYTQIIYGLLEESQNQQEKNEQDLLALD
;
B,D,F
3 'polypeptide(L)'
;(UNK)(UNK)(UNK)(UNK)(UNK)(UNK)(UNK)(UNK)(UNK)(UNK)(UNK)(UNK)(UNK)(UNK)(UNK)(UNK)
(UNK)(UNK)(UNK)(UNK)(UNK)(UNK)(UNK)(UNK)(UNK)(UNK)(UNK)(UNK)(UNK)(UNK)(UNK)(UNK)
(UNK)(UNK)(UNK)(UNK)(UNK)(UNK)(UNK)(UNK)(UNK)(UNK)(UNK)(UNK)(UNK)(UNK)(UNK)(UNK)
(UNK)(UNK)(UNK)(UNK)(UNK)(UNK)(UNK)(UNK)(UNK)(UNK)(UNK)(UNK)(UNK)(UNK)(UNK)(UNK)
(UNK)(UNK)(UNK)(UNK)(UNK)(UNK)(UNK)(UNK)(UNK)(UNK)(UNK)(UNK)(UNK)(UNK)(UNK)(UNK)
(UNK)(UNK)(UNK)(UNK)(UNK)(UNK)(UNK)(UNK)(UNK)(UNK)(UNK)(UNK)(UNK)(UNK)(UNK)(UNK)
(UNK)(UNK)(UNK)(UNK)(UNK)(UNK)(UNK)(UNK)(UNK)(UNK)(UNK)(UNK)(UNK)(UNK)(UNK)(UNK)
(UNK)(UNK)(UNK)(UNK)
;
H
4 'polypeptide(L)'
;(UNK)(UNK)(UNK)(UNK)(UNK)(UNK)(UNK)(UNK)(UNK)(UNK)(UNK)(UNK)(UNK)(UNK)(UNK)(UNK)
(UNK)(UNK)(UNK)(UNK)(UNK)(UNK)(UNK)(UNK)(UNK)(UNK)(UNK)(UNK)(UNK)(UNK)(UNK)(UNK)
(UNK)(UNK)(UNK)(UNK)(UNK)(UNK)(UNK)(UNK)(UNK)(UNK)(UNK)(UNK)(UNK)(UNK)(UNK)(UNK)
(UNK)(UNK)(UNK)(UNK)(UNK)(UNK)(UNK)(UNK)(UNK)(UNK)(UNK)(UNK)(UNK)(UNK)(UNK)(UNK)
(UNK)(UNK)(UNK)(UNK)(UNK)(UNK)(UNK)(UNK)(UNK)(UNK)(UNK)(UNK)(UNK)(UNK)(UNK)(UNK)
(UNK)(UNK)(UNK)(UNK)(UNK)(UNK)(UNK)(UNK)(UNK)(UNK)(UNK)(UNK)(UNK)(UNK)(UNK)(UNK)
(UNK)(UNK)(UNK)(UNK)(UNK)(UNK)
;
L
#
# COMPACT_ATOMS: atom_id res chain seq x y z
N ALA A 33 -49.03 25.73 4.64
CA ALA A 33 -47.63 25.95 5.05
C ALA A 33 -46.69 25.43 3.96
N GLU A 34 -47.22 25.04 2.79
CA GLU A 34 -46.42 24.50 1.66
C GLU A 34 -46.22 22.99 1.83
N ASN A 35 -45.86 22.55 3.04
CA ASN A 35 -45.75 21.14 3.36
C ASN A 35 -44.73 20.38 2.54
N LEU A 36 -43.57 20.97 2.33
CA LEU A 36 -42.53 20.27 1.62
C LEU A 36 -41.59 19.77 2.67
N TRP A 37 -40.99 18.62 2.41
CA TRP A 37 -40.13 17.95 3.37
C TRP A 37 -38.79 17.55 2.82
N VAL A 38 -37.81 17.46 3.69
CA VAL A 38 -36.48 17.02 3.33
C VAL A 38 -36.42 15.53 3.06
N THR A 39 -35.88 15.16 1.89
CA THR A 39 -35.67 13.77 1.52
C THR A 39 -34.21 13.54 1.21
N VAL A 40 -33.69 12.49 1.81
CA VAL A 40 -32.31 12.13 1.67
C VAL A 40 -32.15 11.06 0.63
N TYR A 41 -31.23 11.29 -0.30
CA TYR A 41 -30.98 10.32 -1.34
C TYR A 41 -29.53 9.88 -1.32
N TYR A 42 -29.30 8.60 -1.51
CA TYR A 42 -27.94 8.10 -1.58
C TYR A 42 -27.76 7.39 -2.89
N GLY A 43 -26.69 7.72 -3.59
CA GLY A 43 -26.44 7.18 -4.92
C GLY A 43 -26.67 8.26 -5.97
N VAL A 44 -26.59 9.51 -5.55
CA VAL A 44 -26.79 10.63 -6.43
C VAL A 44 -25.56 10.84 -7.33
N PRO A 45 -25.68 10.95 -8.65
CA PRO A 45 -24.59 11.06 -9.60
C PRO A 45 -23.93 12.42 -9.69
N VAL A 46 -23.27 12.83 -8.63
CA VAL A 46 -22.55 14.10 -8.61
C VAL A 46 -21.11 13.95 -8.17
N TRP A 47 -20.31 14.95 -8.45
CA TRP A 47 -18.91 14.93 -8.11
C TRP A 47 -18.31 16.30 -7.85
N LYS A 48 -17.15 16.30 -7.21
CA LYS A 48 -16.37 17.50 -6.95
C LYS A 48 -14.93 17.28 -7.39
N ASP A 49 -14.24 18.35 -7.74
CA ASP A 49 -12.86 18.21 -8.17
C ASP A 49 -12.02 17.64 -7.06
N ALA A 50 -11.09 16.72 -7.39
CA ALA A 50 -10.32 16.14 -6.31
C ALA A 50 -8.95 15.67 -6.73
N GLU A 51 -8.07 15.53 -5.75
CA GLU A 51 -6.75 15.04 -6.00
C GLU A 51 -6.52 13.76 -5.24
N THR A 52 -6.19 12.71 -5.96
CA THR A 52 -5.94 11.41 -5.39
C THR A 52 -4.76 10.77 -6.03
N THR A 53 -4.44 9.57 -5.60
CA THR A 53 -3.34 8.87 -6.20
C THR A 53 -3.86 7.87 -7.20
N LEU A 54 -3.44 8.00 -8.42
CA LEU A 54 -3.88 7.12 -9.48
C LEU A 54 -2.94 5.97 -9.56
N PHE A 55 -3.37 4.84 -10.08
CA PHE A 55 -2.40 3.78 -10.18
C PHE A 55 -1.99 3.63 -11.64
N CYS A 56 -0.77 3.12 -11.85
CA CYS A 56 -0.13 2.96 -13.16
C CYS A 56 -0.33 1.54 -13.68
N ALA A 57 -0.97 1.42 -14.83
CA ALA A 57 -1.24 0.11 -15.43
C ALA A 57 -0.56 -0.07 -16.79
N SER A 58 -0.36 -1.31 -17.20
CA SER A 58 0.18 -1.53 -18.57
C SER A 58 -0.62 -2.60 -19.31
N ASP A 59 -0.30 -2.87 -20.58
CA ASP A 59 -1.07 -3.90 -21.33
C ASP A 59 -0.52 -5.28 -20.96
N ALA A 60 -1.41 -6.22 -20.63
CA ALA A 60 -1.04 -7.54 -20.07
C ALA A 60 -0.09 -8.25 -21.03
N LYS A 61 -0.17 -7.87 -22.31
CA LYS A 61 0.73 -8.40 -23.36
C LYS A 61 1.90 -7.45 -23.68
N ALA A 62 1.94 -6.28 -23.03
CA ALA A 62 3.02 -5.30 -23.25
C ALA A 62 4.30 -5.88 -22.66
N TYR A 63 4.14 -6.84 -21.75
CA TYR A 63 5.24 -7.69 -21.25
C TYR A 63 6.08 -8.15 -22.44
N GLU A 64 5.44 -8.82 -23.39
CA GLU A 64 6.09 -9.32 -24.63
C GLU A 64 7.33 -10.15 -24.25
N THR A 65 7.22 -10.98 -23.21
CA THR A 65 8.40 -11.76 -22.73
C THR A 65 9.55 -10.80 -22.40
N LYS A 66 9.25 -9.51 -22.17
CA LYS A 66 10.29 -8.53 -21.78
C LYS A 66 9.95 -8.00 -20.38
N LYS A 67 10.84 -8.23 -19.42
CA LYS A 67 10.59 -7.77 -18.03
C LYS A 67 11.67 -6.74 -17.67
N HIS A 68 12.88 -6.92 -18.23
CA HIS A 68 13.90 -5.92 -18.04
C HIS A 68 13.17 -4.91 -18.90
N ASN A 69 12.54 -3.98 -18.22
CA ASN A 69 11.98 -2.77 -18.79
C ASN A 69 11.48 -1.92 -17.66
N VAL A 70 12.01 -0.72 -17.60
CA VAL A 70 11.77 0.21 -16.52
C VAL A 70 10.31 0.58 -16.35
N TRP A 71 9.50 0.40 -17.37
CA TRP A 71 8.13 0.76 -17.23
C TRP A 71 7.32 -0.47 -16.92
N ALA A 72 7.53 -1.50 -17.73
CA ALA A 72 6.74 -2.72 -17.62
C ALA A 72 6.90 -3.44 -16.30
N THR A 73 8.09 -3.38 -15.71
CA THR A 73 8.34 -4.10 -14.48
C THR A 73 7.65 -3.49 -13.27
N HIS A 74 7.52 -2.17 -13.25
CA HIS A 74 6.91 -1.53 -12.10
C HIS A 74 5.42 -1.27 -12.31
N CYS A 75 4.99 -0.82 -13.52
CA CYS A 75 3.59 -0.56 -13.87
C CYS A 75 3.14 -1.87 -14.47
N CYS A 76 3.15 -2.85 -13.63
CA CYS A 76 2.95 -4.24 -13.98
C CYS A 76 1.49 -4.66 -13.94
N VAL A 77 0.64 -3.80 -13.43
CA VAL A 77 -0.74 -4.18 -13.28
C VAL A 77 -1.38 -4.25 -14.64
N PRO A 78 -1.96 -5.37 -15.05
CA PRO A 78 -2.58 -5.52 -16.34
C PRO A 78 -3.84 -4.72 -16.36
N THR A 79 -4.20 -4.25 -17.55
CA THR A 79 -5.42 -3.50 -17.73
C THR A 79 -6.54 -4.34 -18.27
N ASP A 80 -7.68 -3.70 -18.46
CA ASP A 80 -8.89 -4.28 -18.99
C ASP A 80 -8.76 -4.39 -20.51
N PRO A 81 -8.76 -5.58 -21.12
CA PRO A 81 -8.64 -5.82 -22.55
C PRO A 81 -9.74 -5.13 -23.36
N ASN A 82 -10.84 -4.79 -22.71
CA ASN A 82 -11.96 -4.17 -23.38
C ASN A 82 -12.42 -2.90 -22.64
N PRO A 83 -11.67 -1.80 -22.72
CA PRO A 83 -11.91 -0.57 -22.00
C PRO A 83 -13.17 0.02 -22.55
N GLN A 84 -13.90 0.72 -21.73
CA GLN A 84 -15.16 1.31 -22.13
C GLN A 84 -15.22 2.76 -21.79
N GLU A 85 -15.99 3.51 -22.55
CA GLU A 85 -16.17 4.91 -22.24
C GLU A 85 -17.63 5.18 -22.13
N ILE A 86 -17.99 6.06 -21.22
CA ILE A 86 -19.38 6.42 -21.09
C ILE A 86 -19.62 7.82 -21.55
N HIS A 87 -20.35 7.98 -22.61
CA HIS A 87 -20.58 9.34 -23.04
C HIS A 87 -21.52 9.98 -22.09
N LEU A 88 -21.23 11.17 -21.59
CA LEU A 88 -22.19 11.78 -20.71
C LEU A 88 -22.89 12.81 -21.52
N GLU A 89 -24.10 12.55 -21.87
CA GLU A 89 -24.75 13.52 -22.69
C GLU A 89 -25.19 14.65 -21.80
N ASN A 90 -25.21 15.87 -22.32
CA ASN A 90 -25.75 17.05 -21.57
C ASN A 90 -24.95 17.28 -20.29
N VAL A 91 -23.62 17.28 -20.40
CA VAL A 91 -22.67 17.60 -19.31
C VAL A 91 -21.63 18.59 -19.80
N THR A 92 -21.44 19.67 -19.06
CA THR A 92 -20.49 20.72 -19.46
C THR A 92 -19.53 21.09 -18.34
N GLU A 93 -18.41 20.39 -18.25
CA GLU A 93 -17.44 20.58 -17.19
C GLU A 93 -16.31 21.48 -17.58
N GLU A 94 -15.70 22.14 -16.61
CA GLU A 94 -14.54 22.98 -16.87
C GLU A 94 -13.25 22.23 -16.61
N PHE A 95 -12.37 22.24 -17.60
CA PHE A 95 -11.09 21.56 -17.52
C PHE A 95 -9.95 22.57 -17.50
N ASN A 96 -8.89 22.29 -16.73
CA ASN A 96 -7.76 23.22 -16.72
C ASN A 96 -6.44 22.46 -16.69
N MET A 97 -5.80 22.37 -17.83
CA MET A 97 -4.60 21.60 -18.02
C MET A 97 -3.40 22.16 -17.30
N TRP A 98 -3.48 23.42 -16.89
CA TRP A 98 -2.34 24.06 -16.28
C TRP A 98 -2.31 23.86 -14.79
N LYS A 99 -3.38 23.29 -14.24
CA LYS A 99 -3.52 23.10 -12.81
C LYS A 99 -3.88 21.65 -12.56
N ASN A 100 -3.58 20.82 -13.53
CA ASN A 100 -3.96 19.43 -13.54
C ASN A 100 -3.01 18.55 -12.74
N ASN A 101 -3.49 18.06 -11.61
CA ASN A 101 -2.68 17.28 -10.68
C ASN A 101 -2.19 15.96 -11.26
N MET A 102 -2.80 15.50 -12.34
CA MET A 102 -2.40 14.23 -12.94
C MET A 102 -0.97 14.38 -13.47
N VAL A 103 -0.62 15.59 -13.88
CA VAL A 103 0.68 15.91 -14.41
C VAL A 103 1.70 15.86 -13.33
N GLU A 104 1.35 16.42 -12.19
CA GLU A 104 2.26 16.42 -11.09
C GLU A 104 2.51 15.01 -10.65
N GLN A 105 1.47 14.17 -10.66
CA GLN A 105 1.72 12.81 -10.27
C GLN A 105 2.65 12.13 -11.23
N MET A 106 2.50 12.30 -12.55
CA MET A 106 3.45 11.58 -13.37
C MET A 106 4.84 12.06 -13.15
N HIS A 107 5.01 13.34 -12.92
CA HIS A 107 6.36 13.81 -12.73
C HIS A 107 6.98 13.10 -11.55
N THR A 108 6.25 13.02 -10.45
CA THR A 108 6.80 12.34 -9.30
C THR A 108 7.03 10.85 -9.58
N ASP A 109 6.10 10.18 -10.24
CA ASP A 109 6.25 8.76 -10.48
C ASP A 109 7.38 8.43 -11.43
N ILE A 110 7.60 9.24 -12.45
CA ILE A 110 8.63 8.86 -13.39
C ILE A 110 9.98 9.01 -12.74
N ILE A 111 10.15 10.01 -11.91
CA ILE A 111 11.43 10.15 -11.28
C ILE A 111 11.66 8.99 -10.37
N SER A 112 10.64 8.63 -9.60
CA SER A 112 10.80 7.53 -8.70
C SER A 112 11.13 6.24 -9.41
N LEU A 113 10.48 5.94 -10.53
CA LEU A 113 10.76 4.71 -11.21
C LEU A 113 12.18 4.64 -11.67
N TRP A 114 12.66 5.81 -12.06
CA TRP A 114 14.04 5.98 -12.52
C TRP A 114 15.02 5.64 -11.41
N ASP A 115 14.77 6.19 -10.22
CA ASP A 115 15.64 6.06 -9.08
C ASP A 115 15.59 4.67 -8.49
N GLN A 116 14.46 3.99 -8.59
CA GLN A 116 14.35 2.64 -8.05
C GLN A 116 14.84 1.59 -9.00
N SER A 117 15.24 1.97 -10.21
CA SER A 117 15.71 0.99 -11.15
C SER A 117 17.21 1.04 -11.21
N LEU A 118 17.79 2.18 -10.84
CA LEU A 118 19.23 2.35 -10.86
C LEU A 118 19.83 1.99 -9.53
N LYS A 119 18.97 1.66 -8.59
CA LYS A 119 19.35 1.34 -7.25
C LYS A 119 20.21 0.07 -7.14
N PRO A 120 19.76 -1.13 -7.56
CA PRO A 120 20.53 -2.36 -7.47
C PRO A 120 21.53 -2.53 -8.60
N CYS A 121 22.50 -1.62 -8.74
CA CYS A 121 23.47 -1.57 -9.83
C CYS A 121 24.86 -1.21 -9.32
N VAL A 122 25.83 -1.27 -10.22
CA VAL A 122 27.24 -0.96 -9.97
C VAL A 122 27.41 0.52 -9.67
N LYS A 123 28.17 0.86 -8.64
CA LYS A 123 28.28 2.29 -8.28
C LYS A 123 29.38 3.09 -8.97
N LEU A 124 30.30 2.41 -9.62
CA LEU A 124 31.43 3.00 -10.36
C LEU A 124 32.24 4.03 -9.60
N THR A 125 32.29 3.94 -8.29
CA THR A 125 33.11 4.88 -7.59
C THR A 125 34.59 4.64 -7.90
N PRO A 126 35.06 3.41 -8.20
CA PRO A 126 36.42 3.12 -8.58
C PRO A 126 36.87 3.82 -9.85
N LEU A 127 35.97 4.40 -10.65
CA LEU A 127 36.43 5.09 -11.85
C LEU A 127 36.88 6.54 -11.64
N CYS A 128 36.69 7.13 -10.43
CA CYS A 128 37.06 8.52 -10.19
C CYS A 128 38.55 8.57 -9.83
N VAL A 129 39.33 8.43 -10.88
CA VAL A 129 40.79 8.36 -10.85
C VAL A 129 41.37 9.30 -11.86
N THR A 130 42.66 9.54 -11.80
CA THR A 130 43.25 10.35 -12.84
C THR A 130 43.35 9.51 -14.10
N LEU A 131 42.93 10.06 -15.22
CA LEU A 131 43.00 9.38 -16.48
C LEU A 131 44.15 9.95 -17.29
N GLN A 132 44.83 9.11 -18.06
CA GLN A 132 45.86 9.60 -18.97
C GLN A 132 45.30 9.49 -20.38
N CYS A 133 44.90 10.64 -21.00
CA CYS A 133 44.17 10.66 -22.26
C CYS A 133 44.94 11.30 -23.39
N THR A 134 44.72 10.78 -24.58
CA THR A 134 45.21 11.32 -25.83
C THR A 134 44.02 11.42 -26.78
N ASN A 135 44.15 12.17 -27.90
CA ASN A 135 43.11 12.31 -28.92
C ASN A 135 43.00 11.02 -29.73
N VAL A 136 41.77 10.67 -30.18
CA VAL A 136 41.58 9.55 -31.11
C VAL A 136 41.75 10.16 -32.49
N THR A 137 42.80 9.78 -33.19
CA THR A 137 43.13 10.38 -34.48
C THR A 137 43.04 9.41 -35.64
N ASN A 138 42.57 8.21 -35.36
CA ASN A 138 42.50 7.16 -36.35
C ASN A 138 41.18 7.15 -37.15
N ASN A 139 41.25 7.45 -38.45
CA ASN A 139 40.04 7.45 -39.31
C ASN A 139 39.00 8.42 -38.74
N ILE A 140 39.39 9.69 -38.59
CA ILE A 140 38.50 10.74 -38.09
C ILE A 140 38.11 11.73 -39.15
N THR A 141 36.82 11.96 -39.33
CA THR A 141 36.42 12.99 -40.27
C THR A 141 36.67 14.34 -39.61
N ASP A 142 36.70 15.43 -40.34
CA ASP A 142 37.01 16.69 -39.67
C ASP A 142 36.03 17.10 -38.58
N ASP A 143 34.77 16.75 -38.76
CA ASP A 143 33.73 17.14 -37.82
C ASP A 143 33.82 16.44 -36.48
N MET A 144 34.61 15.37 -36.43
CA MET A 144 34.82 14.58 -35.23
C MET A 144 36.18 14.84 -34.64
N ARG A 145 36.85 15.88 -35.12
CA ARG A 145 38.17 16.12 -34.65
C ARG A 145 38.09 16.61 -33.23
N GLY A 146 38.73 15.89 -32.33
CA GLY A 146 38.74 16.23 -30.92
C GLY A 146 37.49 15.76 -30.18
N GLU A 147 36.58 15.08 -30.86
CA GLU A 147 35.36 14.65 -30.20
C GLU A 147 35.54 13.47 -29.27
N LEU A 148 36.44 12.56 -29.61
CA LEU A 148 36.65 11.37 -28.79
C LEU A 148 38.03 11.36 -28.23
N LYS A 149 38.13 10.84 -27.01
CA LYS A 149 39.42 10.67 -26.37
C LYS A 149 39.64 9.22 -25.93
N ASN A 150 40.90 8.77 -26.03
CA ASN A 150 41.40 7.46 -25.64
C ASN A 150 42.10 7.58 -24.28
N CYS A 151 41.47 7.06 -23.20
CA CYS A 151 41.95 7.23 -21.83
C CYS A 151 42.36 5.92 -21.16
N SER A 152 43.54 5.94 -20.56
CA SER A 152 44.05 4.79 -19.83
C SER A 152 44.05 5.08 -18.35
N PHE A 153 43.75 4.07 -17.56
CA PHE A 153 43.75 4.27 -16.10
C PHE A 153 43.95 2.98 -15.30
N ASN A 154 44.34 3.13 -14.00
CA ASN A 154 44.55 2.04 -13.05
C ASN A 154 43.31 1.86 -12.15
N MET A 155 42.54 0.76 -12.34
CA MET A 155 41.31 0.52 -11.53
C MET A 155 41.44 -0.79 -10.80
N THR A 156 40.48 -1.09 -9.93
CA THR A 156 40.50 -2.28 -9.11
C THR A 156 40.15 -3.53 -9.85
N THR A 157 40.43 -4.66 -9.20
CA THR A 157 40.20 -6.00 -9.73
C THR A 157 39.38 -6.81 -8.74
N GLU A 158 39.21 -8.10 -9.00
CA GLU A 158 38.42 -8.93 -8.10
C GLU A 158 39.00 -8.92 -6.71
N LEU A 159 40.34 -8.89 -6.62
CA LEU A 159 40.99 -8.87 -5.34
C LEU A 159 41.36 -7.45 -5.04
N ARG A 160 41.27 -7.09 -3.78
CA ARG A 160 41.61 -5.71 -3.41
C ARG A 160 43.11 -5.45 -3.46
N ASP A 161 43.89 -6.50 -3.59
CA ASP A 161 45.34 -6.41 -3.67
C ASP A 161 45.86 -6.15 -5.08
N LYS A 162 45.00 -6.26 -6.08
CA LYS A 162 45.53 -6.12 -7.41
C LYS A 162 44.83 -5.03 -8.18
N LYS A 163 45.61 -4.35 -8.98
CA LYS A 163 45.12 -3.31 -9.87
C LYS A 163 45.32 -3.75 -11.29
N GLN A 164 44.56 -3.16 -12.20
CA GLN A 164 44.73 -3.46 -13.60
C GLN A 164 44.74 -2.20 -14.40
N LYS A 165 45.51 -2.20 -15.48
CA LYS A 165 45.52 -1.06 -16.37
C LYS A 165 44.60 -1.35 -17.52
N VAL A 166 43.62 -0.50 -17.69
CA VAL A 166 42.62 -0.68 -18.72
C VAL A 166 42.50 0.58 -19.50
N TYR A 167 41.87 0.51 -20.66
CA TYR A 167 41.65 1.72 -21.38
C TYR A 167 40.28 1.69 -21.98
N SER A 168 39.77 2.86 -22.27
CA SER A 168 38.47 2.99 -22.88
C SER A 168 38.32 4.27 -23.64
N LEU A 169 37.30 4.33 -24.47
CA LEU A 169 37.06 5.60 -25.13
C LEU A 169 35.96 6.33 -24.41
N PHE A 170 36.10 7.65 -24.38
CA PHE A 170 35.12 8.56 -23.80
C PHE A 170 34.79 9.69 -24.74
N TYR A 171 33.60 10.22 -24.61
CA TYR A 171 33.25 11.38 -25.39
C TYR A 171 33.80 12.58 -24.66
N ARG A 172 34.26 13.57 -25.39
CA ARG A 172 34.84 14.74 -24.77
C ARG A 172 33.94 15.42 -23.76
N LEU A 173 32.65 15.42 -23.99
CA LEU A 173 31.76 16.15 -23.09
C LEU A 173 31.79 15.65 -21.65
N ASP A 174 32.17 14.40 -21.44
CA ASP A 174 32.19 13.81 -20.11
C ASP A 174 33.53 13.80 -19.41
N VAL A 175 34.55 14.37 -20.03
CA VAL A 175 35.89 14.32 -19.46
C VAL A 175 36.47 15.74 -19.34
N VAL A 176 36.99 16.08 -18.18
CA VAL A 176 37.54 17.43 -18.02
C VAL A 176 38.99 17.42 -17.64
N GLN A 177 39.71 18.44 -18.07
CA GLN A 177 41.15 18.52 -17.83
C GLN A 177 41.53 18.96 -16.45
N ILE A 178 42.46 18.24 -15.85
CA ILE A 178 42.88 18.63 -14.54
C ILE A 178 44.04 19.60 -14.68
N ASN A 179 43.73 20.91 -14.63
CA ASN A 179 44.67 22.04 -14.78
C ASN A 179 45.40 21.95 -16.13
N ASN A 190 48.44 18.64 -20.72
CA ASN A 190 47.04 18.46 -21.15
C ASN A 190 46.65 16.97 -21.36
N LYS A 191 47.28 16.06 -20.58
CA LYS A 191 47.02 14.61 -20.60
C LYS A 191 46.25 14.13 -19.39
N GLU A 192 46.27 14.85 -18.28
CA GLU A 192 45.55 14.36 -17.12
C GLU A 192 44.14 14.91 -17.10
N TYR A 193 43.20 13.98 -17.05
CA TYR A 193 41.76 14.23 -17.07
C TYR A 193 41.03 13.45 -16.01
N ARG A 194 39.83 13.88 -15.69
CA ARG A 194 38.99 13.14 -14.77
C ARG A 194 37.58 13.11 -15.28
N LEU A 195 36.77 12.21 -14.77
CA LEU A 195 35.40 12.23 -15.18
C LEU A 195 34.79 13.50 -14.67
N ILE A 196 33.91 14.08 -15.48
CA ILE A 196 33.27 15.35 -15.18
C ILE A 196 32.54 15.45 -13.86
N ASN A 197 31.99 14.37 -13.33
CA ASN A 197 31.28 14.51 -12.08
C ASN A 197 32.04 14.20 -10.79
N CYS A 198 33.39 14.02 -10.81
CA CYS A 198 34.15 13.74 -9.59
C CYS A 198 34.03 14.83 -8.54
N ASN A 199 33.77 16.07 -8.97
CA ASN A 199 33.65 17.18 -7.99
C ASN A 199 32.18 17.55 -7.76
N THR A 200 31.27 16.59 -7.95
CA THR A 200 29.86 16.76 -7.61
C THR A 200 29.21 15.53 -7.01
N SER A 201 29.27 14.38 -7.68
CA SER A 201 28.53 13.22 -7.18
C SER A 201 28.99 11.88 -7.69
N ALA A 202 28.51 10.83 -7.04
CA ALA A 202 28.78 9.47 -7.50
C ALA A 202 28.02 9.22 -8.80
N ILE A 203 28.62 8.45 -9.69
CA ILE A 203 27.98 8.13 -10.93
C ILE A 203 27.66 6.66 -10.91
N THR A 204 26.42 6.27 -10.97
CA THR A 204 26.18 4.84 -10.94
C THR A 204 26.06 4.35 -12.36
N GLN A 205 26.17 3.06 -12.59
CA GLN A 205 26.03 2.51 -13.93
C GLN A 205 24.67 1.97 -14.12
N ALA A 206 24.00 2.34 -15.17
CA ALA A 206 22.69 1.76 -15.36
C ALA A 206 22.89 0.29 -15.60
N CYS A 207 22.01 -0.59 -15.07
CA CYS A 207 22.09 -2.03 -15.29
C CYS A 207 21.83 -2.29 -16.80
N PRO A 208 22.76 -2.97 -17.49
CA PRO A 208 22.82 -3.17 -18.92
C PRO A 208 21.67 -3.94 -19.52
N LYS A 209 20.92 -4.63 -18.69
CA LYS A 209 19.81 -5.38 -19.20
C LYS A 209 18.54 -4.57 -19.31
N VAL A 210 18.48 -3.43 -18.62
CA VAL A 210 17.22 -2.72 -18.57
C VAL A 210 17.01 -1.77 -19.70
N SER A 211 15.89 -1.97 -20.38
CA SER A 211 15.53 -1.09 -21.44
C SER A 211 14.72 0.04 -20.89
N PHE A 212 14.91 1.22 -21.43
CA PHE A 212 14.13 2.34 -20.98
C PHE A 212 13.10 2.72 -22.02
N GLU A 213 12.96 1.89 -23.05
CA GLU A 213 12.06 2.21 -24.12
C GLU A 213 10.64 2.38 -23.59
N PRO A 214 10.00 3.54 -23.82
CA PRO A 214 8.65 3.86 -23.42
C PRO A 214 7.65 2.90 -23.97
N ILE A 215 6.67 2.52 -23.16
CA ILE A 215 5.61 1.67 -23.59
C ILE A 215 4.40 2.48 -23.21
N PRO A 216 3.23 2.30 -23.77
CA PRO A 216 2.07 3.02 -23.35
C PRO A 216 1.74 2.70 -21.92
N ILE A 217 1.41 3.71 -21.16
CA ILE A 217 0.99 3.62 -19.79
C ILE A 217 -0.39 4.15 -19.61
N HIS A 218 -1.20 3.45 -18.84
CA HIS A 218 -2.54 3.92 -18.59
C HIS A 218 -2.69 4.34 -17.14
N TYR A 219 -3.16 5.54 -16.87
CA TYR A 219 -3.41 5.90 -15.48
C TYR A 219 -4.86 5.66 -15.15
N CYS A 220 -5.13 4.94 -14.03
CA CYS A 220 -6.47 4.47 -13.65
C CYS A 220 -6.89 5.01 -12.29
N ALA A 221 -8.17 5.36 -12.20
CA ALA A 221 -8.73 5.87 -10.95
C ALA A 221 -8.98 4.76 -9.93
N PRO A 222 -8.83 5.03 -8.63
CA PRO A 222 -9.21 4.19 -7.53
C PRO A 222 -10.71 4.27 -7.42
N ALA A 223 -11.34 3.28 -6.83
CA ALA A 223 -12.78 3.36 -6.69
C ALA A 223 -13.19 4.58 -5.89
N GLY A 224 -14.28 5.19 -6.34
CA GLY A 224 -14.85 6.39 -5.72
C GLY A 224 -14.48 7.61 -6.54
N PHE A 225 -13.55 7.44 -7.45
CA PHE A 225 -13.09 8.49 -8.31
C PHE A 225 -13.33 8.13 -9.76
N ALA A 226 -13.38 9.12 -10.60
CA ALA A 226 -13.58 8.89 -12.00
C ALA A 226 -12.78 9.88 -12.80
N ILE A 227 -12.41 9.51 -14.02
CA ILE A 227 -11.68 10.45 -14.83
C ILE A 227 -12.57 10.98 -15.92
N LEU A 228 -12.69 12.27 -16.01
CA LEU A 228 -13.51 12.84 -17.03
C LEU A 228 -12.62 13.22 -18.17
N LYS A 229 -13.06 12.97 -19.38
CA LYS A 229 -12.30 13.27 -20.56
C LYS A 229 -13.01 14.28 -21.46
N CYS A 230 -12.28 15.28 -21.98
CA CYS A 230 -12.78 16.29 -22.90
C CYS A 230 -12.59 15.83 -24.34
N LYS A 231 -13.68 15.77 -25.09
CA LYS A 231 -13.63 15.33 -26.49
C LYS A 231 -13.82 16.44 -27.49
N ASP A 232 -13.77 17.68 -27.07
CA ASP A 232 -13.94 18.79 -27.98
C ASP A 232 -12.77 18.78 -28.96
N LYS A 233 -13.07 18.69 -30.24
CA LYS A 233 -12.06 18.51 -31.28
C LYS A 233 -11.07 19.64 -31.35
N LYS A 234 -11.45 20.81 -30.89
CA LYS A 234 -10.54 21.94 -30.95
C LYS A 234 -10.33 22.47 -29.57
N PHE A 235 -10.37 21.60 -28.58
CA PHE A 235 -10.21 22.09 -27.24
C PHE A 235 -8.91 22.87 -27.11
N ASN A 236 -9.04 24.11 -26.62
CA ASN A 236 -8.00 25.12 -26.39
C ASN A 236 -7.29 24.93 -25.04
N GLY A 237 -8.00 24.43 -24.02
CA GLY A 237 -7.51 24.27 -22.66
C GLY A 237 -8.02 25.42 -21.84
N THR A 238 -8.12 25.22 -20.56
CA THR A 238 -8.55 26.24 -19.62
C THR A 238 -9.96 26.74 -19.90
N GLY A 239 -10.94 25.88 -19.75
CA GLY A 239 -12.30 26.32 -20.00
C GLY A 239 -13.29 25.18 -20.08
N PRO A 240 -14.58 25.51 -20.22
CA PRO A 240 -15.70 24.62 -20.33
C PRO A 240 -15.51 23.73 -21.53
N CYS A 241 -15.96 22.47 -21.43
CA CYS A 241 -15.92 21.48 -22.48
C CYS A 241 -17.25 20.76 -22.46
N THR A 242 -17.81 20.64 -23.63
CA THR A 242 -19.04 19.95 -23.91
C THR A 242 -18.56 18.59 -24.35
N ASN A 243 -19.43 17.61 -24.58
CA ASN A 243 -18.95 16.29 -25.07
C ASN A 243 -17.95 15.67 -24.07
N VAL A 244 -18.30 15.64 -22.79
CA VAL A 244 -17.51 15.04 -21.72
C VAL A 244 -17.82 13.55 -21.56
N SER A 245 -16.79 12.74 -21.46
CA SER A 245 -16.95 11.30 -21.29
C SER A 245 -16.31 10.79 -20.03
N THR A 246 -16.86 9.76 -19.44
CA THR A 246 -16.24 9.19 -18.26
C THR A 246 -15.44 7.97 -18.59
N VAL A 247 -14.22 7.91 -18.11
CA VAL A 247 -13.41 6.75 -18.37
C VAL A 247 -12.84 6.22 -17.07
N GLN A 248 -12.46 4.95 -17.09
CA GLN A 248 -11.77 4.39 -15.94
C GLN A 248 -10.26 4.63 -15.93
N CYS A 249 -9.64 4.58 -17.14
CA CYS A 249 -8.23 4.70 -17.38
C CYS A 249 -8.04 5.63 -18.57
N THR A 250 -6.92 6.32 -18.60
CA THR A 250 -6.58 7.21 -19.70
C THR A 250 -6.12 6.39 -20.87
N HIS A 251 -5.96 7.04 -22.01
CA HIS A 251 -5.44 6.39 -23.19
C HIS A 251 -4.02 6.02 -22.86
N GLY A 252 -3.42 5.13 -23.63
CA GLY A 252 -2.05 4.83 -23.30
C GLY A 252 -1.17 5.99 -23.69
N ILE A 253 -0.28 6.36 -22.79
CA ILE A 253 0.66 7.44 -22.98
C ILE A 253 2.06 6.95 -22.92
N LYS A 254 2.87 7.26 -23.90
CA LYS A 254 4.24 6.81 -23.82
C LYS A 254 5.06 7.87 -23.08
N PRO A 255 5.80 7.53 -22.03
CA PRO A 255 6.61 8.44 -21.25
C PRO A 255 7.91 8.76 -21.97
N VAL A 256 7.78 9.49 -23.06
CA VAL A 256 8.91 9.86 -23.89
C VAL A 256 9.52 11.11 -23.32
N VAL A 257 10.84 11.12 -23.17
CA VAL A 257 11.52 12.27 -22.63
C VAL A 257 12.30 13.00 -23.69
N SER A 258 11.98 14.26 -23.90
CA SER A 258 12.69 15.08 -24.88
C SER A 258 12.65 16.52 -24.45
N THR A 259 13.51 17.36 -25.04
CA THR A 259 13.54 18.77 -24.63
C THR A 259 13.00 19.87 -25.53
N GLN A 260 12.90 19.68 -26.84
CA GLN A 260 12.42 20.77 -27.68
C GLN A 260 11.32 20.31 -28.58
N LEU A 261 11.58 19.24 -29.27
CA LEU A 261 10.56 18.76 -30.14
C LEU A 261 9.91 17.67 -29.33
N LEU A 262 8.62 17.56 -29.41
CA LEU A 262 7.91 16.54 -28.69
C LEU A 262 7.75 15.38 -29.61
N LEU A 263 8.20 14.23 -29.17
CA LEU A 263 8.18 13.06 -30.01
C LEU A 263 7.15 12.03 -29.56
N ASN A 264 6.60 11.28 -30.55
CA ASN A 264 5.70 10.12 -30.47
C ASN A 264 4.44 10.34 -29.61
N GLY A 265 3.82 11.54 -29.68
CA GLY A 265 2.59 11.87 -28.96
C GLY A 265 1.38 11.79 -29.86
N SER A 266 0.30 12.36 -29.39
CA SER A 266 -0.94 12.38 -30.12
C SER A 266 -0.98 13.58 -31.05
N LEU A 267 -1.76 13.49 -32.10
CA LEU A 267 -1.95 14.62 -33.01
C LEU A 267 -3.28 15.30 -32.83
N ALA A 268 -3.33 16.56 -33.20
CA ALA A 268 -4.56 17.32 -33.25
C ALA A 268 -5.32 16.79 -34.44
N GLU A 269 -6.64 16.83 -34.46
CA GLU A 269 -7.33 16.26 -35.61
C GLU A 269 -7.72 17.20 -36.74
N GLU A 270 -7.94 18.48 -36.45
CA GLU A 270 -8.38 19.36 -37.53
C GLU A 270 -7.47 20.55 -37.78
N GLU A 271 -6.90 21.11 -36.73
CA GLU A 271 -6.05 22.28 -36.85
C GLU A 271 -4.88 22.17 -35.92
N VAL A 272 -3.82 22.88 -36.22
CA VAL A 272 -2.71 22.95 -35.30
C VAL A 272 -3.20 23.78 -34.12
N ILE A 273 -2.98 23.30 -32.92
CA ILE A 273 -3.49 24.01 -31.75
C ILE A 273 -2.39 24.54 -30.87
N ILE A 274 -2.47 25.83 -30.57
CA ILE A 274 -1.48 26.53 -29.70
C ILE A 274 -2.06 26.64 -28.29
N ARG A 275 -1.46 25.96 -27.31
CA ARG A 275 -2.07 25.92 -25.95
C ARG A 275 -1.09 26.50 -24.92
N SER A 276 -1.46 27.60 -24.26
CA SER A 276 -0.57 28.21 -23.30
C SER A 276 -1.33 28.57 -22.07
N GLU A 277 -0.64 28.78 -20.97
CA GLU A 277 -1.32 29.24 -19.76
C GLU A 277 -1.79 30.70 -19.91
N ASN A 278 -0.92 31.55 -20.50
CA ASN A 278 -1.10 32.98 -20.76
C ASN A 278 -0.30 33.33 -22.02
N ILE A 279 -1.00 33.49 -23.17
CA ILE A 279 -0.38 33.75 -24.48
C ILE A 279 0.36 35.07 -24.57
N THR A 280 0.09 35.99 -23.65
CA THR A 280 0.76 37.28 -23.74
C THR A 280 1.88 37.40 -22.72
N ASN A 281 2.13 36.35 -21.95
CA ASN A 281 3.16 36.39 -20.93
C ASN A 281 4.39 35.66 -21.45
N ASN A 282 5.47 36.37 -21.69
CA ASN A 282 6.66 35.76 -22.30
C ASN A 282 7.42 34.85 -21.33
N ALA A 283 6.93 34.75 -20.11
CA ALA A 283 7.49 33.85 -19.12
C ALA A 283 6.87 32.46 -19.25
N LYS A 284 5.89 32.32 -20.15
CA LYS A 284 5.12 31.06 -20.32
C LYS A 284 5.55 30.36 -21.61
N ASN A 285 5.02 29.15 -21.87
CA ASN A 285 5.45 28.36 -23.06
C ASN A 285 4.27 28.14 -24.01
N ILE A 286 4.51 28.24 -25.31
CA ILE A 286 3.45 28.24 -26.35
C ILE A 286 2.98 26.81 -26.64
N LEU A 287 3.81 25.81 -26.32
CA LEU A 287 3.42 24.37 -26.35
C LEU A 287 2.47 24.10 -27.53
N VAL A 288 2.99 24.31 -28.76
CA VAL A 288 2.34 24.00 -30.08
C VAL A 288 2.00 22.50 -30.14
N GLN A 289 0.81 22.12 -30.67
CA GLN A 289 0.58 20.70 -30.99
C GLN A 289 0.20 20.60 -32.47
N LEU A 290 0.83 19.70 -33.24
CA LEU A 290 0.57 19.64 -34.70
C LEU A 290 -0.60 18.71 -35.03
N ASN A 291 -1.24 18.93 -36.19
CA ASN A 291 -2.34 18.08 -36.68
C ASN A 291 -1.89 17.03 -37.71
N GLU A 292 -0.57 16.90 -37.96
CA GLU A 292 0.06 15.94 -38.85
C GLU A 292 1.42 15.71 -38.26
N SER A 293 1.92 14.50 -38.38
CA SER A 293 3.25 14.22 -37.89
C SER A 293 4.27 14.46 -38.95
N VAL A 294 5.50 14.68 -38.51
CA VAL A 294 6.59 14.74 -39.47
C VAL A 294 7.64 13.78 -38.98
N GLN A 295 8.53 13.32 -39.82
CA GLN A 295 9.50 12.37 -39.29
C GLN A 295 10.90 12.88 -39.25
N ILE A 296 11.60 12.41 -38.21
CA ILE A 296 13.00 12.68 -38.02
C ILE A 296 13.80 11.36 -37.94
N ASN A 297 14.77 11.17 -38.85
CA ASN A 297 15.61 9.98 -39.01
C ASN A 297 16.96 10.18 -38.32
N CYS A 298 17.21 9.49 -37.18
CA CYS A 298 18.41 9.67 -36.35
C CYS A 298 19.31 8.46 -36.39
N THR A 299 20.61 8.75 -36.42
CA THR A 299 21.60 7.71 -36.40
C THR A 299 22.89 8.06 -35.67
N ARG A 300 23.51 7.00 -35.17
CA ARG A 300 24.81 7.01 -34.54
C ARG A 300 25.60 6.04 -35.40
N PRO A 301 26.20 6.48 -36.50
CA PRO A 301 26.77 5.68 -37.57
C PRO A 301 27.98 4.83 -37.22
N ASN A 302 28.65 5.13 -36.13
CA ASN A 302 29.84 4.39 -35.78
C ASN A 302 29.46 3.01 -35.28
N ASN A 303 30.24 1.98 -35.67
CA ASN A 303 30.08 0.59 -35.24
C ASN A 303 30.93 0.33 -34.00
N ASN A 304 30.29 0.35 -32.80
CA ASN A 304 31.00 0.24 -31.51
C ASN A 304 31.00 -1.16 -30.96
N THR A 305 31.97 -1.41 -30.10
CA THR A 305 32.05 -2.67 -29.40
C THR A 305 32.08 -2.34 -27.93
N ARG A 306 31.79 -3.31 -27.10
CA ARG A 306 31.81 -3.03 -25.68
C ARG A 306 32.78 -3.93 -24.95
N LYS A 307 33.60 -3.31 -24.14
CA LYS A 307 34.64 -3.98 -23.38
C LYS A 307 34.19 -4.19 -21.95
N SER A 308 34.01 -5.44 -21.55
CA SER A 308 33.51 -5.73 -20.21
C SER A 308 34.62 -6.03 -19.21
N ILE A 309 34.71 -5.19 -18.18
CA ILE A 309 35.78 -5.24 -17.20
C ILE A 309 35.32 -5.62 -15.79
N ARG A 310 35.92 -6.64 -15.18
CA ARG A 310 35.54 -6.90 -13.78
C ARG A 310 36.16 -5.85 -12.92
N ILE A 311 35.42 -5.28 -11.99
CA ILE A 311 35.99 -4.28 -11.12
C ILE A 311 35.94 -4.69 -9.66
N GLY A 312 35.18 -5.73 -9.36
CA GLY A 312 35.08 -6.17 -7.98
C GLY A 312 34.29 -7.46 -7.86
N PRO A 313 33.96 -7.89 -6.65
CA PRO A 313 33.33 -9.15 -6.34
C PRO A 313 31.88 -9.19 -6.74
N GLY A 314 31.67 -9.38 -8.03
CA GLY A 314 30.34 -9.36 -8.62
C GLY A 314 30.02 -8.06 -9.34
N GLN A 315 31.01 -7.21 -9.53
CA GLN A 315 30.73 -5.96 -10.22
C GLN A 315 31.49 -5.86 -11.51
N TRP A 316 30.78 -5.41 -12.53
CA TRP A 316 31.35 -5.21 -13.86
C TRP A 316 31.10 -3.81 -14.36
N PHE A 317 32.08 -3.29 -15.06
CA PHE A 317 32.04 -2.01 -15.73
C PHE A 317 32.03 -2.17 -17.22
N TYR A 318 31.18 -1.41 -17.90
CA TYR A 318 31.14 -1.49 -19.34
C TYR A 318 31.77 -0.29 -20.01
N ALA A 319 32.85 -0.53 -20.69
CA ALA A 319 33.65 0.49 -21.33
C ALA A 319 33.45 0.52 -22.83
N THR A 320 33.65 1.68 -23.46
CA THR A 320 33.57 1.70 -24.92
C THR A 320 34.86 1.15 -25.49
N GLY A 321 34.78 0.17 -26.37
CA GLY A 321 35.97 -0.43 -26.96
C GLY A 321 36.32 0.27 -28.26
N ASP A 322 37.25 -0.28 -29.02
CA ASP A 322 37.63 0.37 -30.26
C ASP A 322 36.51 0.39 -31.25
N ILE A 323 36.46 1.44 -32.04
CA ILE A 323 35.47 1.60 -33.07
C ILE A 323 35.88 0.90 -34.35
N ILE A 324 34.96 0.15 -34.92
CA ILE A 324 35.16 -0.57 -36.14
C ILE A 324 34.80 0.33 -37.30
N GLY A 325 35.69 0.44 -38.25
CA GLY A 325 35.45 1.30 -39.39
C GLY A 325 35.85 2.69 -39.01
N ASP A 326 35.41 3.67 -39.79
CA ASP A 326 35.83 5.02 -39.51
C ASP A 326 34.91 5.70 -38.50
N ILE A 327 35.25 6.94 -38.18
CA ILE A 327 34.48 7.69 -37.20
C ILE A 327 33.80 8.93 -37.78
N ARG A 328 32.48 8.94 -37.64
CA ARG A 328 31.62 9.99 -38.14
C ARG A 328 30.71 10.49 -37.03
N GLN A 329 30.14 11.68 -37.19
CA GLN A 329 29.25 12.19 -36.14
C GLN A 329 27.83 11.72 -36.24
N ALA A 330 27.17 11.71 -35.11
CA ALA A 330 25.77 11.42 -35.03
C ALA A 330 25.03 12.56 -35.68
N HIS A 331 23.90 12.24 -36.28
CA HIS A 331 23.08 13.25 -36.91
C HIS A 331 21.63 12.79 -37.08
N CYS A 332 20.70 13.77 -37.29
CA CYS A 332 19.28 13.53 -37.56
C CYS A 332 18.80 14.31 -38.79
N ASN A 333 17.96 13.65 -39.60
CA ASN A 333 17.39 14.28 -40.82
C ASN A 333 15.90 14.61 -40.60
N VAL A 334 15.43 15.67 -41.25
CA VAL A 334 14.00 15.96 -41.49
C VAL A 334 13.89 16.42 -42.94
N SER A 335 12.72 16.27 -43.55
CA SER A 335 12.56 16.76 -44.91
C SER A 335 12.38 18.24 -44.89
N LYS A 336 13.05 18.97 -45.78
CA LYS A 336 12.94 20.41 -45.74
C LYS A 336 11.58 20.93 -46.06
N ALA A 337 10.96 20.44 -47.11
CA ALA A 337 9.66 20.97 -47.46
C ALA A 337 8.66 20.65 -46.39
N THR A 338 8.76 19.46 -45.81
CA THR A 338 7.80 19.05 -44.82
C THR A 338 7.92 19.96 -43.63
N TRP A 339 9.15 20.22 -43.21
CA TRP A 339 9.33 21.09 -42.08
C TRP A 339 8.80 22.50 -42.35
N ASN A 340 9.05 23.03 -43.56
CA ASN A 340 8.59 24.40 -43.89
C ASN A 340 7.05 24.45 -43.76
N GLU A 341 6.37 23.47 -44.36
CA GLU A 341 4.92 23.42 -44.36
C GLU A 341 4.34 23.38 -42.96
N THR A 342 4.94 22.61 -42.04
CA THR A 342 4.33 22.60 -40.73
C THR A 342 4.68 23.85 -39.98
N LEU A 343 5.81 24.46 -40.29
CA LEU A 343 6.13 25.68 -39.58
C LEU A 343 5.16 26.75 -40.08
N GLY A 344 4.85 26.76 -41.37
CA GLY A 344 3.92 27.73 -41.90
C GLY A 344 2.54 27.58 -41.25
N LYS A 345 2.12 26.34 -40.97
CA LYS A 345 0.84 26.14 -40.33
C LYS A 345 0.85 26.73 -38.93
N VAL A 346 1.97 26.61 -38.23
CA VAL A 346 2.06 27.17 -36.89
C VAL A 346 1.93 28.65 -36.96
N VAL A 347 2.57 29.29 -37.92
CA VAL A 347 2.48 30.71 -38.03
C VAL A 347 1.06 31.17 -38.24
N LYS A 348 0.31 30.51 -39.14
CA LYS A 348 -1.05 30.97 -39.35
C LYS A 348 -1.86 30.95 -38.08
N GLN A 349 -1.67 29.90 -37.28
CA GLN A 349 -2.42 29.82 -36.04
C GLN A 349 -1.90 30.78 -34.99
N LEU A 350 -0.59 30.99 -34.97
CA LEU A 350 0.02 31.82 -33.96
C LEU A 350 -0.43 33.25 -34.13
N ARG A 351 -0.58 33.67 -35.38
CA ARG A 351 -1.03 35.03 -35.68
C ARG A 351 -2.41 35.32 -35.10
N LYS A 352 -3.22 34.32 -34.81
CA LYS A 352 -4.55 34.61 -34.31
C LYS A 352 -4.52 35.41 -33.02
N HIS A 353 -3.41 35.34 -32.27
CA HIS A 353 -3.29 36.05 -31.02
C HIS A 353 -2.46 37.33 -31.15
N PHE A 354 -1.87 37.57 -32.32
CA PHE A 354 -0.98 38.71 -32.47
C PHE A 354 -1.36 39.69 -33.58
N GLY A 355 -2.10 39.24 -34.58
CA GLY A 355 -2.53 40.07 -35.70
C GLY A 355 -2.13 39.51 -37.07
N ASN A 356 -2.83 39.96 -38.14
CA ASN A 356 -2.60 39.53 -39.53
C ASN A 356 -1.53 40.36 -40.28
N ASN A 357 -0.95 41.39 -39.62
CA ASN A 357 0.07 42.29 -40.15
C ASN A 357 1.17 42.41 -39.14
N THR A 358 1.58 41.26 -38.62
CA THR A 358 2.63 41.23 -37.62
C THR A 358 3.70 40.36 -38.19
N ILE A 359 4.86 40.36 -37.60
CA ILE A 359 5.91 39.50 -38.14
C ILE A 359 6.29 38.44 -37.17
N ILE A 360 6.26 37.21 -37.62
CA ILE A 360 6.66 36.13 -36.76
C ILE A 360 7.98 35.59 -37.18
N ARG A 361 8.94 35.73 -36.30
CA ARG A 361 10.26 35.29 -36.61
C ARG A 361 10.65 34.16 -35.72
N PHE A 362 11.30 33.17 -36.30
CA PHE A 362 11.79 32.06 -35.53
C PHE A 362 13.27 32.19 -35.39
N ALA A 363 13.78 31.81 -34.22
CA ALA A 363 15.22 31.92 -33.90
C ALA A 363 15.74 30.59 -33.36
N ASN A 364 17.06 30.46 -33.16
CA ASN A 364 17.70 29.12 -32.95
C ASN A 364 17.80 28.78 -31.46
N SER A 365 17.47 29.73 -30.60
CA SER A 365 17.33 29.54 -29.12
C SER A 365 18.71 29.59 -28.47
N SER A 366 18.75 29.74 -27.13
CA SER A 366 19.88 30.37 -26.48
C SER A 366 19.78 30.37 -24.97
N GLY A 367 20.92 30.11 -24.32
CA GLY A 367 21.04 30.18 -22.87
C GLY A 367 21.01 28.82 -22.18
N GLY A 368 21.90 28.63 -21.22
CA GLY A 368 21.95 27.37 -20.47
C GLY A 368 22.85 26.32 -21.11
N ASP A 369 22.90 25.15 -20.50
CA ASP A 369 23.75 24.07 -20.97
C ASP A 369 22.96 23.25 -21.97
N LEU A 370 23.50 22.13 -22.42
CA LEU A 370 22.86 21.39 -23.48
C LEU A 370 21.45 20.95 -23.18
N GLU A 371 21.08 20.75 -21.92
CA GLU A 371 19.76 20.23 -21.66
C GLU A 371 18.66 21.18 -22.15
N VAL A 372 18.97 22.46 -22.25
CA VAL A 372 17.99 23.43 -22.68
C VAL A 372 18.36 24.16 -23.95
N THR A 373 19.43 23.73 -24.64
CA THR A 373 19.79 24.44 -25.86
C THR A 373 19.65 23.51 -27.03
N THR A 374 19.74 22.22 -26.75
CA THR A 374 19.64 21.21 -27.78
C THR A 374 18.46 20.33 -27.55
N HIS A 375 18.15 19.55 -28.56
CA HIS A 375 17.08 18.60 -28.52
C HIS A 375 17.56 17.24 -28.08
N SER A 376 17.18 16.86 -26.87
CA SER A 376 17.59 15.61 -26.30
C SER A 376 16.53 14.59 -26.52
N PHE A 377 16.91 13.32 -26.74
CA PHE A 377 15.89 12.27 -26.91
C PHE A 377 16.20 10.80 -26.65
N ASN A 378 17.41 10.44 -26.30
CA ASN A 378 17.72 9.04 -25.97
C ASN A 378 17.38 7.90 -26.98
N CYS A 379 17.68 8.06 -28.29
CA CYS A 379 17.42 7.03 -29.31
C CYS A 379 18.30 5.80 -29.12
N GLY A 380 17.65 4.68 -28.96
CA GLY A 380 18.33 3.42 -28.85
C GLY A 380 18.97 3.23 -27.50
N GLY A 381 18.76 4.14 -26.57
CA GLY A 381 19.40 4.03 -25.29
C GLY A 381 20.65 4.91 -25.15
N GLU A 382 21.09 5.58 -26.23
CA GLU A 382 22.23 6.47 -26.05
C GLU A 382 21.74 7.89 -26.04
N PHE A 383 22.41 8.72 -25.30
CA PHE A 383 21.88 10.05 -25.17
C PHE A 383 22.38 11.07 -26.15
N PHE A 384 21.52 11.33 -27.11
CA PHE A 384 21.73 12.31 -28.17
C PHE A 384 21.31 13.68 -27.72
N TYR A 385 22.11 14.67 -28.07
CA TYR A 385 21.87 16.10 -27.87
C TYR A 385 22.06 16.84 -29.19
N CYS A 386 20.98 17.02 -29.99
CA CYS A 386 21.01 17.53 -31.36
C CYS A 386 20.82 19.03 -31.46
N ASN A 387 21.56 19.61 -32.37
CA ASN A 387 21.53 21.04 -32.65
C ASN A 387 20.42 21.37 -33.66
N THR A 388 19.39 22.10 -33.20
CA THR A 388 18.17 22.45 -33.90
C THR A 388 18.18 23.81 -34.53
N SER A 389 19.33 24.48 -34.60
CA SER A 389 19.30 25.82 -35.17
C SER A 389 18.84 25.82 -36.62
N GLY A 390 19.04 24.72 -37.33
CA GLY A 390 18.64 24.63 -38.72
C GLY A 390 17.14 24.56 -38.91
N LEU A 391 16.40 24.37 -37.84
CA LEU A 391 14.96 24.30 -37.93
C LEU A 391 14.27 25.63 -37.62
N PHE A 392 15.00 26.60 -37.08
CA PHE A 392 14.39 27.85 -36.66
C PHE A 392 15.21 29.03 -37.18
N ASN A 393 15.16 29.23 -38.50
CA ASN A 393 15.96 30.20 -39.25
C ASN A 393 15.12 30.83 -40.36
N SER A 394 13.99 31.46 -40.00
CA SER A 394 13.05 32.07 -40.97
C SER A 394 12.24 33.20 -40.38
N THR A 395 11.80 34.09 -41.27
CA THR A 395 10.92 35.17 -40.89
C THR A 395 9.68 35.08 -41.75
N TRP A 396 8.53 35.06 -41.09
CA TRP A 396 7.28 34.92 -41.77
C TRP A 396 6.43 36.21 -41.82
N ILE A 397 6.11 36.68 -43.04
CA ILE A 397 5.35 37.91 -43.34
C ILE A 397 5.01 37.95 -44.83
N SER A 413 16.59 18.15 -47.85
CA SER A 413 16.68 17.60 -46.51
C SER A 413 17.54 18.52 -45.63
N ILE A 414 17.18 18.59 -44.32
CA ILE A 414 17.87 19.38 -43.29
C ILE A 414 18.58 18.45 -42.34
N THR A 415 19.88 18.61 -42.22
CA THR A 415 20.63 17.74 -41.32
C THR A 415 21.01 18.49 -40.06
N LEU A 416 20.66 17.88 -38.95
CA LEU A 416 20.97 18.40 -37.64
C LEU A 416 22.14 17.59 -37.10
N PRO A 417 23.29 18.19 -36.79
CA PRO A 417 24.42 17.48 -36.25
C PRO A 417 24.03 17.15 -34.84
N CYS A 418 24.53 16.03 -34.27
CA CYS A 418 24.24 15.61 -32.90
C CYS A 418 25.47 15.15 -32.13
N ARG A 419 25.47 15.40 -30.83
CA ARG A 419 26.54 14.90 -29.98
C ARG A 419 26.02 13.87 -28.99
N ILE A 420 26.91 12.97 -28.59
CA ILE A 420 26.54 11.91 -27.66
C ILE A 420 27.22 12.08 -26.33
N LYS A 421 26.46 11.95 -25.26
CA LYS A 421 27.02 12.07 -23.94
C LYS A 421 26.71 10.76 -23.18
N GLN A 422 27.58 10.31 -22.28
CA GLN A 422 27.29 9.08 -21.51
C GLN A 422 26.97 9.34 -20.06
N ILE A 423 27.51 10.40 -19.49
CA ILE A 423 27.22 10.68 -18.09
C ILE A 423 26.09 11.69 -18.02
N ILE A 424 24.93 11.23 -17.60
CA ILE A 424 23.71 11.97 -17.67
C ILE A 424 23.15 12.42 -16.34
N ASN A 425 22.85 13.70 -16.25
CA ASN A 425 22.19 14.21 -15.05
C ASN A 425 20.70 14.31 -15.34
N MET A 426 19.93 13.33 -14.94
CA MET A 426 18.53 13.37 -15.31
C MET A 426 17.69 14.21 -14.38
N TRP A 427 16.66 14.80 -14.99
CA TRP A 427 15.63 15.61 -14.37
C TRP A 427 16.14 16.86 -13.71
N GLN A 428 17.16 17.49 -14.29
CA GLN A 428 17.69 18.74 -13.77
C GLN A 428 18.07 18.69 -12.29
N ARG A 429 18.80 17.66 -11.92
CA ARG A 429 19.25 17.46 -10.57
C ARG A 429 20.74 17.28 -10.62
N ILE A 430 21.44 17.58 -9.53
CA ILE A 430 22.87 17.34 -9.50
C ILE A 430 23.32 16.31 -8.48
N GLY A 431 22.41 15.86 -7.64
CA GLY A 431 22.78 14.93 -6.59
C GLY A 431 23.28 13.58 -7.08
N GLN A 432 22.75 13.08 -8.18
CA GLN A 432 23.14 11.77 -8.68
C GLN A 432 23.35 11.82 -10.17
N ALA A 433 24.28 11.04 -10.68
CA ALA A 433 24.47 10.95 -12.11
C ALA A 433 24.44 9.53 -12.57
N MET A 434 24.03 9.33 -13.80
CA MET A 434 24.01 8.01 -14.39
C MET A 434 24.98 7.82 -15.52
N TYR A 435 25.65 6.68 -15.53
CA TYR A 435 26.49 6.33 -16.64
C TYR A 435 25.74 5.40 -17.55
N ALA A 436 25.65 5.78 -18.80
CA ALA A 436 24.98 4.98 -19.79
C ALA A 436 25.97 4.00 -20.41
N PRO A 437 25.81 2.68 -20.28
CA PRO A 437 26.70 1.70 -20.82
C PRO A 437 26.69 1.91 -22.30
N PRO A 438 27.76 1.63 -23.03
CA PRO A 438 27.84 1.70 -24.46
C PRO A 438 26.92 0.71 -25.11
N ILE A 439 26.40 1.07 -26.27
CA ILE A 439 25.62 0.15 -27.06
C ILE A 439 26.39 -0.25 -28.30
N GLN A 440 26.51 -1.55 -28.50
CA GLN A 440 27.28 -2.14 -29.58
C GLN A 440 26.55 -2.04 -30.90
N GLY A 441 27.30 -2.01 -31.97
CA GLY A 441 26.70 -1.94 -33.29
C GLY A 441 26.42 -0.50 -33.65
N VAL A 442 25.41 -0.31 -34.46
CA VAL A 442 25.03 0.99 -35.02
C VAL A 442 23.60 1.28 -34.62
N ILE A 443 23.34 2.50 -34.18
CA ILE A 443 22.01 2.85 -33.73
C ILE A 443 21.23 3.65 -34.72
N ARG A 444 20.04 3.20 -35.04
CA ARG A 444 19.19 3.95 -35.93
C ARG A 444 17.72 3.88 -35.48
N CYS A 445 16.97 5.01 -35.58
CA CYS A 445 15.53 5.05 -35.33
C CYS A 445 14.89 6.19 -36.13
N VAL A 446 13.60 6.09 -36.33
CA VAL A 446 12.85 7.16 -36.93
C VAL A 446 11.74 7.54 -35.97
N SER A 447 11.69 8.79 -35.59
CA SER A 447 10.68 9.22 -34.65
C SER A 447 9.67 10.16 -35.29
N ASN A 448 8.45 10.23 -34.71
CA ASN A 448 7.37 11.10 -35.11
C ASN A 448 7.39 12.39 -34.30
N ILE A 449 7.57 13.56 -34.94
CA ILE A 449 7.51 14.86 -34.23
C ILE A 449 6.05 15.23 -34.24
N THR A 450 5.49 15.37 -33.06
CA THR A 450 4.08 15.65 -32.88
C THR A 450 3.84 17.02 -32.27
N GLY A 451 4.88 17.66 -31.78
CA GLY A 451 4.68 18.97 -31.19
C GLY A 451 5.97 19.71 -30.89
N LEU A 452 5.81 20.95 -30.44
CA LEU A 452 6.95 21.81 -30.14
C LEU A 452 6.81 22.63 -28.87
N ILE A 453 7.89 22.79 -28.12
CA ILE A 453 7.81 23.75 -27.04
C ILE A 453 8.62 24.97 -27.40
N LEU A 454 7.91 26.06 -27.55
CA LEU A 454 8.46 27.36 -27.92
C LEU A 454 8.12 28.38 -26.88
N THR A 455 8.91 29.44 -26.82
CA THR A 455 8.61 30.55 -25.94
C THR A 455 8.71 31.81 -26.74
N ARG A 456 8.17 32.90 -26.22
CA ARG A 456 8.29 34.16 -26.91
C ARG A 456 9.38 34.94 -26.19
N ASP A 457 10.19 35.70 -26.90
CA ASP A 457 11.22 36.48 -26.20
C ASP A 457 10.63 37.59 -25.37
N GLY A 458 9.58 38.15 -25.89
CA GLY A 458 8.90 39.28 -25.32
C GLY A 458 9.18 40.40 -26.27
N GLY A 459 8.35 41.40 -26.30
CA GLY A 459 8.59 42.48 -27.22
C GLY A 459 9.59 43.44 -26.63
N SER A 460 10.23 44.19 -27.50
CA SER A 460 11.16 45.24 -27.12
C SER A 460 10.92 46.34 -28.12
N THR A 461 10.53 47.53 -27.62
CA THR A 461 10.15 48.74 -28.37
C THR A 461 8.74 48.61 -28.99
N ASN A 462 8.08 47.46 -28.77
CA ASN A 462 6.76 47.15 -29.29
C ASN A 462 6.68 47.27 -30.81
N SER A 463 7.71 46.77 -31.45
CA SER A 463 7.83 46.76 -32.89
C SER A 463 6.95 45.67 -33.47
N THR A 464 6.82 45.68 -34.78
CA THR A 464 6.00 44.74 -35.51
C THR A 464 6.41 43.29 -35.27
N THR A 465 7.70 43.02 -35.22
CA THR A 465 8.22 41.66 -35.10
C THR A 465 8.31 41.13 -33.67
N GLU A 466 7.82 39.90 -33.51
CA GLU A 466 7.97 39.18 -32.27
C GLU A 466 8.70 37.89 -32.58
N THR A 467 9.55 37.44 -31.66
CA THR A 467 10.34 36.24 -31.89
C THR A 467 9.96 35.08 -31.03
N PHE A 468 9.80 33.94 -31.69
CA PHE A 468 9.48 32.68 -31.09
C PHE A 468 10.70 31.79 -31.21
N ARG A 469 11.20 31.42 -30.07
CA ARG A 469 12.44 30.73 -29.99
C ARG A 469 12.17 29.37 -29.34
N PRO A 470 12.81 28.27 -29.73
CA PRO A 470 12.66 26.99 -29.11
C PRO A 470 12.96 27.15 -27.66
N GLY A 471 12.17 26.47 -26.86
CA GLY A 471 12.32 26.55 -25.43
C GLY A 471 12.96 25.32 -24.87
N GLY A 472 12.49 24.98 -23.71
CA GLY A 472 12.99 23.88 -22.93
C GLY A 472 12.35 24.11 -21.60
N GLY A 473 12.56 23.23 -20.67
CA GLY A 473 11.92 23.41 -19.38
C GLY A 473 11.91 22.10 -18.67
N ASP A 474 11.09 21.98 -17.65
CA ASP A 474 11.12 20.73 -16.95
C ASP A 474 10.24 19.76 -17.70
N MET A 475 10.19 18.56 -17.21
CA MET A 475 9.46 17.48 -17.81
C MET A 475 7.96 17.67 -17.80
N ARG A 476 7.49 18.50 -16.89
CA ARG A 476 6.08 18.71 -16.73
C ARG A 476 5.42 19.16 -18.01
N ASP A 477 6.09 19.89 -18.88
CA ASP A 477 5.38 20.28 -20.07
C ASP A 477 5.12 19.12 -21.01
N ASN A 478 5.95 18.10 -21.00
CA ASN A 478 5.68 17.04 -21.94
C ASN A 478 4.45 16.32 -21.45
N TRP A 479 4.33 16.26 -20.15
CA TRP A 479 3.20 15.62 -19.56
C TRP A 479 1.92 16.38 -19.84
N ARG A 480 1.96 17.70 -19.76
CA ARG A 480 0.77 18.48 -20.00
C ARG A 480 0.31 18.26 -21.41
N SER A 481 1.23 18.04 -22.34
CA SER A 481 0.88 17.84 -23.72
C SER A 481 -0.04 16.65 -23.89
N GLU A 482 0.23 15.54 -23.20
CA GLU A 482 -0.68 14.38 -23.32
C GLU A 482 -1.87 14.36 -22.35
N LEU A 483 -1.78 15.03 -21.21
CA LEU A 483 -2.84 14.95 -20.19
C LEU A 483 -3.82 16.10 -20.19
N TYR A 484 -3.80 16.92 -21.21
CA TYR A 484 -4.66 18.08 -21.31
C TYR A 484 -6.13 17.73 -21.36
N LYS A 485 -6.43 16.52 -21.77
CA LYS A 485 -7.79 16.06 -21.90
C LYS A 485 -8.40 15.50 -20.63
N TYR A 486 -7.62 15.28 -19.58
CA TYR A 486 -8.21 14.56 -18.45
C TYR A 486 -8.30 15.30 -17.13
N LYS A 487 -9.36 15.02 -16.40
CA LYS A 487 -9.55 15.57 -15.07
C LYS A 487 -10.02 14.51 -14.07
N VAL A 488 -9.57 14.58 -12.83
CA VAL A 488 -10.02 13.63 -11.81
C VAL A 488 -11.03 14.21 -10.87
N VAL A 489 -12.15 13.51 -10.70
CA VAL A 489 -13.16 14.00 -9.78
C VAL A 489 -13.53 12.94 -8.77
N LYS A 490 -14.01 13.38 -7.61
CA LYS A 490 -14.45 12.51 -6.54
C LYS A 490 -15.95 12.45 -6.48
N ILE A 491 -16.48 11.26 -6.44
CA ILE A 491 -17.91 11.08 -6.41
C ILE A 491 -18.45 11.23 -5.01
N GLU A 492 -19.52 12.00 -4.89
CA GLU A 492 -20.18 12.26 -3.61
C GLU A 492 -21.66 11.88 -3.66
N PRO A 493 -22.02 10.62 -3.42
CA PRO A 493 -23.33 10.05 -3.57
C PRO A 493 -24.42 10.55 -2.64
N LEU A 494 -24.09 11.27 -1.58
CA LEU A 494 -25.16 11.68 -0.68
C LEU A 494 -25.68 13.07 -1.01
N GLY A 495 -27.00 13.25 -0.97
CA GLY A 495 -27.54 14.58 -1.19
C GLY A 495 -28.99 14.71 -0.75
N VAL A 496 -29.47 15.94 -0.73
CA VAL A 496 -30.81 16.28 -0.26
C VAL A 496 -31.61 17.15 -1.21
N ALA A 497 -32.91 16.86 -1.33
CA ALA A 497 -33.82 17.67 -2.14
C ALA A 497 -35.24 17.58 -1.52
N PRO A 498 -36.12 18.58 -1.69
CA PRO A 498 -37.49 18.57 -1.23
C PRO A 498 -38.42 17.65 -2.00
N THR A 499 -39.33 17.03 -1.28
CA THR A 499 -40.41 16.19 -1.80
C THR A 499 -41.65 16.46 -1.00
N ARG A 500 -42.73 15.76 -1.33
CA ARG A 500 -43.97 15.90 -0.55
C ARG A 500 -44.22 14.81 0.54
N CYS A 501 -43.23 13.92 0.83
CA CYS A 501 -43.40 12.80 1.76
C CYS A 501 -42.88 13.09 3.16
N LYS A 502 -43.53 12.50 4.14
CA LYS A 502 -43.07 12.61 5.54
C LYS A 502 -43.36 11.29 6.24
N ARG A 503 -42.67 11.00 7.37
CA ARG A 503 -42.85 9.77 8.15
C ARG A 503 -44.24 9.76 8.82
N ALA B 1 -36.61 11.62 -30.89
CA ALA B 1 -37.45 11.48 -29.70
C ALA B 1 -36.60 11.24 -28.45
N VAL B 2 -36.78 12.08 -27.40
CA VAL B 2 -36.07 12.01 -26.11
C VAL B 2 -37.03 12.06 -24.92
N GLY B 3 -36.56 11.60 -23.75
CA GLY B 3 -37.35 11.69 -22.52
C GLY B 3 -38.22 10.46 -22.30
N ILE B 4 -38.21 9.57 -23.26
CA ILE B 4 -38.99 8.38 -23.21
C ILE B 4 -38.10 7.21 -22.89
N GLY B 5 -38.18 6.72 -21.69
CA GLY B 5 -37.30 5.63 -21.27
C GLY B 5 -36.28 6.15 -20.29
N ALA B 6 -35.86 5.29 -19.39
CA ALA B 6 -34.91 5.66 -18.38
C ALA B 6 -33.63 4.85 -18.43
N VAL B 7 -33.19 4.50 -19.61
CA VAL B 7 -31.96 3.75 -19.71
C VAL B 7 -30.76 4.67 -19.85
N PHE B 8 -29.77 4.41 -19.03
CA PHE B 8 -28.57 5.19 -19.08
C PHE B 8 -27.43 4.28 -19.42
N LEU B 9 -26.47 4.80 -20.14
CA LEU B 9 -25.40 3.97 -20.64
C LEU B 9 -24.21 3.82 -19.73
N GLY B 10 -24.42 3.24 -18.57
CA GLY B 10 -23.29 3.03 -17.66
C GLY B 10 -23.31 3.83 -16.36
N PHE B 11 -22.18 3.78 -15.66
CA PHE B 11 -22.00 4.30 -14.31
C PHE B 11 -22.40 5.74 -14.06
N LEU B 12 -21.96 6.70 -14.84
CA LEU B 12 -22.44 8.06 -14.59
C LEU B 12 -23.35 8.51 -15.71
N GLY B 13 -23.97 7.58 -16.39
CA GLY B 13 -24.80 7.90 -17.55
C GLY B 13 -25.91 8.89 -17.23
N ALA B 14 -26.41 8.90 -16.02
CA ALA B 14 -27.48 9.79 -15.63
C ALA B 14 -27.01 11.16 -15.22
N ALA B 15 -25.72 11.44 -15.29
CA ALA B 15 -25.22 12.71 -14.82
C ALA B 15 -25.87 13.91 -15.49
N GLY B 16 -26.22 13.82 -16.76
CA GLY B 16 -26.83 14.96 -17.43
C GLY B 16 -28.36 14.92 -17.41
N SER B 17 -28.94 13.95 -16.74
CA SER B 17 -30.39 13.84 -16.73
C SER B 17 -30.96 14.71 -15.66
N THR B 18 -32.25 14.89 -15.66
CA THR B 18 -32.85 15.71 -14.64
C THR B 18 -32.89 14.94 -13.34
N MET B 19 -33.13 15.66 -12.26
CA MET B 19 -33.13 15.05 -10.96
C MET B 19 -34.09 13.92 -10.81
N GLY B 20 -35.27 14.06 -11.38
CA GLY B 20 -36.24 12.99 -11.28
C GLY B 20 -35.75 11.73 -11.98
N ALA B 21 -35.33 11.87 -13.22
CA ALA B 21 -34.91 10.72 -14.02
C ALA B 21 -33.75 9.98 -13.40
N ALA B 22 -32.85 10.72 -12.80
CA ALA B 22 -31.65 10.16 -12.22
C ALA B 22 -31.93 9.29 -11.02
N SER B 23 -33.11 9.34 -10.44
CA SER B 23 -33.36 8.52 -9.27
C SER B 23 -33.37 7.04 -9.66
N MET B 24 -33.53 6.78 -10.94
CA MET B 24 -33.59 5.44 -11.47
C MET B 24 -32.25 4.71 -11.38
N THR B 25 -31.16 5.44 -11.17
CA THR B 25 -29.85 4.84 -11.13
C THR B 25 -29.18 4.89 -9.77
N LEU B 26 -29.93 5.16 -8.71
CA LEU B 26 -29.25 5.31 -7.42
C LEU B 26 -28.47 4.06 -7.03
N THR B 27 -28.93 2.88 -7.39
CA THR B 27 -28.18 1.69 -7.05
C THR B 27 -26.82 1.69 -7.73
N VAL B 28 -26.77 2.11 -8.98
CA VAL B 28 -25.56 2.06 -9.77
C VAL B 28 -24.47 2.91 -9.19
N GLN B 29 -24.83 4.08 -8.72
CA GLN B 29 -23.82 4.95 -8.18
C GLN B 29 -23.52 4.67 -6.73
N ALA B 30 -24.18 3.66 -6.15
CA ALA B 30 -23.93 3.34 -4.76
C ALA B 30 -22.97 2.16 -4.68
N ARG B 31 -23.23 1.13 -5.46
CA ARG B 31 -22.44 -0.08 -5.37
C ARG B 31 -20.99 0.12 -5.72
N ASN B 32 -20.78 0.95 -6.71
CA ASN B 32 -19.46 1.20 -7.25
C ASN B 32 -18.41 1.62 -6.25
N LEU B 33 -18.78 2.36 -5.23
CA LEU B 33 -17.76 2.87 -4.34
C LEU B 33 -17.09 1.82 -3.52
N LEU B 34 -17.73 0.69 -3.36
CA LEU B 34 -17.20 -0.35 -2.55
C LEU B 34 -16.84 -1.57 -3.37
N SER B 35 -17.71 -1.95 -4.32
CA SER B 35 -17.44 -3.14 -5.10
C SER B 35 -16.30 -2.91 -6.06
N GLY B 36 -16.06 -1.65 -6.42
CA GLY B 36 -14.97 -1.32 -7.29
C GLY B 36 -13.66 -1.62 -6.60
N ILE B 37 -13.63 -1.45 -5.28
CA ILE B 37 -12.39 -1.67 -4.58
C ILE B 37 -12.06 -3.12 -4.60
N VAL B 38 -13.06 -3.93 -4.31
CA VAL B 38 -12.81 -5.35 -4.24
C VAL B 38 -12.40 -5.89 -5.61
N GLN B 39 -13.06 -5.46 -6.68
CA GLN B 39 -12.67 -5.98 -7.97
C GLN B 39 -11.27 -5.53 -8.36
N GLN B 40 -10.88 -4.29 -8.04
CA GLN B 40 -9.54 -3.87 -8.42
C GLN B 40 -8.51 -4.71 -7.71
N GLN B 41 -8.80 -5.16 -6.48
CA GLN B 41 -7.85 -6.00 -5.79
C GLN B 41 -7.86 -7.42 -6.34
N SER B 42 -9.03 -7.91 -6.73
CA SER B 42 -9.19 -9.24 -7.30
C SER B 42 -8.37 -9.36 -8.57
N ASN B 43 -8.36 -8.29 -9.34
CA ASN B 43 -7.69 -8.23 -10.61
C ASN B 43 -6.18 -8.37 -10.50
N LEU B 44 -5.62 -8.16 -9.33
CA LEU B 44 -4.17 -8.29 -9.18
C LEU B 44 -3.77 -9.74 -9.12
N LEU B 45 -4.75 -10.63 -8.99
CA LEU B 45 -4.48 -12.05 -8.93
C LEU B 45 -4.29 -12.58 -10.34
N ARG B 46 -4.49 -11.70 -11.35
CA ARG B 46 -4.26 -12.08 -12.73
C ARG B 46 -2.76 -12.05 -13.00
N ALA B 47 -1.99 -11.46 -12.07
CA ALA B 47 -0.56 -11.33 -12.24
C ALA B 47 0.19 -11.47 -10.92
N PRO B 48 0.30 -12.66 -10.33
CA PRO B 48 0.99 -12.92 -9.06
C PRO B 48 2.40 -12.34 -9.08
N GLU B 49 3.04 -12.33 -10.26
CA GLU B 49 4.37 -11.78 -10.42
C GLU B 49 4.42 -10.27 -10.11
N CYS B 50 3.33 -9.52 -10.45
CA CYS B 50 3.17 -8.11 -10.24
C CYS B 50 3.03 -7.88 -8.76
N GLN B 51 2.22 -8.69 -8.10
CA GLN B 51 2.05 -8.46 -6.68
C GLN B 51 3.39 -8.62 -5.96
N GLN B 52 4.18 -9.61 -6.36
CA GLN B 52 5.46 -9.82 -5.71
C GLN B 52 6.38 -8.64 -5.95
N HIS B 53 6.35 -8.11 -7.17
CA HIS B 53 7.16 -6.97 -7.50
C HIS B 53 6.77 -5.72 -6.73
N LEU B 54 5.48 -5.45 -6.65
CA LEU B 54 5.01 -4.24 -6.01
C LEU B 54 5.34 -4.18 -4.54
N LEU B 55 5.50 -5.33 -3.89
CA LEU B 55 5.86 -5.30 -2.48
C LEU B 55 7.29 -4.83 -2.26
N LYS B 56 8.07 -4.70 -3.33
CA LYS B 56 9.43 -4.24 -3.26
C LYS B 56 9.49 -2.71 -3.26
N LEU B 57 8.37 -2.04 -3.56
CA LEU B 57 8.34 -0.59 -3.58
C LEU B 57 7.61 -0.10 -2.36
N THR B 58 8.35 0.28 -1.33
CA THR B 58 7.73 0.62 -0.07
C THR B 58 6.79 1.78 -0.19
N VAL B 59 7.20 2.82 -0.89
CA VAL B 59 6.34 3.97 -0.98
C VAL B 59 5.09 3.69 -1.78
N TRP B 60 5.19 2.99 -2.92
CA TRP B 60 3.96 2.74 -3.67
C TRP B 60 3.01 1.91 -2.85
N GLY B 61 3.55 0.94 -2.12
CA GLY B 61 2.75 0.05 -1.31
C GLY B 61 1.99 0.84 -0.26
N ILE B 62 2.70 1.68 0.47
CA ILE B 62 2.04 2.44 1.49
C ILE B 62 1.06 3.41 0.93
N LYS B 63 1.40 4.13 -0.14
CA LYS B 63 0.43 5.08 -0.64
C LYS B 63 -0.87 4.42 -1.11
N GLN B 64 -0.78 3.26 -1.77
CA GLN B 64 -2.01 2.62 -2.21
C GLN B 64 -2.80 2.09 -1.04
N LEU B 65 -2.10 1.64 -0.03
CA LEU B 65 -2.74 1.11 1.14
C LEU B 65 -3.45 2.23 1.85
N GLN B 66 -2.84 3.41 1.91
CA GLN B 66 -3.50 4.53 2.54
C GLN B 66 -4.74 4.91 1.77
N ALA B 67 -4.68 4.86 0.44
CA ALA B 67 -5.85 5.21 -0.35
C ALA B 67 -7.01 4.28 -0.07
N ARG B 68 -6.73 2.98 0.08
CA ARG B 68 -7.81 2.04 0.35
C ARG B 68 -8.41 2.27 1.70
N VAL B 69 -7.56 2.54 2.69
CA VAL B 69 -8.07 2.74 4.01
C VAL B 69 -8.92 3.98 4.06
N LEU B 70 -8.47 5.06 3.42
CA LEU B 70 -9.25 6.26 3.46
C LEU B 70 -10.57 6.08 2.73
N ALA B 71 -10.58 5.37 1.61
CA ALA B 71 -11.85 5.19 0.92
C ALA B 71 -12.85 4.49 1.82
N VAL B 72 -12.39 3.51 2.60
CA VAL B 72 -13.27 2.83 3.52
C VAL B 72 -13.77 3.76 4.58
N GLU B 73 -12.89 4.57 5.13
CA GLU B 73 -13.30 5.47 6.17
C GLU B 73 -14.33 6.46 5.68
N ARG B 74 -14.19 6.98 4.46
CA ARG B 74 -15.21 7.90 4.00
C ARG B 74 -16.53 7.19 3.83
N TYR B 75 -16.50 5.96 3.31
CA TYR B 75 -17.70 5.19 3.13
C TYR B 75 -18.43 5.04 4.44
N LEU B 76 -17.71 4.63 5.47
CA LEU B 76 -18.34 4.42 6.73
C LEU B 76 -18.86 5.70 7.31
N ARG B 77 -18.17 6.81 7.13
CA ARG B 77 -18.68 8.06 7.65
C ARG B 77 -20.07 8.31 7.12
N ASP B 78 -20.25 8.16 5.81
CA ASP B 78 -21.55 8.47 5.24
C ASP B 78 -22.60 7.47 5.72
N GLN B 79 -22.21 6.22 5.89
CA GLN B 79 -23.19 5.27 6.36
C GLN B 79 -23.59 5.59 7.78
N GLN B 80 -22.66 6.08 8.59
CA GLN B 80 -23.02 6.40 9.94
C GLN B 80 -24.03 7.52 9.94
N LEU B 81 -23.87 8.51 9.05
CA LEU B 81 -24.85 9.58 9.04
C LEU B 81 -26.22 9.06 8.69
N LEU B 82 -26.31 8.12 7.77
CA LEU B 82 -27.63 7.62 7.47
C LEU B 82 -28.20 6.95 8.72
N GLY B 83 -27.34 6.31 9.50
CA GLY B 83 -27.78 5.70 10.75
C GLY B 83 -28.32 6.75 11.70
N ILE B 84 -27.58 7.83 11.89
CA ILE B 84 -27.92 8.91 12.80
C ILE B 84 -29.21 9.58 12.43
N TRP B 85 -29.46 9.74 11.16
CA TRP B 85 -30.66 10.39 10.69
C TRP B 85 -31.86 9.46 10.61
N GLY B 86 -31.67 8.17 10.90
CA GLY B 86 -32.74 7.19 10.79
C GLY B 86 -33.07 6.67 9.38
N CYS B 87 -32.11 6.77 8.42
CA CYS B 87 -32.22 6.40 7.01
C CYS B 87 -31.37 5.18 6.67
N SER B 88 -30.82 4.52 7.66
CA SER B 88 -29.95 3.42 7.34
C SER B 88 -30.68 2.35 6.59
N GLY B 89 -30.01 1.81 5.58
CA GLY B 89 -30.56 0.73 4.79
C GLY B 89 -31.40 1.20 3.63
N LYS B 90 -31.57 2.50 3.46
CA LYS B 90 -32.39 2.99 2.37
C LYS B 90 -31.58 3.76 1.36
N LEU B 91 -32.03 3.78 0.11
CA LEU B 91 -31.41 4.65 -0.86
C LEU B 91 -32.25 5.92 -0.91
N ILE B 92 -33.54 5.78 -0.65
CA ILE B 92 -34.46 6.93 -0.60
C ILE B 92 -35.08 6.98 0.79
N CYS B 93 -34.97 8.13 1.51
CA CYS B 93 -35.49 8.30 2.88
C CYS B 93 -36.24 9.61 3.11
N CYS B 94 -37.46 9.48 3.57
CA CYS B 94 -38.31 10.63 3.87
C CYS B 94 -38.08 10.93 5.35
N THR B 95 -37.91 12.20 5.70
CA THR B 95 -37.68 12.56 7.08
C THR B 95 -38.73 13.54 7.55
N ASN B 96 -38.67 13.93 8.81
CA ASN B 96 -39.63 14.90 9.35
C ASN B 96 -39.12 16.32 9.41
N VAL B 97 -38.01 16.60 8.76
CA VAL B 97 -37.55 17.96 8.75
C VAL B 97 -38.25 18.66 7.61
N PRO B 98 -38.97 19.76 7.82
CA PRO B 98 -39.67 20.52 6.81
C PRO B 98 -38.68 21.24 5.98
N TRP B 99 -39.03 21.51 4.76
CA TRP B 99 -38.19 22.28 3.88
C TRP B 99 -38.39 23.77 4.11
N ASN B 100 -37.29 24.51 4.24
CA ASN B 100 -37.23 25.97 4.41
C ASN B 100 -37.05 26.63 3.02
N SER B 101 -37.95 27.57 2.65
CA SER B 101 -37.93 28.30 1.37
C SER B 101 -36.69 29.17 1.26
N THR B 102 -36.06 29.41 2.40
CA THR B 102 -34.82 30.14 2.49
C THR B 102 -33.71 29.35 1.84
N TRP B 103 -33.69 28.04 2.06
CA TRP B 103 -32.61 27.26 1.54
C TRP B 103 -32.71 27.28 0.04
N SER B 104 -33.93 27.11 -0.44
CA SER B 104 -34.17 27.19 -1.87
C SER B 104 -35.63 27.38 -2.19
N ASN B 105 -35.91 28.45 -2.92
CA ASN B 105 -37.27 28.79 -3.29
C ASN B 105 -37.64 28.39 -4.70
N ARG B 106 -37.96 27.11 -4.92
CA ARG B 106 -38.36 26.63 -6.22
C ARG B 106 -39.57 25.70 -6.09
N ASN B 107 -40.35 25.61 -7.16
CA ASN B 107 -41.48 24.65 -7.26
C ASN B 107 -40.91 23.23 -7.35
N LEU B 108 -41.70 22.22 -6.94
CA LEU B 108 -41.25 20.83 -7.10
C LEU B 108 -41.17 20.40 -8.53
N SER B 109 -42.06 20.92 -9.37
CA SER B 109 -41.98 20.54 -10.76
C SER B 109 -40.77 21.20 -11.40
N GLU B 110 -40.35 22.34 -10.90
CA GLU B 110 -39.20 22.99 -11.47
C GLU B 110 -37.96 22.21 -11.08
N ILE B 111 -37.94 21.75 -9.85
CA ILE B 111 -36.77 21.04 -9.40
C ILE B 111 -36.63 19.70 -10.03
N TRP B 112 -37.66 18.91 -9.96
CA TRP B 112 -37.50 17.57 -10.44
C TRP B 112 -37.46 17.44 -11.96
N ASP B 113 -38.08 18.38 -12.70
CA ASP B 113 -38.05 18.30 -14.15
C ASP B 113 -36.99 19.16 -14.85
N ASN B 114 -36.57 20.31 -14.29
CA ASN B 114 -35.58 21.12 -15.01
C ASN B 114 -34.17 21.15 -14.43
N MET B 115 -33.97 20.70 -13.20
CA MET B 115 -32.65 20.77 -12.61
C MET B 115 -31.97 19.45 -12.75
N THR B 116 -30.65 19.45 -12.89
CA THR B 116 -29.90 18.21 -12.87
C THR B 116 -29.26 18.13 -11.49
N TRP B 117 -28.75 16.99 -11.08
CA TRP B 117 -28.18 16.93 -9.73
C TRP B 117 -26.92 17.76 -9.58
N LEU B 118 -26.20 17.97 -10.67
CA LEU B 118 -24.97 18.75 -10.65
C LEU B 118 -25.23 20.23 -10.52
N GLN B 119 -26.48 20.65 -10.68
CA GLN B 119 -26.83 22.04 -10.53
C GLN B 119 -27.44 22.21 -9.16
N TRP B 120 -28.21 21.22 -8.77
CA TRP B 120 -28.90 21.28 -7.53
C TRP B 120 -27.96 21.39 -6.39
N ASP B 121 -26.85 20.63 -6.42
CA ASP B 121 -26.01 20.68 -5.26
C ASP B 121 -25.13 21.91 -5.23
N LYS B 122 -25.29 22.83 -6.17
CA LYS B 122 -24.55 24.05 -6.08
C LYS B 122 -25.49 25.06 -5.46
N GLU B 123 -26.74 25.05 -5.88
CA GLU B 123 -27.70 26.02 -5.36
C GLU B 123 -28.00 25.84 -3.90
N ILE B 124 -27.97 24.61 -3.44
CA ILE B 124 -28.29 24.29 -2.06
C ILE B 124 -27.01 24.09 -1.25
N SER B 125 -25.86 24.35 -1.84
CA SER B 125 -24.59 24.06 -1.17
C SER B 125 -24.41 24.72 0.21
N ASN B 126 -24.83 25.99 0.36
CA ASN B 126 -24.66 26.79 1.58
C ASN B 126 -25.48 26.29 2.77
N TYR B 127 -26.47 25.37 2.56
CA TYR B 127 -27.37 24.88 3.59
C TYR B 127 -27.08 23.45 3.96
N THR B 128 -26.00 22.89 3.44
CA THR B 128 -25.75 21.47 3.70
C THR B 128 -25.59 21.17 5.18
N GLN B 129 -24.83 21.98 5.88
CA GLN B 129 -24.58 21.66 7.27
C GLN B 129 -25.80 21.93 8.12
N ILE B 130 -26.60 22.90 7.71
CA ILE B 130 -27.78 23.23 8.46
C ILE B 130 -28.73 22.06 8.42
N ILE B 131 -28.92 21.54 7.23
CA ILE B 131 -29.85 20.45 7.05
C ILE B 131 -29.39 19.24 7.80
N TYR B 132 -28.12 18.92 7.72
CA TYR B 132 -27.67 17.73 8.43
C TYR B 132 -27.91 17.88 9.91
N GLY B 133 -27.67 19.06 10.47
CA GLY B 133 -27.90 19.24 11.88
C GLY B 133 -29.36 19.01 12.24
N LEU B 134 -30.26 19.52 11.41
CA LEU B 134 -31.67 19.34 11.69
C LEU B 134 -32.08 17.89 11.63
N LEU B 135 -31.52 17.14 10.71
CA LEU B 135 -31.89 15.74 10.60
C LEU B 135 -31.50 15.00 11.86
N GLU B 136 -30.33 15.31 12.40
CA GLU B 136 -29.90 14.66 13.62
C GLU B 136 -30.82 14.96 14.79
N GLU B 137 -31.23 16.23 14.91
CA GLU B 137 -32.09 16.60 16.02
C GLU B 137 -33.40 15.86 15.96
N SER B 138 -33.94 15.71 14.77
CA SER B 138 -35.20 15.02 14.60
C SER B 138 -35.11 13.58 15.04
N GLN B 139 -34.04 12.90 14.63
CA GLN B 139 -33.95 11.50 15.01
C GLN B 139 -33.78 11.34 16.51
N ASN B 140 -33.07 12.26 17.16
CA ASN B 140 -32.88 12.12 18.60
C ASN B 140 -34.21 12.16 19.32
N GLN B 141 -35.11 13.03 18.86
CA GLN B 141 -36.41 13.12 19.49
C GLN B 141 -37.23 11.88 19.27
N GLN B 142 -37.14 11.32 18.07
CA GLN B 142 -37.95 10.15 17.79
C GLN B 142 -37.56 8.95 18.62
N GLU B 143 -36.26 8.75 18.84
CA GLU B 143 -35.90 7.55 19.61
C GLU B 143 -36.33 7.65 21.05
N LYS B 144 -36.23 8.83 21.67
CA LYS B 144 -36.66 8.84 23.06
C LYS B 144 -38.18 8.68 23.16
N ASN B 145 -38.91 9.14 22.14
CA ASN B 145 -40.35 9.01 22.21
C ASN B 145 -40.76 7.55 22.11
N GLU B 146 -40.05 6.78 21.29
CA GLU B 146 -40.38 5.37 21.16
C GLU B 146 -40.13 4.63 22.46
N GLN B 147 -39.05 4.98 23.16
CA GLN B 147 -38.77 4.28 24.40
C GLN B 147 -39.89 4.51 25.41
N ASP B 148 -40.43 5.73 25.46
CA ASP B 148 -41.52 5.98 26.40
C ASP B 148 -42.77 5.18 26.04
N LEU B 149 -43.06 5.00 24.75
CA LEU B 149 -44.26 4.22 24.41
C LEU B 149 -44.11 2.76 24.80
N LEU B 150 -42.91 2.22 24.64
CA LEU B 150 -42.70 0.83 25.02
C LEU B 150 -42.87 0.68 26.51
N ALA B 151 -42.42 1.69 27.26
CA ALA B 151 -42.55 1.67 28.70
C ALA B 151 -44.00 1.71 29.16
N LEU B 152 -44.83 2.50 28.49
CA LEU B 152 -46.25 2.58 28.85
C LEU B 152 -47.02 1.27 28.61
N GLU C 34 -46.18 -24.53 -7.85
CA GLU C 34 -45.23 -24.03 -6.84
C GLU C 34 -45.58 -22.61 -6.44
N ASN C 35 -45.32 -22.27 -5.19
CA ASN C 35 -45.54 -20.93 -4.69
C ASN C 35 -44.40 -20.53 -3.78
N LEU C 36 -43.19 -20.54 -4.31
CA LEU C 36 -41.98 -20.29 -3.52
C LEU C 36 -41.31 -18.99 -3.87
N TRP C 37 -40.57 -18.44 -2.91
CA TRP C 37 -39.83 -17.20 -3.04
C TRP C 37 -38.41 -17.31 -2.58
N VAL C 38 -37.59 -16.42 -3.08
CA VAL C 38 -36.21 -16.37 -2.70
C VAL C 38 -36.07 -15.88 -1.25
N THR C 39 -35.29 -16.59 -0.46
CA THR C 39 -34.97 -16.18 0.90
C THR C 39 -33.46 -16.07 0.97
N VAL C 40 -33.00 -14.98 1.55
CA VAL C 40 -31.58 -14.72 1.65
C VAL C 40 -31.08 -15.05 3.04
N TYR C 41 -29.99 -15.82 3.09
CA TYR C 41 -29.38 -16.21 4.36
C TYR C 41 -27.94 -15.77 4.48
N TYR C 42 -27.58 -15.21 5.62
CA TYR C 42 -26.21 -14.79 5.85
C TYR C 42 -25.61 -15.57 6.98
N GLY C 43 -24.45 -16.16 6.75
CA GLY C 43 -23.80 -16.99 7.75
C GLY C 43 -23.86 -18.45 7.34
N VAL C 44 -24.03 -18.67 6.06
CA VAL C 44 -24.11 -19.99 5.50
C VAL C 44 -22.74 -20.67 5.53
N PRO C 45 -22.60 -21.91 6.05
CA PRO C 45 -21.34 -22.63 6.19
C PRO C 45 -20.82 -23.21 4.89
N VAL C 46 -20.45 -22.32 3.99
CA VAL C 46 -19.92 -22.62 2.67
C VAL C 46 -18.58 -21.98 2.42
N TRP C 47 -17.70 -22.72 1.78
CA TRP C 47 -16.38 -22.23 1.47
C TRP C 47 -15.92 -22.58 0.07
N LYS C 48 -14.92 -21.85 -0.38
CA LYS C 48 -14.31 -22.04 -1.69
C LYS C 48 -12.80 -22.06 -1.61
N ASP C 49 -12.16 -22.71 -2.55
CA ASP C 49 -10.70 -22.73 -2.55
C ASP C 49 -10.18 -21.31 -2.65
N ALA C 50 -9.14 -20.97 -1.88
CA ALA C 50 -8.66 -19.61 -1.94
C ALA C 50 -7.19 -19.45 -1.61
N GLU C 51 -6.61 -18.35 -2.08
CA GLU C 51 -5.22 -18.07 -1.79
C GLU C 51 -5.07 -16.79 -1.00
N THR C 52 -4.54 -16.92 0.20
CA THR C 52 -4.36 -15.77 1.05
C THR C 52 -3.02 -15.81 1.71
N THR C 53 -2.76 -14.81 2.51
CA THR C 53 -1.52 -14.72 3.25
C THR C 53 -1.74 -15.28 4.63
N LEU C 54 -0.94 -16.26 5.00
CA LEU C 54 -1.07 -16.84 6.31
C LEU C 54 -0.07 -16.21 7.22
N PHE C 55 -0.33 -16.18 8.51
CA PHE C 55 0.67 -15.58 9.37
C PHE C 55 1.34 -16.66 10.19
N CYS C 56 2.57 -16.36 10.65
CA CYS C 56 3.41 -17.24 11.45
C CYS C 56 3.19 -16.98 12.93
N ALA C 57 3.01 -18.05 13.68
CA ALA C 57 2.93 -17.96 15.13
C ALA C 57 3.63 -19.14 15.79
N SER C 58 4.63 -18.88 16.65
CA SER C 58 5.34 -19.98 17.34
C SER C 58 4.83 -20.10 18.76
N ASP C 59 5.18 -21.14 19.50
CA ASP C 59 4.64 -21.19 20.84
C ASP C 59 5.28 -20.08 21.65
N ALA C 60 4.61 -19.60 22.67
CA ALA C 60 5.14 -18.49 23.44
C ALA C 60 6.14 -18.92 24.47
N LYS C 61 5.92 -20.05 25.12
CA LYS C 61 6.84 -20.44 26.18
C LYS C 61 8.20 -20.77 25.58
N ALA C 62 8.17 -21.23 24.33
CA ALA C 62 9.32 -21.64 23.54
C ALA C 62 10.24 -20.48 23.27
N TYR C 63 9.73 -19.27 23.40
CA TYR C 63 10.49 -18.08 23.18
C TYR C 63 11.60 -18.02 24.19
N GLU C 64 11.31 -18.36 25.45
CA GLU C 64 12.31 -18.24 26.51
C GLU C 64 12.95 -16.86 26.44
N THR C 65 14.25 -16.83 26.20
CA THR C 65 15.04 -15.61 26.09
C THR C 65 15.70 -15.55 24.72
N LYS C 66 15.20 -16.35 23.79
CA LYS C 66 15.80 -16.52 22.46
C LYS C 66 15.47 -15.43 21.47
N LYS C 67 15.85 -14.20 21.81
CA LYS C 67 15.59 -13.06 20.93
C LYS C 67 16.54 -13.06 19.73
N HIS C 68 17.60 -13.83 19.87
CA HIS C 68 18.61 -14.03 18.88
C HIS C 68 18.33 -15.23 17.95
N ASN C 69 17.27 -16.00 18.20
CA ASN C 69 16.97 -17.12 17.32
C ASN C 69 16.07 -16.61 16.23
N VAL C 70 16.49 -16.74 15.00
CA VAL C 70 15.74 -16.18 13.89
C VAL C 70 14.29 -16.61 13.84
N TRP C 71 13.98 -17.83 14.27
CA TRP C 71 12.61 -18.27 14.19
C TRP C 71 11.76 -17.77 15.33
N ALA C 72 12.35 -17.46 16.48
CA ALA C 72 11.55 -17.05 17.62
C ALA C 72 11.33 -15.56 17.66
N THR C 73 12.30 -14.83 17.13
CA THR C 73 12.30 -13.38 17.19
C THR C 73 11.38 -12.76 16.15
N HIS C 74 11.19 -13.44 15.03
CA HIS C 74 10.34 -12.93 13.96
C HIS C 74 8.95 -13.58 13.85
N CYS C 75 8.54 -14.37 14.84
CA CYS C 75 7.28 -15.11 14.88
C CYS C 75 6.89 -15.28 16.35
N CYS C 76 6.84 -14.18 17.11
CA CYS C 76 6.58 -14.37 18.55
C CYS C 76 5.09 -14.41 18.81
N VAL C 77 4.29 -14.18 17.78
CA VAL C 77 2.87 -14.12 17.98
C VAL C 77 2.50 -15.40 18.64
N PRO C 78 1.95 -15.40 19.85
CA PRO C 78 1.59 -16.58 20.57
C PRO C 78 0.55 -17.37 19.85
N THR C 79 0.65 -18.67 19.96
CA THR C 79 -0.32 -19.58 19.43
C THR C 79 -1.35 -19.81 20.48
N ASP C 80 -2.46 -20.40 20.08
CA ASP C 80 -3.49 -20.78 21.01
C ASP C 80 -2.95 -21.99 21.78
N PRO C 81 -2.82 -21.95 23.12
CA PRO C 81 -2.31 -23.04 23.94
C PRO C 81 -3.13 -24.31 23.75
N ASN C 82 -4.36 -24.16 23.27
CA ASN C 82 -5.25 -25.27 23.04
C ASN C 82 -5.89 -25.14 21.66
N PRO C 83 -5.18 -25.51 20.58
CA PRO C 83 -5.65 -25.41 19.21
C PRO C 83 -6.91 -26.23 19.15
N GLN C 84 -7.88 -25.82 18.37
CA GLN C 84 -9.09 -26.62 18.32
C GLN C 84 -9.22 -27.34 17.04
N GLU C 85 -9.95 -28.43 17.08
CA GLU C 85 -10.23 -29.17 15.89
C GLU C 85 -11.71 -29.44 15.81
N ILE C 86 -12.33 -29.08 14.71
CA ILE C 86 -13.73 -29.37 14.56
C ILE C 86 -13.92 -30.39 13.49
N HIS C 87 -14.30 -31.60 13.86
CA HIS C 87 -14.43 -32.62 12.84
C HIS C 87 -15.67 -32.37 12.04
N LEU C 88 -15.60 -32.52 10.73
CA LEU C 88 -16.77 -32.31 9.93
C LEU C 88 -17.38 -33.61 9.48
N GLU C 89 -18.56 -33.91 9.96
CA GLU C 89 -19.14 -35.17 9.57
C GLU C 89 -19.67 -35.00 8.17
N ASN C 90 -19.63 -36.06 7.33
CA ASN C 90 -20.17 -36.12 5.95
C ASN C 90 -19.62 -35.02 5.01
N VAL C 91 -18.32 -34.67 5.11
CA VAL C 91 -17.65 -33.68 4.24
C VAL C 91 -16.50 -34.33 3.53
N THR C 92 -16.48 -34.24 2.21
CA THR C 92 -15.43 -34.90 1.44
C THR C 92 -14.78 -33.98 0.44
N GLU C 93 -13.79 -33.23 0.89
CA GLU C 93 -13.13 -32.23 0.07
C GLU C 93 -11.94 -32.80 -0.67
N GLU C 94 -11.63 -32.19 -1.82
CA GLU C 94 -10.49 -32.56 -2.65
C GLU C 94 -9.24 -31.78 -2.31
N PHE C 95 -8.17 -32.51 -2.04
CA PHE C 95 -6.89 -31.91 -1.70
C PHE C 95 -5.85 -32.18 -2.78
N ASN C 96 -4.99 -31.19 -3.05
CA ASN C 96 -3.93 -31.40 -4.03
C ASN C 96 -2.64 -30.75 -3.57
N MET C 97 -1.78 -31.55 -2.99
CA MET C 97 -0.55 -31.10 -2.38
C MET C 97 0.46 -30.57 -3.37
N TRP C 98 0.30 -30.90 -4.64
CA TRP C 98 1.31 -30.50 -5.60
C TRP C 98 1.03 -29.14 -6.16
N LYS C 99 -0.13 -28.61 -5.87
CA LYS C 99 -0.57 -27.35 -6.39
C LYS C 99 -1.11 -26.50 -5.28
N ASN C 100 -0.50 -26.62 -4.12
CA ASN C 100 -0.98 -25.89 -2.97
C ASN C 100 -0.44 -24.48 -3.01
N ASN C 101 -0.82 -23.67 -2.04
CA ASN C 101 -0.33 -22.31 -1.94
C ASN C 101 0.46 -22.16 -0.67
N MET C 102 0.20 -23.04 0.28
CA MET C 102 0.84 -22.92 1.58
C MET C 102 2.32 -23.19 1.44
N VAL C 103 2.65 -24.05 0.50
CA VAL C 103 4.02 -24.45 0.26
C VAL C 103 4.79 -23.30 -0.32
N GLU C 104 4.20 -22.61 -1.28
CA GLU C 104 4.91 -21.53 -1.89
C GLU C 104 5.09 -20.42 -0.90
N GLN C 105 4.09 -20.16 -0.04
CA GLN C 105 4.31 -19.11 0.90
C GLN C 105 5.42 -19.48 1.87
N MET C 106 5.45 -20.73 2.35
CA MET C 106 6.49 -21.04 3.31
C MET C 106 7.85 -20.82 2.69
N HIS C 107 8.01 -21.20 1.43
CA HIS C 107 9.28 -21.01 0.73
C HIS C 107 9.63 -19.53 0.65
N THR C 108 8.69 -18.71 0.24
CA THR C 108 8.97 -17.30 0.13
C THR C 108 9.32 -16.67 1.48
N ASP C 109 8.58 -17.02 2.54
CA ASP C 109 8.82 -16.40 3.82
C ASP C 109 10.12 -16.84 4.43
N ILE C 110 10.50 -18.10 4.25
CA ILE C 110 11.73 -18.54 4.87
C ILE C 110 12.91 -17.87 4.21
N ILE C 111 12.85 -17.64 2.91
CA ILE C 111 13.96 -16.96 2.31
C ILE C 111 14.03 -15.55 2.81
N SER C 112 12.90 -14.87 2.89
CA SER C 112 12.93 -13.50 3.35
C SER C 112 13.50 -13.39 4.76
N LEU C 113 13.10 -14.27 5.66
CA LEU C 113 13.61 -14.18 7.03
C LEU C 113 15.08 -14.42 7.07
N TRP C 114 15.56 -15.31 6.22
CA TRP C 114 16.97 -15.57 6.19
C TRP C 114 17.72 -14.29 5.79
N ASP C 115 17.27 -13.66 4.71
CA ASP C 115 17.94 -12.47 4.21
C ASP C 115 17.91 -11.32 5.18
N GLN C 116 16.86 -11.23 5.98
CA GLN C 116 16.78 -10.14 6.93
C GLN C 116 17.55 -10.43 8.19
N SER C 117 18.08 -11.61 8.34
CA SER C 117 18.82 -11.94 9.54
C SER C 117 20.26 -11.60 9.30
N LEU C 118 20.67 -11.73 8.05
CA LEU C 118 22.05 -11.50 7.66
C LEU C 118 22.28 -10.08 7.24
N LYS C 119 21.25 -9.30 7.19
CA LYS C 119 21.39 -7.95 6.70
C LYS C 119 22.27 -7.08 7.61
N PRO C 120 21.96 -6.88 8.90
CA PRO C 120 22.72 -6.05 9.81
C PRO C 120 23.93 -6.78 10.36
N CYS C 121 24.88 -7.21 9.51
CA CYS C 121 26.06 -7.99 9.87
C CYS C 121 27.29 -7.50 9.12
N VAL C 122 28.43 -8.01 9.53
CA VAL C 122 29.71 -7.64 8.98
C VAL C 122 29.93 -8.15 7.59
N LYS C 123 30.32 -7.26 6.70
CA LYS C 123 30.62 -7.64 5.34
C LYS C 123 32.04 -8.12 5.36
N LEU C 124 32.36 -9.13 4.59
CA LEU C 124 33.73 -9.59 4.57
C LEU C 124 34.45 -9.22 3.30
N THR C 125 33.98 -8.18 2.63
CA THR C 125 34.63 -7.72 1.43
C THR C 125 36.16 -7.60 1.63
N PRO C 126 36.68 -7.04 2.75
CA PRO C 126 38.09 -6.88 3.04
C PRO C 126 38.88 -8.18 3.07
N LEU C 127 38.23 -9.33 3.11
CA LEU C 127 39.01 -10.59 3.10
C LEU C 127 39.32 -11.11 1.71
N CYS C 128 38.80 -10.48 0.63
CA CYS C 128 39.01 -10.97 -0.72
C CYS C 128 40.36 -10.44 -1.22
N VAL C 129 41.39 -11.08 -0.69
CA VAL C 129 42.80 -10.77 -0.87
C VAL C 129 43.53 -11.99 -1.30
N THR C 130 44.77 -11.82 -1.72
CA THR C 130 45.55 -12.99 -2.04
C THR C 130 45.96 -13.65 -0.74
N LEU C 131 45.78 -14.95 -0.65
CA LEU C 131 46.15 -15.68 0.53
C LEU C 131 47.43 -16.43 0.24
N GLN C 132 48.30 -16.56 1.23
CA GLN C 132 49.51 -17.37 1.09
C GLN C 132 49.27 -18.65 1.88
N CYS C 133 49.00 -19.80 1.20
CA CYS C 133 48.56 -21.01 1.87
C CYS C 133 49.52 -22.18 1.73
N THR C 134 49.60 -22.94 2.81
CA THR C 134 50.31 -24.21 2.89
C THR C 134 49.33 -25.23 3.49
N ASN C 135 49.65 -26.54 3.41
CA ASN C 135 48.84 -27.63 3.96
C ASN C 135 48.98 -27.70 5.49
N VAL C 136 47.89 -28.12 6.19
CA VAL C 136 47.95 -28.41 7.63
C VAL C 136 48.37 -29.85 7.72
N THR C 137 49.55 -30.10 8.26
CA THR C 137 50.13 -31.43 8.30
C THR C 137 50.35 -31.97 9.69
N ASN C 138 49.83 -31.29 10.69
CA ASN C 138 50.06 -31.71 12.06
C ASN C 138 49.05 -32.70 12.60
N ASN C 139 49.51 -33.94 12.84
CA ASN C 139 48.64 -35.00 13.36
C ASN C 139 47.38 -35.21 12.54
N ILE C 140 47.56 -35.38 11.24
CA ILE C 140 46.44 -35.55 10.33
C ILE C 140 46.26 -37.00 10.00
N THR C 141 45.05 -37.51 10.13
CA THR C 141 44.85 -38.90 9.76
C THR C 141 44.80 -38.94 8.24
N ASP C 142 44.91 -40.11 7.63
CA ASP C 142 44.89 -40.14 6.16
C ASP C 142 43.61 -39.56 5.58
N ASP C 143 42.52 -39.72 6.31
CA ASP C 143 41.22 -39.28 5.88
C ASP C 143 41.14 -37.80 5.52
N MET C 144 41.92 -36.94 6.18
CA MET C 144 41.87 -35.53 5.86
C MET C 144 43.15 -35.00 5.32
N ARG C 145 43.96 -35.84 4.73
CA ARG C 145 45.20 -35.28 4.28
C ARG C 145 44.94 -34.44 3.06
N GLY C 146 45.28 -33.15 3.16
CA GLY C 146 45.04 -32.20 2.08
C GLY C 146 43.68 -31.50 2.15
N GLU C 147 42.84 -31.85 3.13
CA GLU C 147 41.51 -31.25 3.24
C GLU C 147 41.49 -29.89 3.88
N LEU C 148 42.44 -29.62 4.76
CA LEU C 148 42.45 -28.39 5.51
C LEU C 148 43.72 -27.61 5.19
N LYS C 149 43.58 -26.30 4.93
CA LYS C 149 44.73 -25.46 4.60
C LYS C 149 44.95 -24.32 5.60
N ASN C 150 46.23 -23.94 5.80
CA ASN C 150 46.70 -22.86 6.66
C ASN C 150 47.09 -21.63 5.83
N CYS C 151 46.29 -20.55 5.89
CA CYS C 151 46.46 -19.37 5.04
C CYS C 151 46.75 -18.09 5.82
N SER C 152 47.78 -17.37 5.39
CA SER C 152 48.10 -16.09 6.00
C SER C 152 47.85 -15.00 5.00
N PHE C 153 47.49 -13.83 5.49
CA PHE C 153 47.21 -12.73 4.59
C PHE C 153 47.32 -11.34 5.21
N ASN C 154 47.43 -10.30 4.36
CA ASN C 154 47.43 -8.88 4.72
C ASN C 154 46.00 -8.35 4.74
N MET C 155 45.50 -7.98 5.94
CA MET C 155 44.13 -7.51 6.17
C MET C 155 44.13 -6.14 6.81
N THR C 156 43.04 -5.42 6.63
CA THR C 156 42.88 -4.09 7.18
C THR C 156 42.70 -4.17 8.66
N THR C 157 42.79 -3.02 9.30
CA THR C 157 42.59 -2.93 10.71
C THR C 157 41.76 -1.70 11.02
N GLU C 158 41.69 -1.34 12.29
CA GLU C 158 40.85 -0.24 12.72
C GLU C 158 41.25 1.13 12.17
N LEU C 159 42.52 1.34 11.85
CA LEU C 159 42.93 2.61 11.25
C LEU C 159 43.23 2.35 9.79
N ARG C 160 42.95 3.31 8.93
CA ARG C 160 43.18 3.14 7.49
C ARG C 160 44.65 3.11 7.09
N ASP C 161 45.50 3.58 7.96
CA ASP C 161 46.93 3.65 7.70
C ASP C 161 47.68 2.43 8.16
N LYS C 162 46.99 1.46 8.73
CA LYS C 162 47.69 0.31 9.23
C LYS C 162 47.20 -0.96 8.61
N LYS C 163 48.07 -1.95 8.59
CA LYS C 163 47.73 -3.27 8.11
C LYS C 163 48.21 -4.28 9.12
N GLN C 164 47.57 -5.43 9.14
CA GLN C 164 47.99 -6.49 10.03
C GLN C 164 48.12 -7.79 9.29
N LYS C 165 49.05 -8.62 9.74
CA LYS C 165 49.18 -9.93 9.15
C LYS C 165 48.52 -10.93 10.05
N VAL C 166 47.57 -11.66 9.49
CA VAL C 166 46.81 -12.62 10.26
C VAL C 166 46.78 -13.93 9.56
N TYR C 167 46.38 -14.97 10.26
CA TYR C 167 46.19 -16.23 9.58
C TYR C 167 45.00 -16.97 10.15
N SER C 168 44.48 -17.85 9.32
CA SER C 168 43.36 -18.70 9.69
C SER C 168 43.33 -19.98 8.91
N LEU C 169 42.54 -20.92 9.39
CA LEU C 169 42.40 -22.15 8.65
C LEU C 169 41.15 -22.17 7.82
N PHE C 170 41.24 -22.75 6.65
CA PHE C 170 40.14 -22.89 5.73
C PHE C 170 39.98 -24.29 5.22
N TYR C 171 38.76 -24.67 4.90
CA TYR C 171 38.53 -25.96 4.28
C TYR C 171 38.84 -25.79 2.82
N ARG C 172 39.30 -26.84 2.16
CA ARG C 172 39.66 -26.71 0.75
C ARG C 172 38.54 -26.36 -0.20
N LEU C 173 37.27 -26.41 0.21
CA LEU C 173 36.24 -26.04 -0.74
C LEU C 173 35.92 -24.55 -0.72
N ASP C 174 36.50 -23.83 0.23
CA ASP C 174 36.25 -22.41 0.36
C ASP C 174 37.33 -21.61 -0.34
N VAL C 175 38.40 -22.29 -0.70
CA VAL C 175 39.59 -21.67 -1.24
C VAL C 175 39.99 -22.22 -2.60
N VAL C 176 40.18 -21.35 -3.56
CA VAL C 176 40.54 -21.74 -4.92
C VAL C 176 41.89 -21.20 -5.35
N GLN C 177 42.68 -22.04 -6.01
CA GLN C 177 44.04 -21.68 -6.44
C GLN C 177 44.09 -20.66 -7.54
N ILE C 178 45.03 -19.74 -7.42
CA ILE C 178 45.25 -18.75 -8.47
C ILE C 178 46.41 -19.24 -9.32
N ASN C 179 46.18 -19.50 -10.63
CA ASN C 179 47.17 -20.03 -11.60
C ASN C 179 47.98 -21.21 -11.04
N ASN C 190 52.79 -21.00 -6.78
CA ASN C 190 51.49 -21.68 -6.79
C ASN C 190 50.83 -21.81 -5.38
N LYS C 191 51.31 -21.04 -4.37
CA LYS C 191 50.81 -21.00 -2.98
C LYS C 191 49.74 -19.95 -2.85
N GLU C 192 49.48 -19.23 -3.92
CA GLU C 192 48.51 -18.18 -3.87
C GLU C 192 47.13 -18.69 -4.16
N TYR C 193 46.23 -18.33 -3.27
CA TYR C 193 44.82 -18.69 -3.29
C TYR C 193 43.92 -17.52 -3.02
N ARG C 194 42.67 -17.65 -3.41
CA ARG C 194 41.66 -16.66 -3.10
C ARG C 194 40.41 -17.34 -2.61
N LEU C 195 39.51 -16.61 -2.00
CA LEU C 195 38.28 -17.26 -1.59
C LEU C 195 37.46 -17.55 -2.82
N ILE C 196 36.74 -18.64 -2.78
CA ILE C 196 35.95 -19.08 -3.90
C ILE C 196 34.90 -18.10 -4.39
N ASN C 197 34.35 -17.28 -3.52
CA ASN C 197 33.35 -16.33 -3.96
C ASN C 197 33.84 -14.99 -4.53
N CYS C 198 35.18 -14.74 -4.62
CA CYS C 198 35.74 -13.46 -5.07
C CYS C 198 35.35 -13.05 -6.49
N ASN C 199 35.08 -13.98 -7.36
CA ASN C 199 34.73 -13.55 -8.71
C ASN C 199 33.21 -13.57 -9.00
N THR C 200 32.34 -13.77 -7.97
CA THR C 200 30.87 -13.81 -8.13
C THR C 200 30.15 -12.82 -7.25
N SER C 201 30.40 -12.83 -5.95
CA SER C 201 29.63 -11.92 -5.09
C SER C 201 30.28 -11.59 -3.77
N ALA C 202 29.86 -10.49 -3.17
CA ALA C 202 30.30 -10.15 -1.83
C ALA C 202 29.70 -11.12 -0.86
N ILE C 203 30.46 -11.48 0.14
CA ILE C 203 30.01 -12.41 1.14
C ILE C 203 29.84 -11.74 2.49
N THR C 204 28.75 -12.08 3.18
CA THR C 204 28.44 -11.52 4.48
C THR C 204 28.62 -12.54 5.59
N GLN C 205 29.27 -12.15 6.69
CA GLN C 205 29.42 -13.10 7.78
C GLN C 205 28.16 -13.13 8.57
N ALA C 206 27.67 -14.30 8.87
CA ALA C 206 26.47 -14.34 9.68
C ALA C 206 26.86 -13.86 11.04
N CYS C 207 25.99 -13.06 11.70
CA CYS C 207 26.21 -12.55 13.06
C CYS C 207 26.26 -13.76 14.01
N PRO C 208 27.34 -13.91 14.79
CA PRO C 208 27.65 -15.07 15.61
C PRO C 208 26.68 -15.38 16.72
N LYS C 209 25.90 -14.40 17.15
CA LYS C 209 24.96 -14.67 18.21
C LYS C 209 23.66 -15.25 17.66
N VAL C 210 23.47 -15.17 16.36
CA VAL C 210 22.20 -15.57 15.80
C VAL C 210 22.15 -17.05 15.56
N SER C 211 21.10 -17.64 16.07
CA SER C 211 20.90 -19.06 15.92
C SER C 211 19.93 -19.37 14.82
N PHE C 212 20.22 -20.45 14.10
CA PHE C 212 19.31 -20.90 13.06
C PHE C 212 18.62 -22.19 13.45
N GLU C 213 18.80 -22.64 14.68
CA GLU C 213 18.22 -23.89 15.11
C GLU C 213 16.71 -23.87 14.93
N PRO C 214 16.10 -24.81 14.19
CA PRO C 214 14.69 -24.85 13.92
C PRO C 214 13.83 -24.89 15.16
N ILE C 215 12.80 -24.07 15.15
CA ILE C 215 11.80 -23.99 16.19
C ILE C 215 10.49 -24.22 15.51
N PRO C 216 9.63 -25.14 15.92
CA PRO C 216 8.39 -25.39 15.26
C PRO C 216 7.57 -24.14 15.16
N ILE C 217 7.02 -23.90 13.99
CA ILE C 217 6.16 -22.75 13.82
C ILE C 217 4.85 -23.24 13.32
N HIS C 218 3.83 -22.45 13.47
CA HIS C 218 2.54 -22.84 12.99
C HIS C 218 2.05 -21.81 12.01
N TYR C 219 1.42 -22.23 10.92
CA TYR C 219 0.79 -21.24 10.07
C TYR C 219 -0.66 -21.13 10.49
N CYS C 220 -1.17 -19.90 10.59
CA CYS C 220 -2.54 -19.61 11.04
C CYS C 220 -3.29 -18.78 10.01
N ALA C 221 -4.55 -19.11 9.82
CA ALA C 221 -5.36 -18.38 8.88
C ALA C 221 -5.79 -17.04 9.45
N PRO C 222 -5.91 -16.00 8.63
CA PRO C 222 -6.47 -14.74 8.99
C PRO C 222 -7.95 -14.95 9.09
N ALA C 223 -8.61 -14.15 9.87
CA ALA C 223 -10.05 -14.27 9.93
C ALA C 223 -10.66 -14.09 8.56
N GLY C 224 -11.69 -14.88 8.30
CA GLY C 224 -12.39 -14.88 7.03
C GLY C 224 -12.00 -16.09 6.20
N PHE C 225 -10.96 -16.78 6.65
CA PHE C 225 -10.40 -17.97 6.05
C PHE C 225 -10.32 -19.10 7.04
N ALA C 226 -10.22 -20.30 6.54
CA ALA C 226 -10.10 -21.46 7.41
C ALA C 226 -9.16 -22.47 6.80
N ILE C 227 -8.52 -23.26 7.66
CA ILE C 227 -7.66 -24.32 7.18
C ILE C 227 -8.29 -25.65 7.40
N LEU C 228 -8.40 -26.41 6.34
CA LEU C 228 -8.99 -27.73 6.45
C LEU C 228 -7.85 -28.72 6.46
N LYS C 229 -8.00 -29.76 7.24
CA LYS C 229 -6.98 -30.78 7.36
C LYS C 229 -7.51 -32.20 7.15
N CYS C 230 -6.74 -33.08 6.45
CA CYS C 230 -7.07 -34.49 6.27
C CYS C 230 -6.62 -35.32 7.45
N LYS C 231 -7.48 -36.24 7.87
CA LYS C 231 -7.14 -37.16 8.92
C LYS C 231 -7.02 -38.58 8.38
N ASP C 232 -7.28 -38.75 7.10
CA ASP C 232 -7.27 -40.07 6.52
C ASP C 232 -5.92 -40.70 6.61
N LYS C 233 -5.91 -41.97 6.92
CA LYS C 233 -4.68 -42.72 6.92
C LYS C 233 -4.44 -43.14 5.50
N LYS C 234 -3.18 -43.34 5.17
CA LYS C 234 -2.80 -43.80 3.84
C LYS C 234 -3.29 -42.86 2.76
N PHE C 235 -3.20 -41.57 3.03
CA PHE C 235 -3.56 -40.58 2.05
C PHE C 235 -2.31 -40.16 1.32
N ASN C 236 -2.35 -40.35 -0.01
CA ASN C 236 -1.19 -40.27 -0.95
C ASN C 236 -1.23 -38.93 -1.71
N GLY C 237 -2.16 -38.05 -1.38
CA GLY C 237 -2.33 -36.73 -1.99
C GLY C 237 -3.07 -36.84 -3.30
N THR C 238 -3.49 -35.70 -3.80
CA THR C 238 -4.19 -35.58 -5.07
C THR C 238 -5.45 -36.41 -5.11
N GLY C 239 -6.43 -36.02 -4.32
CA GLY C 239 -7.68 -36.74 -4.26
C GLY C 239 -8.48 -36.33 -3.06
N PRO C 240 -9.69 -36.84 -2.90
CA PRO C 240 -10.59 -36.56 -1.81
C PRO C 240 -10.13 -37.21 -0.54
N CYS C 241 -10.48 -36.60 0.60
CA CYS C 241 -10.33 -37.14 1.96
C CYS C 241 -11.71 -37.36 2.48
N THR C 242 -11.88 -38.46 3.18
CA THR C 242 -13.15 -38.80 3.79
C THR C 242 -13.34 -38.15 5.16
N ASN C 243 -12.30 -38.16 6.03
CA ASN C 243 -12.30 -37.60 7.38
C ASN C 243 -11.51 -36.29 7.38
N VAL C 244 -12.20 -35.13 7.48
CA VAL C 244 -11.55 -33.81 7.48
C VAL C 244 -11.98 -33.04 8.67
N SER C 245 -11.18 -32.07 9.05
CA SER C 245 -11.52 -31.20 10.14
C SER C 245 -11.02 -29.81 9.93
N THR C 246 -11.61 -28.88 10.66
CA THR C 246 -11.21 -27.49 10.57
C THR C 246 -10.34 -27.12 11.74
N VAL C 247 -9.22 -26.48 11.45
CA VAL C 247 -8.33 -26.03 12.50
C VAL C 247 -8.01 -24.57 12.25
N GLN C 248 -7.68 -23.81 13.28
CA GLN C 248 -7.27 -22.45 12.97
C GLN C 248 -5.79 -22.28 12.57
N CYS C 249 -4.91 -23.25 12.98
CA CYS C 249 -3.47 -23.26 12.76
C CYS C 249 -3.03 -24.68 12.43
N THR C 250 -1.92 -24.78 11.72
CA THR C 250 -1.32 -26.07 11.38
C THR C 250 -0.58 -26.58 12.58
N HIS C 251 -0.15 -27.82 12.50
CA HIS C 251 0.66 -28.41 13.54
C HIS C 251 1.99 -27.71 13.48
N GLY C 252 2.82 -27.91 14.49
CA GLY C 252 4.11 -27.25 14.43
C GLY C 252 4.99 -27.93 13.42
N ILE C 253 5.59 -27.13 12.57
CA ILE C 253 6.49 -27.60 11.56
C ILE C 253 7.86 -27.05 11.75
N LYS C 254 8.85 -27.92 11.80
CA LYS C 254 10.20 -27.44 11.95
C LYS C 254 10.74 -27.07 10.59
N PRO C 255 11.22 -25.85 10.36
CA PRO C 255 11.74 -25.38 9.10
C PRO C 255 13.14 -25.91 8.89
N VAL C 256 13.25 -27.20 8.71
CA VAL C 256 14.53 -27.84 8.53
C VAL C 256 14.96 -27.70 7.10
N VAL C 257 16.17 -27.24 6.89
CA VAL C 257 16.70 -27.11 5.56
C VAL C 257 17.69 -28.20 5.30
N SER C 258 17.37 -29.09 4.38
CA SER C 258 18.20 -30.24 4.09
C SER C 258 17.95 -30.84 2.70
N THR C 259 18.83 -31.75 2.28
CA THR C 259 18.54 -32.45 1.03
C THR C 259 18.77 -33.94 1.12
N GLN C 260 18.23 -34.65 0.13
CA GLN C 260 18.24 -36.11 -0.08
C GLN C 260 17.43 -36.85 0.94
N LEU C 261 17.77 -36.71 2.19
CA LEU C 261 16.95 -37.32 3.22
C LEU C 261 16.27 -36.22 3.97
N LEU C 262 15.09 -36.51 4.43
CA LEU C 262 14.35 -35.55 5.21
C LEU C 262 14.50 -35.87 6.65
N LEU C 263 14.92 -34.89 7.41
CA LEU C 263 15.11 -35.06 8.83
C LEU C 263 14.04 -34.34 9.64
N ASN C 264 13.73 -34.91 10.82
CA ASN C 264 12.87 -34.42 11.91
C ASN C 264 11.45 -34.02 11.46
N GLY C 265 10.82 -34.79 10.54
CA GLY C 265 9.46 -34.56 10.06
C GLY C 265 8.50 -35.50 10.75
N SER C 266 7.32 -35.60 10.17
CA SER C 266 6.29 -36.46 10.71
C SER C 266 6.43 -37.88 10.19
N LEU C 267 5.94 -38.83 10.96
CA LEU C 267 5.93 -40.22 10.50
C LEU C 267 4.55 -40.64 10.09
N ALA C 268 4.49 -41.57 9.16
CA ALA C 268 3.23 -42.15 8.71
C ALA C 268 2.66 -43.00 9.83
N GLU C 269 1.35 -43.00 10.00
CA GLU C 269 0.75 -43.79 11.08
C GLU C 269 0.82 -45.31 10.92
N GLU C 270 0.61 -45.81 9.71
CA GLU C 270 0.52 -47.26 9.52
C GLU C 270 1.52 -47.90 8.60
N GLU C 271 1.76 -47.28 7.45
CA GLU C 271 2.58 -47.85 6.40
C GLU C 271 3.44 -46.79 5.79
N VAL C 272 4.49 -47.21 5.12
CA VAL C 272 5.30 -46.28 4.37
C VAL C 272 4.44 -45.76 3.22
N ILE C 273 4.41 -44.45 3.03
CA ILE C 273 3.57 -43.89 1.98
C ILE C 273 4.39 -43.24 0.90
N ILE C 274 4.14 -43.64 -0.34
CA ILE C 274 4.87 -43.04 -1.43
C ILE C 274 4.02 -42.06 -2.17
N ARG C 275 4.47 -40.80 -2.22
CA ARG C 275 3.68 -39.77 -2.87
C ARG C 275 4.41 -39.20 -4.06
N SER C 276 3.69 -38.90 -5.11
CA SER C 276 4.31 -38.26 -6.25
C SER C 276 3.27 -37.51 -7.04
N GLU C 277 3.67 -36.51 -7.79
CA GLU C 277 2.69 -35.84 -8.65
C GLU C 277 2.16 -36.75 -9.78
N ASN C 278 3.07 -37.53 -10.39
CA ASN C 278 2.85 -38.47 -11.48
C ASN C 278 3.84 -39.62 -11.31
N ILE C 279 3.42 -40.78 -10.75
CA ILE C 279 4.34 -41.89 -10.43
C ILE C 279 4.97 -42.44 -11.70
N THR C 280 4.22 -42.28 -12.77
CA THR C 280 4.56 -42.65 -14.11
C THR C 280 5.71 -41.82 -14.71
N ASN C 281 5.79 -40.53 -14.41
CA ASN C 281 6.73 -39.64 -15.07
C ASN C 281 8.11 -39.63 -14.38
N ASN C 282 9.16 -39.84 -15.17
CA ASN C 282 10.52 -39.93 -14.64
C ASN C 282 11.07 -38.59 -14.17
N ALA C 283 10.39 -37.51 -14.54
CA ALA C 283 10.80 -36.17 -14.20
C ALA C 283 10.23 -35.71 -12.85
N LYS C 284 9.41 -36.52 -12.21
CA LYS C 284 8.85 -36.08 -10.94
C LYS C 284 9.54 -36.73 -9.78
N ASN C 285 9.74 -35.97 -8.71
CA ASN C 285 10.36 -36.53 -7.52
C ASN C 285 9.37 -37.37 -6.77
N ILE C 286 9.86 -38.41 -6.15
CA ILE C 286 9.06 -39.26 -5.32
C ILE C 286 9.36 -38.98 -3.87
N LEU C 287 8.35 -38.64 -3.11
CA LEU C 287 8.56 -38.32 -1.71
C LEU C 287 8.13 -39.50 -0.89
N VAL C 288 9.03 -40.05 -0.13
CA VAL C 288 8.69 -41.22 0.64
C VAL C 288 8.63 -40.92 2.10
N GLN C 289 7.49 -41.17 2.72
CA GLN C 289 7.34 -40.94 4.14
C GLN C 289 7.41 -42.25 4.88
N LEU C 290 8.25 -42.32 5.89
CA LEU C 290 8.41 -43.55 6.64
C LEU C 290 7.46 -43.59 7.83
N ASN C 291 7.07 -44.81 8.30
CA ASN C 291 6.28 -44.99 9.54
C ASN C 291 7.17 -45.18 10.79
N GLU C 292 8.43 -45.64 10.60
CA GLU C 292 9.46 -45.83 11.62
C GLU C 292 10.47 -44.72 11.43
N SER C 293 11.46 -44.63 12.28
CA SER C 293 12.45 -43.57 12.14
C SER C 293 13.84 -44.12 12.25
N VAL C 294 14.72 -43.73 11.33
CA VAL C 294 16.08 -44.22 11.37
C VAL C 294 16.95 -43.18 12.05
N GLN C 295 17.63 -43.57 13.10
CA GLN C 295 18.41 -42.58 13.82
C GLN C 295 19.79 -42.40 13.22
N ILE C 296 20.17 -41.17 12.93
CA ILE C 296 21.48 -40.88 12.36
C ILE C 296 22.33 -40.00 13.32
N ASN C 297 23.54 -40.47 13.67
CA ASN C 297 24.47 -39.83 14.61
C ASN C 297 25.62 -39.11 13.89
N CYS C 298 25.64 -37.76 13.88
CA CYS C 298 26.62 -36.96 13.15
C CYS C 298 27.57 -36.24 14.08
N THR C 299 28.83 -36.19 13.65
CA THR C 299 29.83 -35.52 14.43
C THR C 299 30.95 -34.87 13.64
N ARG C 300 31.50 -33.84 14.25
CA ARG C 300 32.66 -33.14 13.79
C ARG C 300 33.63 -33.23 14.96
N PRO C 301 34.47 -34.25 15.02
CA PRO C 301 35.29 -34.61 16.16
C PRO C 301 36.40 -33.62 16.51
N ASN C 302 36.77 -32.76 15.59
CA ASN C 302 37.86 -31.85 15.85
C ASN C 302 37.47 -30.73 16.82
N ASN C 303 38.40 -30.44 17.73
CA ASN C 303 38.25 -29.41 18.79
C ASN C 303 38.83 -28.09 18.29
N ASN C 304 37.98 -27.25 17.69
CA ASN C 304 38.41 -26.02 17.02
C ASN C 304 38.36 -24.82 17.94
N THR C 305 39.17 -23.84 17.60
CA THR C 305 39.26 -22.59 18.33
C THR C 305 38.79 -21.43 17.50
N ARG C 306 38.02 -20.56 18.09
CA ARG C 306 37.60 -19.37 17.36
C ARG C 306 38.49 -18.23 17.77
N LYS C 307 38.84 -17.37 16.83
CA LYS C 307 39.63 -16.19 17.16
C LYS C 307 38.97 -14.97 16.52
N SER C 308 39.01 -13.86 17.22
CA SER C 308 38.39 -12.67 16.69
C SER C 308 39.40 -11.68 16.21
N ILE C 309 39.21 -11.17 15.01
CA ILE C 309 40.10 -10.19 14.46
C ILE C 309 39.35 -8.90 14.16
N ARG C 310 39.84 -7.77 14.65
CA ARG C 310 39.16 -6.52 14.34
C ARG C 310 39.52 -6.13 12.92
N ILE C 311 38.53 -5.77 12.11
CA ILE C 311 38.83 -5.43 10.71
C ILE C 311 38.55 -3.98 10.34
N GLY C 312 37.86 -3.26 11.20
CA GLY C 312 37.51 -1.87 10.99
C GLY C 312 36.74 -1.46 12.22
N PRO C 313 36.40 -0.19 12.39
CA PRO C 313 35.71 0.29 13.56
C PRO C 313 34.42 -0.44 13.80
N GLY C 314 34.27 -1.04 14.97
CA GLY C 314 33.03 -1.72 15.29
C GLY C 314 32.83 -3.06 14.59
N GLN C 315 33.82 -3.53 13.83
CA GLN C 315 33.60 -4.76 13.08
C GLN C 315 34.60 -5.84 13.37
N TRP C 316 34.09 -7.04 13.44
CA TRP C 316 34.92 -8.19 13.69
C TRP C 316 34.75 -9.28 12.69
N PHE C 317 35.82 -9.96 12.43
CA PHE C 317 35.85 -11.16 11.63
C PHE C 317 36.15 -12.34 12.50
N TYR C 318 35.33 -13.36 12.40
CA TYR C 318 35.57 -14.54 13.21
C TYR C 318 36.19 -15.62 12.38
N ALA C 319 37.42 -15.97 12.73
CA ALA C 319 38.27 -16.89 12.01
C ALA C 319 38.51 -18.19 12.75
N THR C 320 38.84 -19.25 12.01
CA THR C 320 39.21 -20.53 12.61
C THR C 320 40.67 -20.52 13.00
N GLY C 321 40.96 -20.81 14.26
CA GLY C 321 42.32 -20.85 14.77
C GLY C 321 42.82 -22.28 14.82
N ASP C 322 43.96 -22.50 15.45
CA ASP C 322 44.52 -23.84 15.47
C ASP C 322 43.63 -24.85 16.14
N ILE C 323 43.68 -26.06 15.62
CA ILE C 323 42.95 -27.18 16.16
C ILE C 323 43.76 -27.77 17.28
N ILE C 324 43.10 -28.00 18.40
CA ILE C 324 43.71 -28.47 19.62
C ILE C 324 44.17 -29.92 19.62
N GLY C 325 43.37 -30.81 19.11
CA GLY C 325 43.71 -32.23 19.12
C GLY C 325 44.07 -32.75 17.75
N ASP C 326 43.84 -34.04 17.55
CA ASP C 326 44.14 -34.71 16.30
C ASP C 326 43.13 -34.25 15.28
N ILE C 327 43.47 -34.30 14.01
CA ILE C 327 42.51 -33.94 12.98
C ILE C 327 41.95 -35.17 12.28
N ARG C 328 40.63 -35.32 12.42
CA ARG C 328 39.86 -36.45 11.92
C ARG C 328 38.68 -35.97 11.08
N GLN C 329 38.19 -36.82 10.19
CA GLN C 329 37.07 -36.38 9.35
C GLN C 329 35.73 -36.41 10.04
N ALA C 330 34.87 -35.52 9.59
CA ALA C 330 33.49 -35.49 10.03
C ALA C 330 32.81 -36.69 9.44
N HIS C 331 31.85 -37.23 10.16
CA HIS C 331 31.12 -38.39 9.66
C HIS C 331 29.76 -38.55 10.32
N CYS C 332 28.86 -39.36 9.71
CA CYS C 332 27.55 -39.73 10.26
C CYS C 332 27.35 -41.25 10.26
N ASN C 333 26.82 -41.77 11.36
CA ASN C 333 26.55 -43.20 11.49
C ASN C 333 25.06 -43.53 11.42
N VAL C 334 24.71 -44.53 10.59
CA VAL C 334 23.37 -45.09 10.42
C VAL C 334 23.39 -46.57 10.78
N SER C 335 22.54 -47.02 11.67
CA SER C 335 22.57 -48.44 12.03
C SER C 335 22.29 -49.28 10.81
N LYS C 336 23.12 -50.28 10.55
CA LYS C 336 22.92 -51.05 9.35
C LYS C 336 21.67 -51.85 9.31
N ALA C 337 21.35 -52.55 10.38
CA ALA C 337 20.17 -53.38 10.31
C ALA C 337 18.92 -52.54 10.17
N THR C 338 18.88 -51.41 10.86
CA THR C 338 17.69 -50.59 10.82
C THR C 338 17.52 -50.04 9.43
N TRP C 339 18.59 -49.57 8.83
CA TRP C 339 18.47 -49.05 7.49
C TRP C 339 18.01 -50.09 6.50
N ASN C 340 18.57 -51.34 6.56
CA ASN C 340 18.25 -52.44 5.65
C ASN C 340 16.75 -52.79 5.68
N GLU C 341 16.14 -52.85 6.90
CA GLU C 341 14.72 -53.12 7.06
C GLU C 341 13.89 -51.97 6.56
N THR C 342 14.33 -50.74 6.81
CA THR C 342 13.59 -49.59 6.38
C THR C 342 13.53 -49.55 4.89
N LEU C 343 14.65 -49.81 4.25
CA LEU C 343 14.64 -49.72 2.83
C LEU C 343 13.79 -50.82 2.26
N GLY C 344 13.84 -52.03 2.83
CA GLY C 344 13.03 -53.10 2.30
C GLY C 344 11.54 -52.73 2.32
N LYS C 345 11.11 -51.99 3.35
CA LYS C 345 9.72 -51.58 3.43
C LYS C 345 9.37 -50.63 2.28
N VAL C 346 10.32 -49.74 1.95
CA VAL C 346 10.10 -48.81 0.87
C VAL C 346 9.95 -49.57 -0.41
N VAL C 347 10.78 -50.57 -0.59
CA VAL C 347 10.74 -51.35 -1.79
C VAL C 347 9.41 -52.04 -1.95
N LYS C 348 8.84 -52.62 -0.90
CA LYS C 348 7.54 -53.23 -1.11
C LYS C 348 6.51 -52.23 -1.60
N GLN C 349 6.54 -51.01 -1.10
CA GLN C 349 5.53 -50.10 -1.55
C GLN C 349 5.80 -49.70 -3.01
N LEU C 350 7.06 -49.59 -3.40
CA LEU C 350 7.34 -49.29 -4.79
C LEU C 350 6.85 -50.44 -5.64
N ARG C 351 7.01 -51.64 -5.13
CA ARG C 351 6.60 -52.85 -5.82
C ARG C 351 5.12 -52.87 -6.09
N LYS C 352 4.30 -52.20 -5.25
CA LYS C 352 2.87 -52.11 -5.53
C LYS C 352 2.59 -51.23 -6.75
N HIS C 353 3.35 -50.16 -6.91
CA HIS C 353 3.16 -49.25 -8.05
C HIS C 353 3.76 -49.78 -9.34
N PHE C 354 4.83 -50.53 -9.21
CA PHE C 354 5.56 -51.09 -10.31
C PHE C 354 5.23 -52.56 -10.40
N GLY C 355 5.80 -53.28 -11.34
CA GLY C 355 5.45 -54.70 -11.44
C GLY C 355 6.02 -55.53 -10.28
N ASN C 356 5.33 -56.64 -9.91
CA ASN C 356 5.70 -57.57 -8.82
C ASN C 356 7.05 -58.28 -9.07
N ASN C 357 7.43 -58.48 -10.35
CA ASN C 357 8.65 -59.14 -10.78
C ASN C 357 9.75 -58.15 -11.17
N THR C 358 9.59 -56.89 -10.81
CA THR C 358 10.57 -55.87 -11.12
C THR C 358 11.79 -56.01 -10.26
N ILE C 359 12.95 -55.82 -10.85
CA ILE C 359 14.16 -55.79 -10.10
C ILE C 359 14.33 -54.36 -9.67
N ILE C 360 14.38 -54.13 -8.38
CA ILE C 360 14.47 -52.76 -7.88
C ILE C 360 15.84 -52.48 -7.36
N ARG C 361 16.47 -51.48 -7.92
CA ARG C 361 17.83 -51.17 -7.54
C ARG C 361 18.00 -49.78 -7.01
N PHE C 362 18.90 -49.64 -6.07
CA PHE C 362 19.26 -48.34 -5.57
C PHE C 362 20.68 -48.08 -5.94
N ALA C 363 20.94 -46.84 -6.24
CA ALA C 363 22.26 -46.41 -6.64
C ALA C 363 22.52 -45.01 -6.13
N ASN C 364 23.80 -44.59 -6.15
CA ASN C 364 24.25 -43.27 -5.74
C ASN C 364 23.74 -42.21 -6.72
N SER C 365 23.67 -40.93 -6.28
CA SER C 365 23.22 -39.81 -7.09
C SER C 365 24.10 -39.54 -8.29
N SER C 366 23.51 -38.98 -9.33
CA SER C 366 24.25 -38.61 -10.51
C SER C 366 25.06 -37.41 -10.12
N GLY C 367 26.00 -37.00 -10.97
CA GLY C 367 26.84 -35.89 -10.59
C GLY C 367 26.14 -34.55 -10.66
N GLY C 368 26.83 -33.52 -10.20
CA GLY C 368 26.28 -32.19 -10.13
C GLY C 368 26.90 -31.47 -8.95
N ASP C 369 26.31 -30.36 -8.58
CA ASP C 369 26.80 -29.54 -7.49
C ASP C 369 26.80 -30.30 -6.17
N LEU C 370 27.72 -29.99 -5.28
CA LEU C 370 27.79 -30.68 -3.99
C LEU C 370 26.47 -30.58 -3.24
N GLU C 371 25.79 -29.46 -3.37
CA GLU C 371 24.53 -29.22 -2.69
C GLU C 371 23.43 -30.21 -3.07
N VAL C 372 23.57 -30.90 -4.20
CA VAL C 372 22.56 -31.87 -4.59
C VAL C 372 23.09 -33.30 -4.65
N THR C 373 24.41 -33.49 -4.83
CA THR C 373 24.93 -34.85 -4.92
C THR C 373 25.16 -35.45 -3.56
N THR C 374 25.29 -34.62 -2.55
CA THR C 374 25.45 -35.15 -1.21
C THR C 374 24.31 -34.72 -0.32
N HIS C 375 24.21 -35.38 0.81
CA HIS C 375 23.24 -35.10 1.83
C HIS C 375 23.62 -33.80 2.42
N SER C 376 22.67 -32.98 2.80
CA SER C 376 23.10 -31.70 3.38
C SER C 376 22.29 -31.27 4.55
N PHE C 377 22.99 -30.84 5.60
CA PHE C 377 22.33 -30.35 6.79
C PHE C 377 23.17 -29.41 7.63
N ASN C 378 22.49 -28.69 8.50
CA ASN C 378 23.08 -27.77 9.46
C ASN C 378 23.07 -28.39 10.89
N CYS C 379 24.24 -28.78 11.43
CA CYS C 379 24.41 -29.46 12.72
C CYS C 379 25.30 -28.64 13.62
N GLY C 380 24.68 -28.08 14.64
CA GLY C 380 25.38 -27.28 15.62
C GLY C 380 25.67 -25.89 15.11
N GLY C 381 25.22 -25.63 13.90
CA GLY C 381 25.48 -24.38 13.22
C GLY C 381 26.49 -24.53 12.09
N GLU C 382 27.14 -25.70 11.94
CA GLU C 382 28.07 -25.84 10.82
C GLU C 382 27.46 -26.66 9.70
N PHE C 383 27.93 -26.46 8.48
CA PHE C 383 27.34 -27.10 7.33
C PHE C 383 28.04 -28.33 6.81
N PHE C 384 27.32 -29.43 6.86
CA PHE C 384 27.81 -30.73 6.47
C PHE C 384 27.29 -31.19 5.13
N TYR C 385 28.19 -31.76 4.36
CA TYR C 385 27.86 -32.41 3.10
C TYR C 385 28.33 -33.86 3.20
N CYS C 386 27.42 -34.86 3.13
CA CYS C 386 27.77 -36.28 3.39
C CYS C 386 27.54 -37.19 2.19
N ASN C 387 28.44 -38.14 2.04
CA ASN C 387 28.41 -39.12 0.96
C ASN C 387 27.48 -40.30 1.32
N THR C 388 26.32 -40.38 0.63
CA THR C 388 25.22 -41.33 0.86
C THR C 388 25.26 -42.54 -0.03
N SER C 389 26.34 -42.72 -0.75
CA SER C 389 26.44 -43.89 -1.62
C SER C 389 26.45 -45.16 -0.80
N GLY C 390 26.74 -45.05 0.49
CA GLY C 390 26.75 -46.19 1.39
C GLY C 390 25.34 -46.61 1.79
N LEU C 391 24.34 -45.77 1.55
CA LEU C 391 22.97 -46.10 1.91
C LEU C 391 22.18 -46.60 0.71
N PHE C 392 22.57 -46.16 -0.47
CA PHE C 392 21.83 -46.52 -1.68
C PHE C 392 22.68 -47.28 -2.67
N ASN C 393 23.01 -48.54 -2.34
CA ASN C 393 23.87 -49.42 -3.12
C ASN C 393 23.40 -50.87 -2.92
N SER C 394 22.28 -51.25 -3.57
CA SER C 394 21.65 -52.58 -3.39
C SER C 394 20.72 -52.97 -4.50
N THR C 395 20.47 -54.27 -4.65
CA THR C 395 19.47 -54.75 -5.60
C THR C 395 18.50 -55.66 -4.88
N TRP C 396 17.21 -55.40 -5.05
CA TRP C 396 16.19 -56.17 -4.39
C TRP C 396 15.36 -57.02 -5.37
N ILE C 397 15.11 -58.30 -4.98
CA ILE C 397 14.32 -59.27 -5.75
C ILE C 397 13.51 -60.11 -4.75
N SER C 413 26.76 -51.01 11.65
CA SER C 413 26.83 -49.56 11.51
C SER C 413 27.51 -49.16 10.18
N ILE C 414 26.84 -48.25 9.43
CA ILE C 414 27.27 -47.71 8.15
C ILE C 414 27.86 -46.34 8.39
N THR C 415 29.08 -46.10 7.96
CA THR C 415 29.66 -44.79 8.19
C THR C 415 29.68 -44.01 6.91
N LEU C 416 29.13 -42.82 6.97
CA LEU C 416 29.09 -41.92 5.85
C LEU C 416 30.13 -40.84 6.11
N PRO C 417 31.17 -40.67 5.30
CA PRO C 417 32.15 -39.64 5.49
C PRO C 417 31.44 -38.35 5.15
N CYS C 418 31.83 -37.23 5.79
CA CYS C 418 31.27 -35.89 5.56
C CYS C 418 32.37 -34.84 5.42
N ARG C 419 32.08 -33.83 4.63
CA ARG C 419 32.97 -32.70 4.45
C ARG C 419 32.28 -31.43 4.94
N ILE C 420 33.05 -30.54 5.53
CA ILE C 420 32.52 -29.30 6.07
C ILE C 420 32.90 -28.14 5.19
N LYS C 421 31.94 -27.27 4.91
CA LYS C 421 32.23 -26.08 4.10
C LYS C 421 31.76 -24.82 4.83
N GLN C 422 32.54 -23.72 4.81
CA GLN C 422 32.09 -22.48 5.47
C GLN C 422 31.41 -21.47 4.57
N ILE C 423 31.67 -21.49 3.27
CA ILE C 423 31.01 -20.53 2.39
C ILE C 423 29.79 -21.16 1.77
N ILE C 424 28.66 -20.63 2.14
CA ILE C 424 27.38 -21.21 1.80
C ILE C 424 26.50 -20.39 0.90
N ASN C 425 26.00 -21.01 -0.16
CA ASN C 425 25.01 -20.38 -1.03
C ASN C 425 23.73 -21.15 -0.73
N MET C 426 23.07 -20.78 0.36
CA MET C 426 22.06 -21.70 0.87
C MET C 426 20.84 -21.89 0.02
N TRP C 427 20.41 -20.87 -0.70
CA TRP C 427 19.19 -21.03 -1.45
C TRP C 427 19.43 -21.14 -2.95
N GLN C 428 20.64 -21.51 -3.35
CA GLN C 428 20.96 -21.64 -4.77
C GLN C 428 20.73 -20.34 -5.56
N ARG C 429 21.23 -19.24 -5.02
CA ARG C 429 21.13 -17.94 -5.63
C ARG C 429 22.53 -17.45 -5.87
N ILE C 430 22.90 -17.31 -7.11
CA ILE C 430 24.28 -17.01 -7.46
C ILE C 430 24.81 -15.70 -6.88
N GLY C 431 23.98 -14.67 -6.84
CA GLY C 431 24.44 -13.36 -6.40
C GLY C 431 24.67 -13.17 -4.90
N GLN C 432 24.38 -14.15 -4.06
CA GLN C 432 24.57 -13.95 -2.62
C GLN C 432 25.38 -15.08 -2.00
N ALA C 433 26.06 -14.78 -0.91
CA ALA C 433 26.77 -15.80 -0.18
C ALA C 433 26.88 -15.44 1.27
N MET C 434 26.97 -16.46 2.11
CA MET C 434 27.13 -16.25 3.53
C MET C 434 28.32 -17.00 4.08
N TYR C 435 29.02 -16.39 5.01
CA TYR C 435 30.14 -17.03 5.65
C TYR C 435 29.79 -17.47 7.04
N ALA C 436 29.88 -18.76 7.27
CA ALA C 436 29.56 -19.32 8.55
C ALA C 436 30.72 -19.15 9.51
N PRO C 437 30.56 -18.49 10.67
CA PRO C 437 31.59 -18.32 11.64
C PRO C 437 31.86 -19.72 12.08
N PRO C 438 33.07 -20.05 12.51
CA PRO C 438 33.41 -21.33 13.03
C PRO C 438 32.79 -21.48 14.39
N ILE C 439 32.49 -22.70 14.78
CA ILE C 439 32.00 -22.93 16.10
C ILE C 439 33.01 -23.66 16.96
N GLN C 440 33.32 -23.03 18.07
CA GLN C 440 34.31 -23.51 19.01
C GLN C 440 33.91 -24.82 19.66
N GLY C 441 34.86 -25.73 19.74
CA GLY C 441 34.61 -27.02 20.36
C GLY C 441 34.18 -28.09 19.37
N VAL C 442 33.74 -29.22 19.94
CA VAL C 442 33.37 -30.42 19.21
C VAL C 442 31.87 -30.46 19.01
N ILE C 443 31.43 -30.79 17.79
CA ILE C 443 30.02 -30.79 17.48
C ILE C 443 29.43 -32.16 17.30
N ARG C 444 28.34 -32.42 18.00
CA ARG C 444 27.63 -33.67 17.85
C ARG C 444 26.14 -33.41 17.87
N CYS C 445 25.36 -34.13 17.04
CA CYS C 445 23.89 -34.08 17.02
C CYS C 445 23.36 -35.44 16.56
N VAL C 446 22.12 -35.71 16.91
CA VAL C 446 21.47 -36.92 16.50
C VAL C 446 20.16 -36.54 15.88
N SER C 447 19.90 -37.00 14.67
CA SER C 447 18.67 -36.65 13.98
C SER C 447 17.81 -37.87 13.64
N ASN C 448 16.50 -37.62 13.40
CA ASN C 448 15.51 -38.61 12.96
C ASN C 448 15.31 -38.56 11.45
N ILE C 449 15.62 -39.66 10.71
CA ILE C 449 15.36 -39.73 9.25
C ILE C 449 13.93 -40.14 9.13
N THR C 450 13.12 -39.25 8.58
CA THR C 450 11.69 -39.47 8.49
C THR C 450 11.26 -39.66 7.06
N GLY C 451 12.12 -39.32 6.12
CA GLY C 451 11.73 -39.51 4.73
C GLY C 451 12.87 -39.42 3.74
N LEU C 452 12.56 -39.72 2.50
CA LEU C 452 13.51 -39.72 1.41
C LEU C 452 13.02 -39.00 0.18
N ILE C 453 13.92 -38.41 -0.60
CA ILE C 453 13.52 -37.94 -1.90
C ILE C 453 14.20 -38.79 -2.95
N LEU C 454 13.43 -39.51 -3.74
CA LEU C 454 13.99 -40.38 -4.76
C LEU C 454 13.62 -39.96 -6.15
N THR C 455 14.50 -40.22 -7.10
CA THR C 455 14.21 -39.99 -8.49
C THR C 455 14.34 -41.30 -9.23
N ARG C 456 13.36 -41.62 -10.07
CA ARG C 456 13.51 -42.85 -10.81
C ARG C 456 14.42 -42.50 -11.97
N ASP C 457 15.44 -43.31 -12.19
CA ASP C 457 16.46 -43.03 -13.20
C ASP C 457 15.85 -43.03 -14.59
N GLY C 458 14.87 -43.88 -14.81
CA GLY C 458 14.19 -43.92 -16.08
C GLY C 458 15.12 -44.31 -17.20
N GLY C 459 15.17 -43.47 -18.24
CA GLY C 459 16.01 -43.73 -19.41
C GLY C 459 15.36 -44.79 -20.29
N SER C 460 14.11 -45.07 -19.98
CA SER C 460 13.30 -46.10 -20.59
C SER C 460 14.02 -47.44 -20.52
N THR C 461 14.64 -47.72 -19.38
CA THR C 461 15.33 -48.98 -19.20
C THR C 461 14.31 -50.09 -19.31
N ASN C 462 14.63 -51.10 -20.11
CA ASN C 462 13.72 -52.19 -20.33
C ASN C 462 13.95 -53.32 -19.31
N SER C 463 13.15 -54.37 -19.43
CA SER C 463 13.16 -55.57 -18.59
C SER C 463 12.92 -55.30 -17.12
N THR C 464 12.06 -54.34 -16.84
CA THR C 464 11.67 -53.98 -15.49
C THR C 464 12.79 -54.05 -14.48
N THR C 465 13.77 -53.14 -14.60
CA THR C 465 14.90 -53.06 -13.68
C THR C 465 14.96 -51.62 -13.22
N GLU C 466 13.93 -51.15 -12.55
CA GLU C 466 13.89 -49.74 -12.24
C GLU C 466 14.97 -49.44 -11.23
N THR C 467 15.63 -48.32 -11.42
CA THR C 467 16.67 -47.88 -10.52
C THR C 467 16.33 -46.54 -9.93
N PHE C 468 16.50 -46.42 -8.63
CA PHE C 468 16.22 -45.18 -7.95
C PHE C 468 17.49 -44.60 -7.38
N ARG C 469 17.61 -43.30 -7.46
CA ARG C 469 18.80 -42.64 -6.98
C ARG C 469 18.33 -41.47 -6.15
N PRO C 470 18.98 -41.10 -5.05
CA PRO C 470 18.61 -39.95 -4.25
C PRO C 470 18.62 -38.70 -5.08
N GLY C 471 17.62 -37.87 -4.85
CA GLY C 471 17.50 -36.60 -5.54
C GLY C 471 17.20 -35.50 -4.56
N GLY C 472 16.79 -34.34 -5.05
CA GLY C 472 16.51 -33.25 -4.15
C GLY C 472 17.01 -31.94 -4.71
N GLY C 473 17.04 -30.93 -3.86
CA GLY C 473 17.47 -29.58 -4.21
C GLY C 473 16.33 -28.60 -4.37
N ASP C 474 15.12 -29.07 -4.57
CA ASP C 474 14.03 -28.13 -4.64
C ASP C 474 13.47 -28.10 -3.26
N MET C 475 13.70 -27.02 -2.54
CA MET C 475 13.33 -26.92 -1.16
C MET C 475 11.87 -27.05 -0.91
N ARG C 476 11.08 -26.78 -1.93
CA ARG C 476 9.67 -26.85 -1.78
C ARG C 476 9.26 -28.26 -1.42
N ASP C 477 10.02 -29.26 -1.87
CA ASP C 477 9.67 -30.62 -1.60
C ASP C 477 9.87 -30.99 -0.15
N ASN C 478 10.65 -30.25 0.61
CA ASN C 478 10.71 -30.62 2.01
C ASN C 478 9.44 -30.13 2.66
N TRP C 479 9.05 -28.91 2.29
CA TRP C 479 7.81 -28.32 2.85
C TRP C 479 6.63 -29.21 2.49
N ARG C 480 6.59 -29.73 1.27
CA ARG C 480 5.46 -30.50 0.82
C ARG C 480 5.26 -31.73 1.67
N SER C 481 6.24 -32.15 2.44
CA SER C 481 6.07 -33.34 3.23
C SER C 481 5.36 -33.06 4.54
N GLU C 482 5.21 -31.79 4.88
CA GLU C 482 4.49 -31.48 6.11
C GLU C 482 3.16 -30.80 5.80
N LEU C 483 3.10 -30.08 4.69
CA LEU C 483 1.90 -29.33 4.34
C LEU C 483 0.94 -30.08 3.45
N TYR C 484 1.21 -31.34 3.16
CA TYR C 484 0.37 -32.10 2.26
C TYR C 484 -1.03 -32.33 2.73
N LYS C 485 -1.26 -32.27 4.03
CA LYS C 485 -2.57 -32.52 4.54
C LYS C 485 -3.38 -31.27 4.75
N TYR C 486 -2.86 -30.10 4.39
CA TYR C 486 -3.64 -28.90 4.66
C TYR C 486 -4.09 -28.15 3.42
N LYS C 487 -5.27 -27.54 3.52
CA LYS C 487 -5.79 -26.71 2.45
C LYS C 487 -6.39 -25.42 2.98
N VAL C 488 -6.24 -24.33 2.23
CA VAL C 488 -6.82 -23.07 2.63
C VAL C 488 -8.03 -22.71 1.83
N VAL C 489 -9.12 -22.42 2.53
CA VAL C 489 -10.35 -22.03 1.86
C VAL C 489 -10.87 -20.73 2.43
N LYS C 490 -11.71 -20.04 1.69
CA LYS C 490 -12.32 -18.80 2.15
C LYS C 490 -13.74 -19.07 2.50
N ILE C 491 -14.27 -18.27 3.40
CA ILE C 491 -15.65 -18.41 3.80
C ILE C 491 -16.49 -17.45 2.98
N GLU C 492 -17.59 -17.94 2.43
CA GLU C 492 -18.45 -17.11 1.60
C GLU C 492 -19.90 -17.18 2.13
N PRO C 493 -20.27 -16.37 3.15
CA PRO C 493 -21.49 -16.37 3.92
C PRO C 493 -22.83 -16.13 3.25
N LEU C 494 -22.91 -15.53 2.06
CA LEU C 494 -24.25 -15.35 1.49
C LEU C 494 -24.69 -16.46 0.62
N GLY C 495 -25.98 -16.72 0.68
CA GLY C 495 -26.57 -17.65 -0.23
C GLY C 495 -28.06 -17.49 -0.18
N VAL C 496 -28.72 -18.10 -1.14
CA VAL C 496 -30.15 -17.99 -1.23
C VAL C 496 -30.72 -19.37 -1.41
N ALA C 497 -31.99 -19.53 -1.08
CA ALA C 497 -32.70 -20.78 -1.29
C ALA C 497 -34.19 -20.50 -1.29
N PRO C 498 -35.04 -21.28 -1.96
CA PRO C 498 -36.46 -21.12 -1.93
C PRO C 498 -37.09 -21.52 -0.63
N THR C 499 -38.08 -20.76 -0.21
CA THR C 499 -38.91 -21.06 0.94
C THR C 499 -40.31 -20.66 0.56
N ARG C 500 -41.27 -20.89 1.44
CA ARG C 500 -42.64 -20.44 1.15
C ARG C 500 -43.07 -19.13 1.89
N CYS C 501 -42.07 -18.33 2.35
CA CYS C 501 -42.15 -17.06 3.07
C CYS C 501 -42.15 -15.86 2.11
N LYS C 502 -43.10 -14.94 2.29
CA LYS C 502 -43.12 -13.71 1.47
C LYS C 502 -43.35 -12.49 2.38
N ARG C 503 -42.72 -11.31 2.09
CA ARG C 503 -42.90 -10.05 2.85
C ARG C 503 -44.38 -9.65 3.00
N GLY D 10 -20.09 -25.77 16.51
CA GLY D 10 -18.77 -25.12 16.38
C GLY D 10 -18.67 -24.46 15.01
N PHE D 11 -17.65 -23.64 14.80
CA PHE D 11 -17.52 -22.96 13.52
C PHE D 11 -17.41 -23.96 12.40
N LEU D 12 -18.31 -23.84 11.44
CA LEU D 12 -18.42 -24.73 10.30
C LEU D 12 -18.71 -26.17 10.67
N GLY D 13 -19.18 -26.42 11.88
CA GLY D 13 -19.49 -27.78 12.32
C GLY D 13 -20.73 -28.27 11.61
N ALA D 14 -21.45 -27.35 11.04
CA ALA D 14 -22.67 -27.58 10.33
C ALA D 14 -22.42 -27.91 8.86
N ALA D 15 -21.18 -27.98 8.45
CA ALA D 15 -20.91 -28.22 7.04
C ALA D 15 -21.57 -29.49 6.53
N GLY D 16 -21.68 -30.52 7.34
CA GLY D 16 -22.30 -31.76 6.87
C GLY D 16 -23.78 -31.86 7.19
N SER D 17 -24.35 -30.82 7.76
CA SER D 17 -25.74 -30.82 8.14
C SER D 17 -26.56 -30.46 6.97
N THR D 18 -27.83 -30.77 7.02
CA THR D 18 -28.66 -30.38 5.93
C THR D 18 -28.91 -28.91 6.05
N MET D 19 -29.39 -28.34 4.97
CA MET D 19 -29.61 -26.93 4.93
C MET D 19 -30.49 -26.41 6.03
N GLY D 20 -31.55 -27.14 6.38
CA GLY D 20 -32.43 -26.70 7.43
C GLY D 20 -31.75 -26.64 8.78
N ALA D 21 -31.12 -27.73 9.18
CA ALA D 21 -30.47 -27.80 10.48
C ALA D 21 -29.36 -26.78 10.61
N ALA D 22 -28.66 -26.53 9.52
CA ALA D 22 -27.53 -25.64 9.47
C ALA D 22 -27.92 -24.20 9.70
N SER D 23 -29.20 -23.87 9.58
CA SER D 23 -29.64 -22.50 9.74
C SER D 23 -29.54 -22.07 11.17
N MET D 24 -29.31 -22.99 12.08
CA MET D 24 -29.24 -22.65 13.48
C MET D 24 -27.84 -22.17 13.87
N THR D 25 -26.90 -22.18 12.94
CA THR D 25 -25.53 -21.78 13.25
C THR D 25 -25.12 -20.53 12.49
N LEU D 26 -26.06 -19.83 11.91
CA LEU D 26 -25.70 -18.67 11.09
C LEU D 26 -24.95 -17.65 11.92
N THR D 27 -25.30 -17.55 13.19
CA THR D 27 -24.67 -16.60 14.08
C THR D 27 -23.19 -16.91 14.24
N VAL D 28 -22.84 -18.19 14.28
CA VAL D 28 -21.47 -18.57 14.51
C VAL D 28 -20.61 -18.16 13.33
N GLN D 29 -21.08 -18.43 12.14
CA GLN D 29 -20.23 -18.08 11.03
C GLN D 29 -20.19 -16.58 10.82
N ALA D 30 -21.30 -15.89 11.03
CA ALA D 30 -21.26 -14.46 10.83
C ALA D 30 -20.29 -13.76 11.77
N ARG D 31 -20.24 -14.17 13.03
CA ARG D 31 -19.37 -13.48 13.97
C ARG D 31 -17.92 -13.61 13.65
N ASN D 32 -17.51 -14.78 13.17
CA ASN D 32 -16.10 -15.01 12.92
C ASN D 32 -15.48 -14.11 11.88
N LEU D 33 -16.29 -13.52 11.02
CA LEU D 33 -15.74 -12.70 9.96
C LEU D 33 -14.99 -11.49 10.52
N LEU D 34 -15.46 -10.93 11.63
CA LEU D 34 -14.78 -9.78 12.22
C LEU D 34 -14.15 -10.10 13.56
N SER D 35 -14.76 -11.00 14.34
CA SER D 35 -14.29 -11.19 15.70
C SER D 35 -12.92 -11.81 15.69
N GLY D 36 -12.62 -12.57 14.64
CA GLY D 36 -11.33 -13.17 14.58
C GLY D 36 -10.29 -12.12 14.29
N ILE D 37 -10.67 -11.04 13.59
CA ILE D 37 -9.67 -10.06 13.24
C ILE D 37 -9.24 -9.33 14.48
N VAL D 38 -10.21 -8.92 15.26
CA VAL D 38 -9.89 -8.16 16.44
C VAL D 38 -9.13 -9.02 17.43
N GLN D 39 -9.55 -10.28 17.65
CA GLN D 39 -8.83 -11.08 18.62
C GLN D 39 -7.41 -11.37 18.17
N GLN D 40 -7.19 -11.56 16.87
CA GLN D 40 -5.85 -11.83 16.37
C GLN D 40 -4.92 -10.66 16.65
N GLN D 41 -5.45 -9.44 16.63
CA GLN D 41 -4.61 -8.29 16.92
C GLN D 41 -4.36 -8.14 18.42
N SER D 42 -5.38 -8.42 19.24
CA SER D 42 -5.26 -8.29 20.70
C SER D 42 -4.32 -9.33 21.27
N ASN D 43 -4.22 -10.46 20.61
CA ASN D 43 -3.34 -11.52 21.06
C ASN D 43 -1.88 -11.13 21.03
N LEU D 44 -1.47 -10.20 20.18
CA LEU D 44 -0.06 -9.89 20.13
C LEU D 44 0.36 -8.95 21.25
N LEU D 45 -0.61 -8.44 22.00
CA LEU D 45 -0.29 -7.57 23.12
C LEU D 45 0.30 -8.39 24.24
N ARG D 46 0.21 -9.72 24.12
CA ARG D 46 0.75 -10.62 25.11
C ARG D 46 2.26 -10.79 24.92
N ALA D 47 2.79 -10.29 23.79
CA ALA D 47 4.22 -10.38 23.51
C ALA D 47 4.68 -9.14 22.74
N PRO D 48 4.65 -7.95 23.38
CA PRO D 48 4.92 -6.64 22.82
C PRO D 48 6.27 -6.53 22.14
N GLU D 49 7.23 -7.34 22.57
CA GLU D 49 8.53 -7.22 21.97
C GLU D 49 8.59 -7.43 20.44
N CYS D 50 7.69 -8.27 19.80
CA CYS D 50 7.78 -8.44 18.35
C CYS D 50 6.78 -7.49 17.73
N GLN D 51 5.98 -6.79 18.54
CA GLN D 51 5.14 -5.82 17.89
C GLN D 51 6.09 -4.79 17.36
N GLN D 52 7.13 -4.54 18.16
CA GLN D 52 8.16 -3.61 17.76
C GLN D 52 9.10 -4.22 16.71
N HIS D 53 9.54 -5.45 16.92
CA HIS D 53 10.48 -6.07 15.99
C HIS D 53 9.91 -6.25 14.58
N LEU D 54 8.63 -6.63 14.49
CA LEU D 54 8.02 -6.92 13.23
C LEU D 54 7.78 -5.67 12.39
N LEU D 55 7.94 -4.48 12.96
CA LEU D 55 7.73 -3.29 12.17
C LEU D 55 8.92 -3.04 11.29
N LYS D 56 10.00 -3.79 11.53
CA LYS D 56 11.19 -3.64 10.74
C LYS D 56 11.05 -4.50 9.49
N LEU D 57 10.12 -5.45 9.50
CA LEU D 57 9.93 -6.31 8.35
C LEU D 57 8.95 -5.61 7.48
N THR D 58 9.44 -4.61 6.76
CA THR D 58 8.59 -3.74 5.97
C THR D 58 7.65 -4.54 5.11
N VAL D 59 8.15 -5.59 4.49
CA VAL D 59 7.32 -6.40 3.64
C VAL D 59 6.21 -7.09 4.44
N TRP D 60 6.49 -7.58 5.66
CA TRP D 60 5.45 -8.26 6.40
C TRP D 60 4.44 -7.27 6.89
N GLY D 61 4.90 -6.05 7.18
CA GLY D 61 4.05 -5.00 7.66
C GLY D 61 3.00 -4.70 6.62
N ILE D 62 3.46 -4.51 5.39
CA ILE D 62 2.55 -4.22 4.32
C ILE D 62 1.67 -5.42 4.03
N LYS D 63 2.20 -6.62 3.96
CA LYS D 63 1.31 -7.72 3.65
C LYS D 63 0.23 -7.92 4.71
N GLN D 64 0.56 -7.77 6.00
CA GLN D 64 -0.48 -7.98 7.00
C GLN D 64 -1.52 -6.90 6.95
N LEU D 65 -1.12 -5.67 6.69
CA LEU D 65 -2.15 -4.67 6.59
C LEU D 65 -2.99 -4.93 5.38
N GLN D 66 -2.41 -5.37 4.27
CA GLN D 66 -3.26 -5.61 3.14
C GLN D 66 -4.26 -6.70 3.45
N ALA D 67 -3.85 -7.72 4.17
CA ALA D 67 -4.78 -8.78 4.51
C ALA D 67 -5.94 -8.28 5.38
N ARG D 68 -5.65 -7.40 6.32
CA ARG D 68 -6.68 -6.87 7.20
C ARG D 68 -7.61 -5.93 6.47
N VAL D 69 -7.04 -5.11 5.61
CA VAL D 69 -7.83 -4.16 4.87
C VAL D 69 -8.75 -4.90 3.96
N LEU D 70 -8.25 -5.92 3.27
CA LEU D 70 -9.10 -6.63 2.37
C LEU D 70 -10.21 -7.32 3.13
N ALA D 71 -9.91 -7.92 4.29
CA ALA D 71 -11.00 -8.58 5.00
C ALA D 71 -12.11 -7.60 5.31
N VAL D 72 -11.76 -6.36 5.65
CA VAL D 72 -12.78 -5.37 5.91
C VAL D 72 -13.55 -5.04 4.66
N GLU D 73 -12.86 -4.85 3.56
CA GLU D 73 -13.54 -4.51 2.34
C GLU D 73 -14.51 -5.60 1.90
N ARG D 74 -14.13 -6.86 2.05
CA ARG D 74 -15.04 -7.92 1.64
C ARG D 74 -16.24 -7.95 2.57
N TYR D 75 -16.03 -7.76 3.86
CA TYR D 75 -17.13 -7.75 4.80
C TYR D 75 -18.11 -6.66 4.44
N LEU D 76 -17.60 -5.47 4.19
CA LEU D 76 -18.48 -4.38 3.89
C LEU D 76 -19.20 -4.60 2.61
N ARG D 77 -18.57 -5.21 1.62
CA ARG D 77 -19.27 -5.42 0.37
C ARG D 77 -20.49 -6.27 0.60
N ASP D 78 -20.39 -7.31 1.42
CA ASP D 78 -21.57 -8.13 1.65
C ASP D 78 -22.61 -7.35 2.43
N GLN D 79 -22.20 -6.52 3.36
CA GLN D 79 -23.20 -5.77 4.10
C GLN D 79 -23.90 -4.75 3.22
N GLN D 80 -23.17 -4.13 2.30
CA GLN D 80 -23.80 -3.15 1.45
C GLN D 80 -24.83 -3.83 0.61
N LEU D 81 -24.50 -5.02 0.14
CA LEU D 81 -25.40 -5.72 -0.71
C LEU D 81 -26.68 -6.09 0.01
N LEU D 82 -26.57 -6.54 1.26
CA LEU D 82 -27.80 -6.83 2.00
C LEU D 82 -28.59 -5.57 2.18
N GLY D 83 -27.93 -4.45 2.40
CA GLY D 83 -28.65 -3.21 2.55
C GLY D 83 -29.42 -2.86 1.29
N ILE D 84 -28.81 -3.02 0.14
CA ILE D 84 -29.45 -2.72 -1.12
C ILE D 84 -30.68 -3.57 -1.34
N TRP D 85 -30.63 -4.83 -0.97
CA TRP D 85 -31.75 -5.73 -1.11
C TRP D 85 -32.84 -5.53 -0.06
N GLY D 86 -32.62 -4.64 0.90
CA GLY D 86 -33.57 -4.40 1.99
C GLY D 86 -33.51 -5.39 3.17
N CYS D 87 -32.35 -6.06 3.37
CA CYS D 87 -32.11 -7.07 4.40
C CYS D 87 -31.10 -6.61 5.45
N SER D 88 -30.88 -5.32 5.55
CA SER D 88 -29.90 -4.89 6.53
C SER D 88 -30.37 -5.26 7.91
N GLY D 89 -29.46 -5.77 8.70
CA GLY D 89 -29.76 -6.09 10.09
C GLY D 89 -30.34 -7.48 10.33
N LYS D 90 -30.53 -8.29 9.29
CA LYS D 90 -31.08 -9.60 9.55
C LYS D 90 -30.21 -10.70 9.01
N LEU D 91 -30.20 -11.85 9.68
CA LEU D 91 -29.48 -12.99 9.15
C LEU D 91 -30.36 -13.74 8.18
N ILE D 92 -31.66 -13.69 8.40
CA ILE D 92 -32.63 -14.33 7.53
C ILE D 92 -33.65 -13.28 7.07
N CYS D 93 -33.88 -13.12 5.74
CA CYS D 93 -34.87 -12.17 5.20
C CYS D 93 -35.58 -12.76 4.00
N CYS D 94 -36.85 -12.45 3.89
CA CYS D 94 -37.65 -12.92 2.80
C CYS D 94 -37.82 -11.76 1.84
N THR D 95 -37.88 -12.05 0.56
CA THR D 95 -38.15 -11.02 -0.45
C THR D 95 -39.38 -11.35 -1.26
N ASN D 96 -39.69 -10.49 -2.23
CA ASN D 96 -40.85 -10.68 -3.10
C ASN D 96 -40.51 -11.28 -4.44
N VAL D 97 -39.26 -11.62 -4.63
CA VAL D 97 -38.85 -12.23 -5.88
C VAL D 97 -39.23 -13.69 -5.81
N PRO D 98 -40.01 -14.22 -6.76
CA PRO D 98 -40.48 -15.57 -6.81
C PRO D 98 -39.34 -16.46 -7.17
N TRP D 99 -39.43 -17.70 -6.78
CA TRP D 99 -38.42 -18.65 -7.16
C TRP D 99 -38.74 -19.17 -8.55
N ASN D 100 -37.73 -19.22 -9.43
CA ASN D 100 -37.82 -19.77 -10.80
C ASN D 100 -37.42 -21.25 -10.78
N SER D 101 -38.31 -22.12 -11.30
CA SER D 101 -38.10 -23.58 -11.37
C SER D 101 -36.95 -23.92 -12.29
N THR D 102 -36.54 -22.96 -13.11
CA THR D 102 -35.41 -23.19 -13.98
C THR D 102 -34.11 -23.15 -13.15
N TRP D 103 -34.09 -22.37 -12.07
CA TRP D 103 -32.88 -22.26 -11.27
C TRP D 103 -32.67 -23.57 -10.58
N SER D 104 -33.76 -24.10 -10.08
CA SER D 104 -33.79 -25.40 -9.43
C SER D 104 -35.20 -25.90 -9.43
N ASN D 105 -35.38 -27.15 -9.80
CA ASN D 105 -36.68 -27.76 -9.84
C ASN D 105 -36.90 -28.79 -8.76
N ARG D 106 -36.14 -28.70 -7.68
CA ARG D 106 -36.33 -29.63 -6.57
C ARG D 106 -37.50 -29.26 -5.64
N ASN D 107 -38.04 -30.27 -4.95
CA ASN D 107 -39.03 -30.17 -3.88
C ASN D 107 -38.36 -29.54 -2.65
N LEU D 108 -39.15 -28.88 -1.75
CA LEU D 108 -38.57 -28.32 -0.49
C LEU D 108 -38.04 -29.46 0.38
N SER D 109 -38.64 -30.62 0.25
CA SER D 109 -38.25 -31.81 0.98
C SER D 109 -36.88 -32.34 0.56
N GLU D 110 -36.36 -31.87 -0.57
CA GLU D 110 -35.05 -32.25 -1.06
C GLU D 110 -34.04 -31.12 -0.93
N ILE D 111 -34.48 -29.96 -0.47
CA ILE D 111 -33.62 -28.80 -0.33
C ILE D 111 -33.31 -28.54 1.10
N TRP D 112 -34.32 -28.53 1.93
CA TRP D 112 -34.10 -28.20 3.32
C TRP D 112 -33.77 -29.42 4.13
N ASP D 113 -33.81 -30.54 3.44
CA ASP D 113 -33.50 -31.83 3.98
C ASP D 113 -32.88 -32.59 2.83
N ASN D 114 -32.14 -33.63 3.14
CA ASN D 114 -31.47 -34.47 2.15
C ASN D 114 -30.38 -33.77 1.32
N MET D 115 -29.97 -32.57 1.73
CA MET D 115 -28.93 -31.82 1.04
C MET D 115 -28.31 -30.77 1.96
N THR D 116 -27.00 -30.54 1.81
CA THR D 116 -26.21 -29.57 2.58
C THR D 116 -26.06 -28.26 1.81
N TRP D 117 -25.58 -27.21 2.49
CA TRP D 117 -25.38 -25.93 1.82
C TRP D 117 -24.25 -25.95 0.80
N LEU D 118 -23.26 -26.81 1.02
CA LEU D 118 -22.17 -26.88 0.07
C LEU D 118 -22.69 -27.43 -1.25
N GLN D 119 -23.55 -28.44 -1.15
CA GLN D 119 -24.08 -29.05 -2.35
C GLN D 119 -25.00 -28.12 -3.09
N TRP D 120 -25.81 -27.41 -2.35
CA TRP D 120 -26.73 -26.47 -2.92
C TRP D 120 -26.00 -25.37 -3.65
N ASP D 121 -24.95 -24.85 -3.04
CA ASP D 121 -24.25 -23.77 -3.70
C ASP D 121 -23.75 -24.21 -5.04
N LYS D 122 -23.25 -25.43 -5.15
CA LYS D 122 -22.80 -25.85 -6.45
C LYS D 122 -23.99 -25.95 -7.41
N GLU D 123 -25.10 -26.50 -6.94
CA GLU D 123 -26.27 -26.72 -7.79
C GLU D 123 -26.80 -25.48 -8.48
N ILE D 124 -26.82 -24.36 -7.79
CA ILE D 124 -27.37 -23.15 -8.41
C ILE D 124 -26.34 -22.07 -8.68
N SER D 125 -25.08 -22.44 -8.76
CA SER D 125 -24.02 -21.46 -8.93
C SER D 125 -24.19 -20.49 -10.11
N ASN D 126 -24.66 -21.00 -11.27
CA ASN D 126 -24.80 -20.26 -12.54
C ASN D 126 -25.84 -19.14 -12.50
N TYR D 127 -26.77 -19.15 -11.51
CA TYR D 127 -27.87 -18.18 -11.41
C TYR D 127 -27.63 -17.15 -10.34
N THR D 128 -26.48 -17.16 -9.71
CA THR D 128 -26.26 -16.21 -8.62
C THR D 128 -26.42 -14.77 -9.05
N GLN D 129 -25.87 -14.41 -10.18
CA GLN D 129 -25.94 -13.02 -10.57
C GLN D 129 -27.34 -12.63 -10.99
N ILE D 130 -28.10 -13.57 -11.53
CA ILE D 130 -29.44 -13.27 -11.96
C ILE D 130 -30.28 -12.99 -10.76
N ILE D 131 -30.14 -13.84 -9.75
CA ILE D 131 -30.96 -13.67 -8.59
C ILE D 131 -30.63 -12.35 -7.93
N TYR D 132 -29.36 -12.03 -7.83
CA TYR D 132 -29.03 -10.78 -7.19
C TYR D 132 -29.61 -9.60 -7.94
N GLY D 133 -29.56 -9.60 -9.26
CA GLY D 133 -30.13 -8.48 -9.98
C GLY D 133 -31.62 -8.33 -9.72
N LEU D 134 -32.33 -9.45 -9.63
CA LEU D 134 -33.75 -9.39 -9.37
C LEU D 134 -34.04 -8.83 -8.01
N LEU D 135 -33.22 -9.17 -7.03
CA LEU D 135 -33.44 -8.68 -5.69
C LEU D 135 -33.28 -7.17 -5.66
N GLU D 136 -32.30 -6.65 -6.39
CA GLU D 136 -32.10 -5.22 -6.39
C GLU D 136 -33.27 -4.49 -7.02
N GLU D 137 -33.82 -5.04 -8.09
CA GLU D 137 -34.93 -4.37 -8.74
C GLU D 137 -36.15 -4.37 -7.86
N SER D 138 -36.40 -5.47 -7.16
CA SER D 138 -37.56 -5.50 -6.31
C SER D 138 -37.45 -4.44 -5.24
N GLN D 139 -36.27 -4.30 -4.63
CA GLN D 139 -36.18 -3.30 -3.59
C GLN D 139 -36.35 -1.91 -4.14
N ASN D 140 -35.86 -1.62 -5.34
CA ASN D 140 -36.03 -0.27 -5.83
C ASN D 140 -37.50 0.06 -5.99
N GLN D 141 -38.28 -0.90 -6.45
CA GLN D 141 -39.68 -0.60 -6.61
C GLN D 141 -40.35 -0.40 -5.27
N GLN D 142 -39.96 -1.18 -4.27
CA GLN D 142 -40.57 -1.02 -2.98
C GLN D 142 -40.26 0.31 -2.34
N GLU D 143 -39.03 0.82 -2.49
CA GLU D 143 -38.74 2.09 -1.87
C GLU D 143 -39.47 3.20 -2.59
N LYS D 144 -39.59 3.11 -3.91
CA LYS D 144 -40.31 4.15 -4.60
C LYS D 144 -41.76 4.14 -4.17
N ASN D 145 -42.34 2.96 -3.99
CA ASN D 145 -43.72 2.89 -3.61
C ASN D 145 -43.95 3.50 -2.22
N GLU D 146 -43.01 3.30 -1.30
CA GLU D 146 -43.19 3.89 0.01
C GLU D 146 -43.06 5.40 -0.07
N GLN D 147 -42.13 5.88 -0.89
CA GLN D 147 -41.97 7.32 -1.01
C GLN D 147 -43.25 7.95 -1.51
N ASP D 148 -43.92 7.29 -2.46
CA ASP D 148 -45.15 7.86 -2.96
C ASP D 148 -46.27 7.77 -1.94
N LEU D 149 -46.35 6.66 -1.21
CA LEU D 149 -47.43 6.49 -0.25
C LEU D 149 -47.39 7.53 0.85
N LEU D 150 -46.21 7.86 1.29
CA LEU D 150 -46.04 8.81 2.37
C LEU D 150 -46.32 10.24 1.95
N ALA D 151 -46.47 10.48 0.65
CA ALA D 151 -46.76 11.80 0.12
C ALA D 151 -48.25 12.00 -0.02
N LEU D 152 -49.03 10.96 0.27
CA LEU D 152 -50.50 11.06 0.16
C LEU D 152 -51.21 11.42 1.50
N ASP D 153 -50.43 11.68 2.57
CA ASP D 153 -50.85 11.99 3.94
C ASP D 153 -51.67 13.28 3.98
N GLU E 34 -38.88 -4.29 39.72
CA GLU E 34 -39.80 -5.34 39.32
C GLU E 34 -40.02 -5.27 37.80
N ASN E 35 -39.82 -6.43 37.11
CA ASN E 35 -40.00 -6.66 35.65
C ASN E 35 -39.24 -5.69 34.74
N LEU E 36 -37.99 -5.42 35.09
CA LEU E 36 -37.17 -4.54 34.25
C LEU E 36 -36.48 -5.41 33.26
N TRP E 37 -36.21 -4.83 32.11
CA TRP E 37 -35.59 -5.52 30.99
C TRP E 37 -34.24 -4.95 30.65
N VAL E 38 -33.41 -5.80 30.05
CA VAL E 38 -32.09 -5.41 29.58
C VAL E 38 -32.21 -4.52 28.37
N THR E 39 -31.54 -3.38 28.41
CA THR E 39 -31.53 -2.52 27.25
C THR E 39 -30.09 -2.26 26.90
N VAL E 40 -29.89 -1.84 25.68
CA VAL E 40 -28.57 -1.55 25.17
C VAL E 40 -28.45 -0.10 24.76
N TYR E 41 -27.39 0.54 25.24
CA TYR E 41 -27.13 1.92 24.90
C TYR E 41 -25.80 2.07 24.19
N TYR E 42 -25.81 2.77 23.08
CA TYR E 42 -24.57 2.96 22.38
C TYR E 42 -24.22 4.42 22.41
N GLY E 43 -22.98 4.72 22.75
CA GLY E 43 -22.53 6.09 22.87
C GLY E 43 -22.40 6.42 24.35
N VAL E 44 -22.24 5.40 25.18
CA VAL E 44 -22.10 5.61 26.60
C VAL E 44 -20.73 6.23 26.90
N PRO E 45 -20.62 7.36 27.63
CA PRO E 45 -19.38 8.07 27.92
C PRO E 45 -18.51 7.44 29.00
N VAL E 46 -17.98 6.25 28.73
CA VAL E 46 -17.11 5.54 29.66
C VAL E 46 -15.79 5.11 29.01
N TRP E 47 -14.79 4.78 29.84
CA TRP E 47 -13.48 4.40 29.33
C TRP E 47 -12.65 3.47 30.20
N LYS E 48 -11.59 2.92 29.58
CA LYS E 48 -10.62 2.05 30.24
C LYS E 48 -9.18 2.41 29.92
N ASP E 49 -8.26 2.06 30.80
CA ASP E 49 -6.85 2.33 30.55
C ASP E 49 -6.39 1.66 29.27
N ALA E 50 -5.62 2.34 28.42
CA ALA E 50 -5.19 1.70 27.18
C ALA E 50 -3.91 2.27 26.61
N GLU E 51 -3.24 1.48 25.78
CA GLU E 51 -2.02 1.95 25.16
C GLU E 51 -2.15 2.02 23.65
N THR E 52 -1.96 3.20 23.10
CA THR E 52 -2.05 3.37 21.65
C THR E 52 -0.96 4.25 21.12
N THR E 53 -0.96 4.40 19.80
CA THR E 53 -0.05 5.27 19.09
C THR E 53 -0.56 6.67 19.16
N LEU E 54 0.28 7.62 19.53
CA LEU E 54 -0.14 9.01 19.57
C LEU E 54 0.46 9.73 18.40
N PHE E 55 -0.27 10.70 17.85
CA PHE E 55 0.36 11.46 16.73
C PHE E 55 0.99 12.75 17.24
N CYS E 56 2.10 13.08 16.58
CA CYS E 56 2.96 14.22 16.86
C CYS E 56 2.44 15.43 16.10
N ALA E 57 2.17 16.50 16.82
CA ALA E 57 1.69 17.71 16.15
C ALA E 57 2.37 18.95 16.71
N SER E 58 2.49 19.98 15.88
CA SER E 58 3.14 21.21 16.31
C SER E 58 2.39 22.45 15.85
N ASP E 59 2.76 23.61 16.36
CA ASP E 59 2.08 24.82 15.89
C ASP E 59 2.81 25.23 14.62
N ALA E 60 2.16 25.08 13.46
CA ALA E 60 2.85 25.31 12.22
C ALA E 60 3.36 26.73 12.06
N LYS E 61 2.60 27.72 12.48
CA LYS E 61 3.10 29.07 12.23
C LYS E 61 4.38 29.32 13.01
N ALA E 62 4.49 28.66 14.15
CA ALA E 62 5.57 28.81 15.09
C ALA E 62 6.89 28.28 14.58
N TYR E 63 6.90 27.45 13.52
CA TYR E 63 8.22 27.04 13.10
C TYR E 63 8.87 28.17 12.33
N GLU E 64 8.08 29.15 11.86
CA GLU E 64 8.63 30.32 11.18
C GLU E 64 9.62 30.01 10.08
N THR E 65 9.25 29.09 9.18
CA THR E 65 10.04 28.62 8.02
C THR E 65 11.24 27.73 8.36
N LYS E 66 11.47 27.46 9.66
CA LYS E 66 12.61 26.65 10.06
C LYS E 66 12.31 25.18 9.84
N LYS E 67 12.34 24.81 8.57
CA LYS E 67 12.00 23.48 8.11
C LYS E 67 13.19 22.56 8.18
N HIS E 68 14.30 23.10 8.65
CA HIS E 68 15.52 22.35 8.84
C HIS E 68 15.62 21.95 10.29
N ASN E 69 14.60 22.29 11.08
CA ASN E 69 14.55 21.90 12.46
C ASN E 69 14.00 20.51 12.48
N VAL E 70 14.76 19.56 13.01
CA VAL E 70 14.33 18.16 12.97
C VAL E 70 12.98 17.94 13.61
N TRP E 71 12.68 18.75 14.61
CA TRP E 71 11.47 18.59 15.33
C TRP E 71 10.29 19.12 14.57
N ALA E 72 10.50 20.07 13.67
CA ALA E 72 9.37 20.62 12.95
C ALA E 72 9.11 19.82 11.71
N THR E 73 10.16 19.45 11.00
CA THR E 73 9.98 18.78 9.72
C THR E 73 9.37 17.42 9.89
N HIS E 74 9.65 16.77 11.01
CA HIS E 74 9.05 15.46 11.21
C HIS E 74 7.81 15.42 12.11
N CYS E 75 7.24 16.59 12.46
CA CYS E 75 6.08 16.74 13.32
C CYS E 75 5.39 17.90 12.62
N CYS E 76 5.17 17.61 11.35
CA CYS E 76 4.65 18.53 10.35
C CYS E 76 3.19 18.84 10.60
N VAL E 77 2.43 17.83 10.99
CA VAL E 77 1.01 18.03 11.14
C VAL E 77 0.77 19.11 12.17
N PRO E 78 -0.04 20.14 11.86
CA PRO E 78 -0.35 21.23 12.73
C PRO E 78 -1.31 20.83 13.83
N THR E 79 -1.25 21.53 14.93
CA THR E 79 -2.24 21.40 15.96
C THR E 79 -3.40 22.27 15.61
N ASP E 80 -4.52 22.02 16.27
CA ASP E 80 -5.66 22.88 16.10
C ASP E 80 -5.47 24.15 16.91
N PRO E 81 -5.94 25.30 16.42
CA PRO E 81 -6.01 26.54 17.16
C PRO E 81 -6.93 26.32 18.34
N ASN E 82 -6.67 27.02 19.43
CA ASN E 82 -7.52 26.94 20.60
C ASN E 82 -7.81 25.53 21.06
N PRO E 83 -6.82 24.72 21.47
CA PRO E 83 -7.06 23.37 21.93
C PRO E 83 -8.07 23.49 23.04
N GLN E 84 -9.03 22.59 23.05
CA GLN E 84 -10.09 22.63 24.04
C GLN E 84 -9.82 21.73 25.20
N GLU E 85 -10.43 22.07 26.32
CA GLU E 85 -10.35 21.28 27.52
C GLU E 85 -11.73 21.19 28.14
N ILE E 86 -12.14 19.99 28.47
CA ILE E 86 -13.46 19.78 29.03
C ILE E 86 -13.38 19.35 30.47
N HIS E 87 -13.76 20.19 31.40
CA HIS E 87 -13.63 19.75 32.78
C HIS E 87 -14.64 18.68 33.05
N LEU E 88 -14.28 17.63 33.76
CA LEU E 88 -15.28 16.64 34.06
C LEU E 88 -15.71 16.71 35.52
N GLU E 89 -16.83 17.34 35.78
CA GLU E 89 -17.24 17.50 37.15
C GLU E 89 -17.54 16.14 37.76
N ASN E 90 -17.14 15.95 39.04
CA ASN E 90 -17.36 14.75 39.86
C ASN E 90 -16.72 13.47 39.30
N VAL E 91 -15.66 13.60 38.44
CA VAL E 91 -14.91 12.45 37.91
C VAL E 91 -13.56 12.33 38.57
N THR E 92 -13.34 11.21 39.22
CA THR E 92 -12.08 10.94 39.90
C THR E 92 -11.37 9.90 39.09
N GLU E 93 -10.07 10.06 38.91
CA GLU E 93 -9.33 9.06 38.14
C GLU E 93 -7.95 8.81 38.73
N GLU E 94 -7.43 7.60 38.56
CA GLU E 94 -6.11 7.24 39.07
C GLU E 94 -4.99 7.38 38.05
N PHE E 95 -3.99 8.17 38.41
CA PHE E 95 -2.87 8.41 37.53
C PHE E 95 -1.63 7.74 38.11
N ASN E 96 -0.71 7.29 37.25
CA ASN E 96 0.55 6.72 37.73
C ASN E 96 1.67 7.03 36.77
N MET E 97 2.45 8.04 37.10
CA MET E 97 3.49 8.53 36.21
C MET E 97 4.65 7.57 36.00
N TRP E 98 4.79 6.57 36.84
CA TRP E 98 5.93 5.69 36.74
C TRP E 98 5.67 4.49 35.85
N LYS E 99 4.43 4.35 35.40
CA LYS E 99 4.03 3.22 34.56
C LYS E 99 3.31 3.75 33.33
N ASN E 100 3.53 5.01 33.04
CA ASN E 100 2.86 5.70 31.98
C ASN E 100 3.55 5.44 30.65
N ASN E 101 2.88 4.75 29.74
CA ASN E 101 3.50 4.35 28.49
C ASN E 101 3.71 5.50 27.54
N MET E 102 3.17 6.67 27.87
CA MET E 102 3.37 7.83 27.02
C MET E 102 4.82 8.19 27.05
N VAL E 103 5.49 7.90 28.17
CA VAL E 103 6.88 8.22 28.31
C VAL E 103 7.69 7.32 27.45
N GLU E 104 7.36 6.04 27.46
CA GLU E 104 8.12 5.11 26.69
C GLU E 104 7.96 5.42 25.22
N GLN E 105 6.74 5.80 24.82
CA GLN E 105 6.57 6.10 23.43
C GLN E 105 7.33 7.35 23.05
N MET E 106 7.34 8.37 23.89
CA MET E 106 8.07 9.58 23.56
C MET E 106 9.54 9.28 23.41
N HIS E 107 10.07 8.45 24.29
CA HIS E 107 11.47 8.08 24.27
C HIS E 107 11.82 7.39 22.98
N THR E 108 11.02 6.41 22.60
CA THR E 108 11.31 5.68 21.38
C THR E 108 11.23 6.58 20.17
N ASP E 109 10.21 7.44 20.09
CA ASP E 109 10.11 8.30 18.93
C ASP E 109 11.20 9.33 18.86
N ILE E 110 11.68 9.84 19.97
CA ILE E 110 12.77 10.77 19.87
C ILE E 110 13.99 10.09 19.31
N ILE E 111 14.29 8.89 19.78
CA ILE E 111 15.45 8.24 19.24
C ILE E 111 15.27 7.98 17.77
N SER E 112 14.10 7.51 17.37
CA SER E 112 13.89 7.23 15.98
C SER E 112 14.07 8.45 15.10
N LEU E 113 13.54 9.59 15.51
CA LEU E 113 13.69 10.77 14.68
C LEU E 113 15.12 11.20 14.61
N TRP E 114 15.82 11.07 15.71
CA TRP E 114 17.19 11.46 15.75
C TRP E 114 17.97 10.67 14.70
N ASP E 115 17.77 9.37 14.69
CA ASP E 115 18.48 8.53 13.74
C ASP E 115 18.10 8.80 12.32
N GLN E 116 16.84 9.10 12.05
CA GLN E 116 16.48 9.37 10.68
C GLN E 116 17.11 10.67 10.22
N SER E 117 17.20 11.63 11.11
CA SER E 117 17.75 12.93 10.76
C SER E 117 19.18 12.78 10.29
N LEU E 118 19.93 11.94 10.95
CA LEU E 118 21.33 11.73 10.61
C LEU E 118 21.55 10.70 9.54
N LYS E 119 20.51 10.05 9.07
CA LYS E 119 20.70 9.01 8.11
C LYS E 119 21.28 9.51 6.80
N PRO E 120 20.68 10.48 6.09
CA PRO E 120 21.14 10.93 4.80
C PRO E 120 22.28 11.94 4.87
N CYS E 121 23.44 11.56 5.45
CA CYS E 121 24.61 12.44 5.60
C CYS E 121 25.93 11.68 5.59
N VAL E 122 26.96 12.46 5.37
CA VAL E 122 28.33 12.03 5.21
C VAL E 122 28.89 11.27 6.37
N LYS E 123 29.52 10.16 6.04
CA LYS E 123 30.15 9.33 7.00
C LYS E 123 31.56 9.80 7.11
N LEU E 124 32.17 9.61 8.27
CA LEU E 124 33.54 10.03 8.43
C LEU E 124 34.48 8.87 8.55
N THR E 125 34.15 7.74 7.96
CA THR E 125 35.09 6.66 8.05
C THR E 125 36.46 7.01 7.42
N PRO E 126 36.57 7.83 6.34
CA PRO E 126 37.82 8.26 5.75
C PRO E 126 38.67 9.08 6.71
N LEU E 127 38.06 9.57 7.79
CA LEU E 127 38.73 10.39 8.79
C LEU E 127 39.48 9.56 9.85
N CYS E 128 39.21 8.23 9.97
CA CYS E 128 39.80 7.38 10.99
C CYS E 128 41.19 6.92 10.52
N VAL E 129 42.12 7.85 10.67
CA VAL E 129 43.50 7.75 10.23
C VAL E 129 44.39 8.08 11.39
N THR E 130 45.67 7.81 11.28
CA THR E 130 46.56 8.20 12.34
C THR E 130 46.75 9.70 12.30
N LEU E 131 46.66 10.35 13.44
CA LEU E 131 46.82 11.79 13.51
C LEU E 131 48.18 12.11 14.10
N GLN E 132 48.81 13.19 13.64
CA GLN E 132 50.05 13.67 14.26
C GLN E 132 49.73 14.99 14.97
N CYS E 133 49.69 14.98 16.32
CA CYS E 133 49.18 16.11 17.10
C CYS E 133 50.25 16.79 17.94
N THR E 134 50.06 18.08 18.11
CA THR E 134 50.85 18.92 19.00
C THR E 134 49.88 19.74 19.85
N ASN E 135 50.36 20.43 20.90
CA ASN E 135 49.54 21.28 21.78
C ASN E 135 49.18 22.61 21.11
N VAL E 136 47.98 23.14 21.43
CA VAL E 136 47.61 24.51 21.07
C VAL E 136 48.10 25.38 22.21
N THR E 137 49.09 26.20 21.92
CA THR E 137 49.75 27.02 22.93
C THR E 137 49.68 28.51 22.66
N ASN E 138 48.93 28.89 21.66
CA ASN E 138 48.88 30.28 21.27
C ASN E 138 47.85 31.11 21.99
N ASN E 139 48.33 32.02 22.84
CA ASN E 139 47.47 32.90 23.62
C ASN E 139 46.42 32.13 24.42
N ILE E 140 46.86 31.09 25.09
CA ILE E 140 45.94 30.26 25.83
C ILE E 140 46.13 30.39 27.31
N THR E 141 45.02 30.46 28.02
CA THR E 141 45.05 30.50 29.48
C THR E 141 45.53 29.21 30.10
N ASP E 142 45.99 29.31 31.34
CA ASP E 142 46.46 28.13 32.08
C ASP E 142 45.31 27.16 32.30
N ASP E 143 44.12 27.72 32.37
CA ASP E 143 42.90 26.99 32.62
C ASP E 143 42.55 25.99 31.50
N MET E 144 43.20 26.09 30.35
CA MET E 144 42.96 25.19 29.25
C MET E 144 44.24 24.67 28.69
N ARG E 145 45.28 24.62 29.50
CA ARG E 145 46.50 24.15 28.93
C ARG E 145 46.35 22.66 28.76
N GLY E 146 46.55 22.19 27.55
CA GLY E 146 46.40 20.79 27.21
C GLY E 146 44.97 20.43 26.80
N GLU E 147 44.07 21.40 26.81
CA GLU E 147 42.67 21.14 26.47
C GLU E 147 42.47 20.94 24.97
N LEU E 148 43.24 21.66 24.15
CA LEU E 148 43.10 21.56 22.72
C LEU E 148 44.35 21.02 22.08
N LYS E 149 44.17 20.22 21.04
CA LYS E 149 45.29 19.70 20.29
C LYS E 149 45.16 20.01 18.81
N ASN E 150 46.28 20.36 18.19
CA ASN E 150 46.43 20.68 16.78
C ASN E 150 46.93 19.45 16.02
N CYS E 151 46.01 18.78 15.29
CA CYS E 151 46.28 17.49 14.64
C CYS E 151 46.28 17.59 13.14
N SER E 152 47.33 17.07 12.54
CA SER E 152 47.45 17.03 11.10
C SER E 152 47.33 15.61 10.64
N PHE E 153 46.79 15.42 9.46
CA PHE E 153 46.62 14.08 8.95
C PHE E 153 46.47 14.00 7.44
N ASN E 154 46.69 12.78 6.89
CA ASN E 154 46.52 12.45 5.47
C ASN E 154 45.11 11.91 5.24
N MET E 155 44.28 12.67 4.49
CA MET E 155 42.88 12.35 4.18
C MET E 155 42.68 12.40 2.68
N THR E 156 41.67 11.69 2.20
CA THR E 156 41.37 11.57 0.81
C THR E 156 40.79 12.82 0.21
N THR E 157 40.74 12.82 -1.10
CA THR E 157 40.18 13.86 -1.93
C THR E 157 39.25 13.22 -2.93
N GLU E 158 38.78 13.94 -3.94
CA GLU E 158 37.82 13.30 -4.83
C GLU E 158 38.43 12.17 -5.64
N LEU E 159 39.60 12.38 -6.18
CA LEU E 159 40.23 11.34 -6.95
C LEU E 159 40.87 10.36 -5.99
N ARG E 160 40.68 9.07 -6.23
CA ARG E 160 41.23 8.07 -5.32
C ARG E 160 42.75 8.15 -5.20
N ASP E 161 43.38 8.48 -6.32
CA ASP E 161 44.80 8.57 -6.51
C ASP E 161 45.52 9.64 -5.71
N LYS E 162 44.81 10.66 -5.29
CA LYS E 162 45.47 11.74 -4.61
C LYS E 162 45.11 11.79 -3.15
N LYS E 163 46.03 12.31 -2.35
CA LYS E 163 45.78 12.50 -0.94
C LYS E 163 46.12 13.93 -0.61
N GLN E 164 45.55 14.45 0.47
CA GLN E 164 45.86 15.80 0.89
C GLN E 164 46.21 15.86 2.37
N LYS E 165 47.05 16.84 2.72
CA LYS E 165 47.38 17.03 4.13
C LYS E 165 46.57 18.16 4.70
N VAL E 166 45.83 17.87 5.75
CA VAL E 166 44.97 18.84 6.38
C VAL E 166 45.17 18.88 7.88
N TYR E 167 44.64 19.89 8.54
CA TYR E 167 44.70 19.90 10.00
C TYR E 167 43.41 20.45 10.58
N SER E 168 43.17 20.12 11.85
CA SER E 168 42.01 20.58 12.61
C SER E 168 42.36 20.63 14.09
N LEU E 169 41.69 21.49 14.85
CA LEU E 169 41.93 21.50 16.28
C LEU E 169 40.88 20.66 16.97
N PHE E 170 41.30 19.68 17.73
CA PHE E 170 40.36 18.82 18.41
C PHE E 170 40.38 19.04 19.88
N TYR E 171 39.25 18.81 20.50
CA TYR E 171 39.21 18.90 21.93
C TYR E 171 39.84 17.63 22.44
N ARG E 172 40.56 17.71 23.54
CA ARG E 172 41.23 16.54 24.07
C ARG E 172 40.31 15.37 24.33
N LEU E 173 39.09 15.62 24.73
CA LEU E 173 38.18 14.54 25.08
C LEU E 173 37.85 13.62 23.92
N ASP E 174 38.05 14.08 22.68
CA ASP E 174 37.76 13.29 21.49
C ASP E 174 38.96 12.57 20.89
N VAL E 175 40.14 12.76 21.49
CA VAL E 175 41.36 12.21 20.90
C VAL E 175 42.17 11.34 21.86
N VAL E 176 42.53 10.15 21.41
CA VAL E 176 43.26 9.18 22.24
C VAL E 176 44.65 8.84 21.75
N GLN E 177 45.61 8.86 22.66
CA GLN E 177 47.00 8.52 22.32
C GLN E 177 47.20 7.08 21.92
N ILE E 178 47.99 6.87 20.88
CA ILE E 178 48.33 5.54 20.42
C ILE E 178 49.68 5.16 21.03
N ASN E 179 49.73 4.08 21.82
CA ASN E 179 50.93 3.59 22.54
C ASN E 179 51.55 4.70 23.39
N ASN E 190 54.20 9.94 21.87
CA ASN E 190 53.28 10.95 22.43
C ASN E 190 52.67 11.91 21.37
N LYS E 191 53.03 11.74 20.07
CA LYS E 191 52.50 12.53 18.95
C LYS E 191 51.44 11.80 18.14
N GLU E 192 51.41 10.46 18.20
CA GLU E 192 50.41 9.76 17.41
C GLU E 192 49.14 9.54 18.19
N TYR E 193 48.04 9.98 17.61
CA TYR E 193 46.71 9.92 18.18
C TYR E 193 45.67 9.44 17.20
N ARG E 194 44.54 9.01 17.72
CA ARG E 194 43.42 8.62 16.88
C ARG E 194 42.13 9.19 17.42
N LEU E 195 41.11 9.26 16.59
CA LEU E 195 39.86 9.69 17.15
C LEU E 195 39.39 8.61 18.09
N ILE E 196 38.74 9.03 19.16
CA ILE E 196 38.28 8.16 20.21
C ILE E 196 37.41 7.00 19.81
N ASN E 197 36.63 7.12 18.73
CA ASN E 197 35.79 5.97 18.37
C ASN E 197 36.29 5.02 17.29
N CYS E 198 37.56 5.12 16.84
CA CYS E 198 38.07 4.23 15.78
C CYS E 198 38.03 2.76 16.13
N ASN E 199 38.11 2.42 17.39
CA ASN E 199 38.06 1.00 17.71
C ASN E 199 36.61 0.48 17.82
N THR E 200 35.73 1.26 18.49
CA THR E 200 34.35 0.93 18.83
C THR E 200 33.26 1.18 17.79
N SER E 201 33.28 2.31 17.09
CA SER E 201 32.14 2.60 16.23
C SER E 201 32.37 3.50 15.02
N ALA E 202 31.43 3.46 14.09
CA ALA E 202 31.49 4.37 12.97
C ALA E 202 31.01 5.73 13.42
N ILE E 203 31.52 6.77 12.78
CA ILE E 203 31.11 8.12 13.09
C ILE E 203 30.41 8.75 11.90
N THR E 204 29.26 9.33 12.14
CA THR E 204 28.48 10.04 11.13
C THR E 204 28.51 11.52 11.41
N GLN E 205 28.81 12.35 10.42
CA GLN E 205 28.81 13.79 10.74
C GLN E 205 27.40 14.26 10.71
N ALA E 206 27.04 15.06 11.69
CA ALA E 206 25.69 15.57 11.72
C ALA E 206 25.54 16.48 10.54
N CYS E 207 24.31 16.55 10.01
CA CYS E 207 23.95 17.36 8.86
C CYS E 207 24.11 18.85 9.27
N PRO E 208 24.93 19.63 8.56
CA PRO E 208 25.35 20.99 8.89
C PRO E 208 24.24 22.03 8.91
N LYS E 209 23.13 21.71 8.27
CA LYS E 209 22.03 22.66 8.22
C LYS E 209 20.90 22.30 9.15
N VAL E 210 21.00 21.15 9.82
CA VAL E 210 19.90 20.70 10.66
C VAL E 210 19.99 21.21 12.06
N SER E 211 18.90 21.78 12.52
CA SER E 211 18.83 22.29 13.85
C SER E 211 18.17 21.27 14.75
N PHE E 212 18.65 21.19 15.97
CA PHE E 212 18.05 20.30 16.94
C PHE E 212 17.36 21.08 18.04
N GLU E 213 17.18 22.38 17.84
CA GLU E 213 16.59 23.23 18.87
C GLU E 213 15.19 22.76 19.24
N PRO E 214 14.90 22.45 20.51
CA PRO E 214 13.61 21.99 20.97
C PRO E 214 12.53 22.97 20.65
N ILE E 215 11.38 22.47 20.25
CA ILE E 215 10.23 23.30 19.98
C ILE E 215 9.18 22.59 20.78
N PRO E 216 8.07 23.18 21.16
CA PRO E 216 7.03 22.45 21.83
C PRO E 216 6.46 21.41 20.89
N ILE E 217 6.23 20.22 21.41
CA ILE E 217 5.58 19.14 20.70
C ILE E 217 4.37 18.68 21.43
N HIS E 218 3.26 18.53 20.74
CA HIS E 218 2.03 18.11 21.37
C HIS E 218 1.70 16.68 20.99
N TYR E 219 1.32 15.86 21.96
CA TYR E 219 0.88 14.50 21.61
C TYR E 219 -0.63 14.45 21.56
N CYS E 220 -1.19 13.97 20.43
CA CYS E 220 -2.62 13.95 20.17
C CYS E 220 -3.16 12.52 20.09
N ALA E 221 -4.31 12.30 20.70
CA ALA E 221 -4.88 10.97 20.66
C ALA E 221 -5.55 10.74 19.31
N PRO E 222 -5.56 9.50 18.80
CA PRO E 222 -6.30 9.08 17.64
C PRO E 222 -7.77 8.99 18.02
N ALA E 223 -8.65 9.08 17.05
CA ALA E 223 -10.06 8.93 17.37
C ALA E 223 -10.29 7.59 18.02
N GLY E 224 -11.15 7.58 19.03
CA GLY E 224 -11.49 6.38 19.78
C GLY E 224 -10.81 6.40 21.13
N PHE E 225 -9.88 7.34 21.29
CA PHE E 225 -9.11 7.55 22.51
C PHE E 225 -9.21 8.98 22.99
N ALA E 226 -8.93 9.17 24.26
CA ALA E 226 -8.93 10.51 24.83
C ALA E 226 -7.82 10.66 25.82
N ILE E 227 -7.35 11.88 26.04
CA ILE E 227 -6.32 12.08 27.02
C ILE E 227 -6.89 12.76 28.24
N LEU E 228 -6.69 12.17 29.38
CA LEU E 228 -7.18 12.78 30.59
C LEU E 228 -6.05 13.51 31.24
N LYS E 229 -6.31 14.71 31.66
CA LYS E 229 -5.31 15.54 32.29
C LYS E 229 -5.66 15.77 33.76
N CYS E 230 -4.67 15.58 34.66
CA CYS E 230 -4.81 15.83 36.08
C CYS E 230 -4.38 17.26 36.38
N LYS E 231 -5.26 18.06 36.94
CA LYS E 231 -4.86 19.42 37.23
C LYS E 231 -4.79 19.70 38.73
N ASP E 232 -4.78 18.64 39.54
CA ASP E 232 -4.68 18.83 40.99
C ASP E 232 -3.39 19.50 41.34
N LYS E 233 -3.42 20.34 42.33
CA LYS E 233 -2.21 20.96 42.79
C LYS E 233 -1.60 20.01 43.77
N LYS E 234 -0.30 20.06 43.87
CA LYS E 234 0.42 19.21 44.79
C LYS E 234 0.15 17.73 44.51
N PHE E 235 0.09 17.39 43.24
CA PHE E 235 -0.11 16.02 42.84
C PHE E 235 1.25 15.32 42.85
N ASN E 236 1.36 14.20 43.59
CA ASN E 236 2.62 13.47 43.83
C ASN E 236 2.98 12.41 42.77
N GLY E 237 2.15 12.25 41.71
CA GLY E 237 2.37 11.32 40.59
C GLY E 237 1.67 9.97 40.67
N THR E 238 1.21 9.53 41.84
CA THR E 238 0.58 8.20 41.87
C THR E 238 -0.81 8.10 42.47
N GLY E 239 -1.30 9.14 43.12
CA GLY E 239 -2.59 8.97 43.77
C GLY E 239 -3.76 9.28 42.85
N PRO E 240 -5.00 9.13 43.36
CA PRO E 240 -6.22 9.49 42.69
C PRO E 240 -6.13 10.98 42.50
N CYS E 241 -6.66 11.50 41.40
CA CYS E 241 -6.72 12.90 41.04
C CYS E 241 -8.19 13.32 41.10
N THR E 242 -8.45 14.39 41.84
CA THR E 242 -9.79 14.93 42.02
C THR E 242 -10.29 15.79 40.85
N ASN E 243 -9.45 16.72 40.34
CA ASN E 243 -9.77 17.61 39.23
C ASN E 243 -9.20 17.04 37.92
N VAL E 244 -10.07 16.40 37.12
CA VAL E 244 -9.70 15.70 35.88
C VAL E 244 -10.45 16.32 34.73
N SER E 245 -9.75 16.59 33.66
CA SER E 245 -10.36 17.16 32.48
C SER E 245 -9.96 16.40 31.25
N THR E 246 -10.74 16.53 30.19
CA THR E 246 -10.42 15.84 28.96
C THR E 246 -9.85 16.75 27.91
N VAL E 247 -8.76 16.32 27.29
CA VAL E 247 -8.17 17.10 26.23
C VAL E 247 -7.97 16.28 24.98
N GLN E 248 -7.81 17.01 23.90
CA GLN E 248 -7.52 16.43 22.60
C GLN E 248 -6.04 16.05 22.41
N CYS E 249 -5.14 16.95 22.87
CA CYS E 249 -3.69 16.87 22.76
C CYS E 249 -3.12 17.36 24.07
N THR E 250 -1.88 16.99 24.33
CA THR E 250 -1.18 17.47 25.49
C THR E 250 -0.73 18.87 25.19
N HIS E 251 -0.27 19.58 26.20
CA HIS E 251 0.29 20.89 25.95
C HIS E 251 1.59 20.65 25.25
N GLY E 252 2.24 21.69 24.77
CA GLY E 252 3.48 21.41 24.11
C GLY E 252 4.55 21.14 25.14
N ILE E 253 5.38 20.16 24.86
CA ILE E 253 6.50 19.82 25.69
C ILE E 253 7.75 19.99 24.90
N LYS E 254 8.71 20.71 25.44
CA LYS E 254 9.94 20.85 24.67
C LYS E 254 10.82 19.64 24.96
N PRO E 255 11.30 18.90 23.96
CA PRO E 255 12.13 17.73 24.10
C PRO E 255 13.55 18.14 24.42
N VAL E 256 13.75 18.71 25.58
CA VAL E 256 15.05 19.17 25.99
C VAL E 256 15.84 18.01 26.52
N VAL E 257 17.07 17.87 26.07
CA VAL E 257 17.89 16.78 26.53
C VAL E 257 18.93 17.27 27.51
N SER E 258 18.90 16.76 28.73
CA SER E 258 19.85 17.18 29.76
C SER E 258 20.00 16.12 30.84
N THR E 259 21.02 16.29 31.68
CA THR E 259 21.28 15.43 32.82
C THR E 259 21.40 16.27 34.06
N GLN E 260 21.13 15.67 35.22
CA GLN E 260 21.23 16.29 36.55
C GLN E 260 20.25 17.43 36.77
N LEU E 261 20.33 18.46 35.98
CA LEU E 261 19.36 19.52 36.06
C LEU E 261 18.50 19.46 34.83
N LEU E 262 17.26 19.80 35.01
CA LEU E 262 16.28 19.84 33.95
C LEU E 262 16.05 21.26 33.57
N LEU E 263 16.25 21.54 32.31
CA LEU E 263 16.10 22.89 31.80
C LEU E 263 14.81 23.06 31.00
N ASN E 264 14.26 24.29 31.04
CA ASN E 264 13.12 24.81 30.27
C ASN E 264 11.85 23.95 30.37
N GLY E 265 11.54 23.39 31.55
CA GLY E 265 10.36 22.57 31.80
C GLY E 265 9.27 23.39 32.47
N SER E 266 8.30 22.69 33.02
CA SER E 266 7.20 23.35 33.68
C SER E 266 7.52 23.62 35.13
N LEU E 267 6.93 24.67 35.68
CA LEU E 267 7.08 24.94 37.10
C LEU E 267 5.87 24.54 37.89
N ALA E 268 6.10 24.23 39.15
CA ALA E 268 5.06 23.92 40.10
C ALA E 268 4.38 25.23 40.44
N GLU E 269 3.09 25.22 40.77
CA GLU E 269 2.49 26.52 41.10
C GLU E 269 2.41 26.86 42.58
N GLU E 270 2.42 25.86 43.47
CA GLU E 270 2.28 26.17 44.88
C GLU E 270 3.62 26.23 45.62
N GLU E 271 4.37 25.16 45.48
CA GLU E 271 5.64 25.02 46.16
C GLU E 271 6.43 23.95 45.46
N VAL E 272 7.64 23.71 45.91
CA VAL E 272 8.44 22.69 45.28
C VAL E 272 7.82 21.31 45.53
N ILE E 273 7.68 20.51 44.48
CA ILE E 273 7.07 19.20 44.65
C ILE E 273 8.07 18.08 44.45
N ILE E 274 8.16 17.19 45.42
CA ILE E 274 9.09 16.10 45.28
C ILE E 274 8.38 14.81 44.98
N ARG E 275 8.75 14.18 43.87
CA ARG E 275 8.09 12.96 43.45
C ARG E 275 9.06 11.83 43.25
N SER E 276 8.65 10.64 43.61
CA SER E 276 9.47 9.48 43.34
C SER E 276 8.57 8.30 43.30
N GLU E 277 9.02 7.22 42.69
CA GLU E 277 8.27 5.97 42.70
C GLU E 277 8.15 5.35 44.11
N ASN E 278 9.24 5.42 44.89
CA ASN E 278 9.43 4.89 46.24
C ASN E 278 10.47 5.78 46.94
N ILE E 279 10.07 6.53 48.01
CA ILE E 279 10.96 7.45 48.74
C ILE E 279 12.02 6.72 49.55
N THR E 280 11.56 5.67 50.23
CA THR E 280 12.37 4.82 51.10
C THR E 280 13.48 4.10 50.37
N ASN E 281 13.19 3.63 49.18
CA ASN E 281 14.16 2.87 48.41
C ASN E 281 15.17 3.81 47.73
N ASN E 282 16.43 3.73 48.14
CA ASN E 282 17.47 4.65 47.66
C ASN E 282 17.91 4.34 46.24
N ALA E 283 17.38 3.29 45.66
CA ALA E 283 17.72 2.95 44.30
C ALA E 283 16.88 3.74 43.29
N LYS E 284 15.88 4.46 43.77
CA LYS E 284 15.04 5.22 42.86
C LYS E 284 15.51 6.64 42.70
N ASN E 285 15.26 7.23 41.54
CA ASN E 285 15.59 8.61 41.33
C ASN E 285 14.48 9.47 41.90
N ILE E 286 14.85 10.61 42.44
CA ILE E 286 13.91 11.58 42.97
C ILE E 286 13.80 12.75 42.04
N LEU E 287 12.62 13.04 41.58
CA LEU E 287 12.44 14.13 40.65
C LEU E 287 11.87 15.32 41.40
N VAL E 288 12.55 16.44 41.32
CA VAL E 288 12.12 17.60 42.06
C VAL E 288 11.69 18.71 41.13
N GLN E 289 10.46 19.15 41.26
CA GLN E 289 9.96 20.22 40.42
C GLN E 289 9.92 21.53 41.16
N LEU E 290 10.64 22.51 40.64
CA LEU E 290 10.72 23.78 41.32
C LEU E 290 9.48 24.61 41.03
N ASN E 291 9.09 25.53 41.95
CA ASN E 291 7.98 26.46 41.76
C ASN E 291 8.41 27.80 41.11
N GLU E 292 9.69 28.20 41.26
CA GLU E 292 10.28 29.43 40.74
C GLU E 292 11.55 28.98 40.05
N SER E 293 11.78 29.45 38.84
CA SER E 293 12.94 29.05 38.07
C SER E 293 14.23 29.69 38.54
N VAL E 294 15.34 29.06 38.21
CA VAL E 294 16.65 29.63 38.50
C VAL E 294 17.35 29.88 37.18
N GLN E 295 17.76 31.09 36.92
CA GLN E 295 18.35 31.35 35.63
C GLN E 295 19.83 31.03 35.59
N ILE E 296 20.25 30.33 34.54
CA ILE E 296 21.64 29.94 34.29
C ILE E 296 22.15 30.49 32.94
N ASN E 297 23.30 31.21 32.94
CA ASN E 297 23.92 31.86 31.77
C ASN E 297 25.21 31.16 31.36
N CYS E 298 25.21 30.48 30.20
CA CYS E 298 26.34 29.66 29.73
C CYS E 298 26.96 30.22 28.47
N THR E 299 28.27 30.09 28.38
CA THR E 299 28.95 30.56 27.20
C THR E 299 30.21 29.84 26.81
N ARG E 300 30.50 29.91 25.52
CA ARG E 300 31.74 29.47 24.97
C ARG E 300 32.39 30.69 24.32
N PRO E 301 33.30 31.39 25.00
CA PRO E 301 33.89 32.67 24.62
C PRO E 301 34.83 32.66 23.42
N ASN E 302 35.30 31.50 23.02
CA ASN E 302 36.26 31.41 21.93
C ASN E 302 35.58 31.63 20.59
N ASN E 303 36.18 32.48 19.72
CA ASN E 303 35.67 32.82 18.39
C ASN E 303 36.25 31.86 17.33
N ASN E 304 35.51 30.78 17.01
CA ASN E 304 35.93 29.74 16.03
C ASN E 304 35.58 30.05 14.60
N THR E 305 36.51 29.69 13.71
CA THR E 305 36.34 29.78 12.27
C THR E 305 36.26 28.39 11.71
N ARG E 306 35.21 28.07 10.99
CA ARG E 306 35.05 26.72 10.49
C ARG E 306 35.74 26.51 9.16
N LYS E 307 36.32 25.33 8.97
CA LYS E 307 37.01 25.03 7.72
C LYS E 307 36.44 23.85 6.96
N SER E 308 35.97 24.12 5.74
CA SER E 308 35.36 23.08 4.94
C SER E 308 36.41 22.31 4.13
N ILE E 309 36.43 20.99 4.28
CA ILE E 309 37.37 20.12 3.59
C ILE E 309 36.67 19.12 2.69
N ARG E 310 37.08 19.02 1.44
CA ARG E 310 36.46 18.03 0.57
C ARG E 310 37.05 16.67 0.85
N ILE E 311 36.21 15.63 1.01
CA ILE E 311 36.77 14.31 1.30
C ILE E 311 36.43 13.25 0.25
N GLY E 312 35.50 13.55 -0.63
CA GLY E 312 35.13 12.60 -1.67
C GLY E 312 34.14 13.26 -2.61
N PRO E 313 33.64 12.56 -3.63
CA PRO E 313 32.74 13.14 -4.59
C PRO E 313 31.42 13.52 -3.96
N GLY E 314 31.26 14.81 -3.76
CA GLY E 314 30.05 15.38 -3.14
C GLY E 314 30.08 15.31 -1.62
N GLN E 315 31.18 14.85 -1.06
CA GLN E 315 31.28 14.69 0.37
C GLN E 315 32.17 15.72 1.00
N TRP E 316 31.65 16.39 2.00
CA TRP E 316 32.39 17.40 2.74
C TRP E 316 32.50 17.09 4.20
N PHE E 317 33.62 17.45 4.77
CA PHE E 317 33.88 17.37 6.18
C PHE E 317 34.05 18.73 6.79
N TYR E 318 33.44 18.95 7.92
CA TYR E 318 33.64 20.25 8.56
C TYR E 318 34.57 20.15 9.73
N ALA E 319 35.73 20.81 9.58
CA ALA E 319 36.84 20.88 10.53
C ALA E 319 36.70 22.12 11.37
N THR E 320 37.46 22.21 12.45
CA THR E 320 37.38 23.34 13.38
C THR E 320 38.22 24.54 13.05
N GLY E 321 39.04 24.47 12.02
CA GLY E 321 39.86 25.60 11.63
C GLY E 321 40.82 26.06 12.73
N ASP E 322 40.72 27.34 13.04
CA ASP E 322 41.53 28.03 14.04
C ASP E 322 40.71 28.99 14.89
N ILE E 323 41.25 29.34 16.04
CA ILE E 323 40.61 30.26 16.98
C ILE E 323 41.15 31.67 16.86
N ILE E 324 40.24 32.62 16.78
CA ILE E 324 40.55 34.02 16.73
C ILE E 324 40.52 34.60 18.12
N GLY E 325 41.61 35.23 18.52
CA GLY E 325 41.68 35.82 19.83
C GLY E 325 42.12 34.81 20.89
N ASP E 326 41.98 35.21 22.14
CA ASP E 326 42.43 34.42 23.28
C ASP E 326 41.61 33.17 23.46
N ILE E 327 42.22 32.15 24.03
CA ILE E 327 41.52 30.93 24.34
C ILE E 327 41.20 30.87 25.83
N ARG E 328 39.90 30.78 26.14
CA ARG E 328 39.36 30.79 27.50
C ARG E 328 38.35 29.66 27.75
N GLN E 329 38.11 29.30 29.01
CA GLN E 329 37.16 28.22 29.29
C GLN E 329 35.72 28.56 29.12
N ALA E 330 34.97 27.57 28.65
CA ALA E 330 33.54 27.63 28.61
C ALA E 330 33.06 27.55 30.03
N HIS E 331 32.00 28.24 30.36
CA HIS E 331 31.49 28.22 31.72
C HIS E 331 30.02 28.62 31.82
N CYS E 332 29.38 28.31 32.98
CA CYS E 332 28.00 28.68 33.33
C CYS E 332 27.93 29.43 34.66
N ASN E 333 27.14 30.49 34.67
CA ASN E 333 26.91 31.34 35.82
C ASN E 333 25.49 31.14 36.40
N VAL E 334 25.40 30.77 37.69
CA VAL E 334 24.16 30.57 38.45
C VAL E 334 24.10 31.58 39.58
N SER E 335 23.02 32.35 39.68
CA SER E 335 22.98 33.34 40.75
C SER E 335 23.10 32.65 42.07
N LYS E 336 24.00 33.11 42.91
CA LYS E 336 24.23 32.42 44.14
C LYS E 336 23.11 32.53 45.12
N ALA E 337 22.56 33.71 45.28
CA ALA E 337 21.51 33.85 46.27
C ALA E 337 20.28 33.05 45.88
N THR E 338 19.98 33.02 44.58
CA THR E 338 18.81 32.32 44.13
C THR E 338 19.02 30.85 44.35
N TRP E 339 20.20 30.34 44.01
CA TRP E 339 20.44 28.93 44.21
C TRP E 339 20.33 28.50 45.68
N ASN E 340 20.87 29.33 46.63
CA ASN E 340 20.83 29.06 48.06
C ASN E 340 19.38 28.97 48.57
N GLU E 341 18.48 29.89 48.09
CA GLU E 341 17.05 29.90 48.42
C GLU E 341 16.36 28.67 47.84
N THR E 342 16.77 28.29 46.64
CA THR E 342 16.18 27.15 45.99
C THR E 342 16.47 25.90 46.78
N LEU E 343 17.70 25.72 47.23
CA LEU E 343 17.94 24.53 48.01
C LEU E 343 17.20 24.61 49.31
N GLY E 344 17.09 25.77 49.93
CA GLY E 344 16.38 25.78 51.20
C GLY E 344 14.95 25.24 51.04
N LYS E 345 14.29 25.56 49.93
CA LYS E 345 12.94 25.04 49.69
C LYS E 345 12.94 23.54 49.46
N VAL E 346 13.91 23.05 48.72
CA VAL E 346 13.97 21.62 48.46
C VAL E 346 14.18 20.87 49.76
N VAL E 347 15.06 21.38 50.59
CA VAL E 347 15.36 20.76 51.84
C VAL E 347 14.15 20.71 52.71
N LYS E 348 13.40 21.80 52.80
CA LYS E 348 12.20 21.79 53.62
C LYS E 348 11.28 20.62 53.24
N GLN E 349 11.09 20.42 51.94
CA GLN E 349 10.20 19.35 51.51
C GLN E 349 10.83 17.98 51.79
N LEU E 350 12.15 17.87 51.67
CA LEU E 350 12.77 16.61 51.99
C LEU E 350 12.60 16.30 53.47
N ARG E 351 12.67 17.32 54.33
CA ARG E 351 12.51 17.11 55.77
C ARG E 351 11.12 16.58 56.07
N LYS E 352 10.11 17.03 55.34
CA LYS E 352 8.78 16.49 55.58
C LYS E 352 8.77 14.99 55.42
N HIS E 353 9.53 14.46 54.48
CA HIS E 353 9.57 13.02 54.29
C HIS E 353 10.65 12.30 55.12
N PHE E 354 11.75 12.98 55.43
CA PHE E 354 12.86 12.33 56.13
C PHE E 354 13.05 12.67 57.62
N GLY E 355 12.29 13.61 58.17
CA GLY E 355 12.33 13.98 59.58
C GLY E 355 12.82 15.42 59.84
N ASN E 356 12.18 16.10 60.83
CA ASN E 356 12.45 17.49 61.21
C ASN E 356 13.86 17.71 61.80
N ASN E 357 14.44 16.69 62.47
CA ASN E 357 15.76 16.76 63.10
C ASN E 357 16.78 16.02 62.27
N THR E 358 16.43 15.69 61.03
CA THR E 358 17.34 14.97 60.16
C THR E 358 18.18 15.97 59.42
N ILE E 359 19.48 15.75 59.42
CA ILE E 359 20.41 16.61 58.73
C ILE E 359 20.48 16.23 57.28
N ILE E 360 20.36 17.22 56.40
CA ILE E 360 20.43 16.96 54.98
C ILE E 360 21.63 17.55 54.33
N ARG E 361 22.41 16.69 53.72
CA ARG E 361 23.61 17.14 53.06
C ARG E 361 23.53 16.95 51.57
N PHE E 362 24.03 17.93 50.85
CA PHE E 362 24.16 17.83 49.43
C PHE E 362 25.62 17.63 49.12
N ALA E 363 25.86 16.80 48.14
CA ALA E 363 27.20 16.48 47.72
C ALA E 363 27.21 16.36 46.21
N ASN E 364 28.41 16.40 45.60
CA ASN E 364 28.57 16.28 44.16
C ASN E 364 28.41 14.81 43.72
N SER E 365 28.36 14.58 42.40
CA SER E 365 28.13 13.27 41.80
C SER E 365 29.27 12.28 41.98
N SER E 366 28.90 11.03 41.84
CA SER E 366 29.81 9.91 41.95
C SER E 366 30.56 9.78 40.66
N GLY E 367 31.57 8.92 40.62
CA GLY E 367 32.30 8.75 39.39
C GLY E 367 31.47 7.94 38.40
N GLY E 368 31.92 7.90 37.17
CA GLY E 368 31.21 7.20 36.12
C GLY E 368 31.43 7.92 34.81
N ASP E 369 30.66 7.58 33.81
CA ASP E 369 30.80 8.17 32.49
C ASP E 369 30.57 9.67 32.54
N LEU E 370 31.30 10.44 31.72
CA LEU E 370 31.14 11.91 31.71
C LEU E 370 29.70 12.31 31.48
N GLU E 371 29.03 11.56 30.63
CA GLU E 371 27.66 11.83 30.29
C GLU E 371 26.70 11.80 31.47
N VAL E 372 27.05 11.17 32.57
CA VAL E 372 26.18 11.12 33.74
C VAL E 372 26.78 11.82 34.96
N THR E 373 28.11 12.02 34.99
CA THR E 373 28.72 12.65 36.15
C THR E 373 28.63 14.15 36.04
N THR E 374 28.44 14.66 34.83
CA THR E 374 28.28 16.08 34.64
C THR E 374 26.96 16.41 33.98
N HIS E 375 26.64 17.68 34.04
CA HIS E 375 25.46 18.29 33.44
C HIS E 375 25.68 18.37 31.95
N SER E 376 24.64 18.22 31.14
CA SER E 376 24.81 18.28 29.68
C SER E 376 23.78 19.18 29.00
N PHE E 377 24.26 20.16 28.24
CA PHE E 377 23.37 21.13 27.60
C PHE E 377 22.87 20.94 26.19
N ASN E 378 23.71 20.51 25.26
CA ASN E 378 23.27 20.51 23.86
C ASN E 378 22.67 21.86 23.42
N CYS E 379 23.37 22.99 23.67
CA CYS E 379 22.88 24.33 23.38
C CYS E 379 23.81 25.06 22.42
N GLY E 380 23.20 25.69 21.43
CA GLY E 380 23.93 26.48 20.46
C GLY E 380 24.55 25.58 19.41
N GLY E 381 24.25 24.29 19.53
CA GLY E 381 24.80 23.28 18.66
C GLY E 381 26.08 22.66 19.24
N GLU E 382 26.49 23.07 20.45
CA GLU E 382 27.71 22.49 21.02
C GLU E 382 27.42 21.71 22.28
N PHE E 383 28.15 20.64 22.46
CA PHE E 383 27.86 19.84 23.61
C PHE E 383 28.73 20.15 24.78
N PHE E 384 28.12 20.89 25.68
CA PHE E 384 28.74 21.33 26.92
C PHE E 384 28.49 20.33 28.00
N TYR E 385 29.55 19.92 28.65
CA TYR E 385 29.53 19.03 29.81
C TYR E 385 30.03 19.88 30.97
N CYS E 386 29.17 20.18 31.97
CA CYS E 386 29.49 21.16 33.02
C CYS E 386 29.59 20.52 34.40
N ASN E 387 30.56 21.00 35.14
CA ASN E 387 30.86 20.53 36.47
C ASN E 387 29.98 21.25 37.51
N THR E 388 29.05 20.50 38.11
CA THR E 388 28.02 20.94 39.05
C THR E 388 28.43 20.80 40.49
N SER E 389 29.68 20.48 40.78
CA SER E 389 30.00 20.31 42.19
C SER E 389 29.80 21.59 42.98
N GLY E 390 29.91 22.74 42.33
CA GLY E 390 29.75 24.01 42.99
C GLY E 390 28.32 24.28 43.43
N LEU E 391 27.38 23.49 42.93
CA LEU E 391 26.00 23.66 43.29
C LEU E 391 25.56 22.72 44.42
N PHE E 392 26.34 21.69 44.72
CA PHE E 392 25.92 20.69 45.69
C PHE E 392 27.02 20.41 46.70
N ASN E 393 27.29 21.40 47.56
CA ASN E 393 28.36 21.39 48.56
C ASN E 393 27.88 22.15 49.80
N SER E 394 26.96 21.52 50.58
CA SER E 394 26.34 22.17 51.75
C SER E 394 25.72 21.20 52.73
N THR E 395 25.62 21.62 53.98
CA THR E 395 24.91 20.82 54.97
C THR E 395 23.83 21.68 55.60
N TRP E 396 22.62 21.19 55.59
CA TRP E 396 21.50 21.91 56.12
C TRP E 396 20.94 21.29 57.40
N ILE E 397 20.61 22.15 58.39
CA ILE E 397 19.99 21.82 59.68
C ILE E 397 19.82 23.13 60.45
N SER E 413 27.99 35.31 42.21
CA SER E 413 27.57 34.30 41.24
C SER E 413 28.48 33.07 41.37
N ILE E 414 27.91 31.87 41.13
CA ILE E 414 28.62 30.59 41.16
C ILE E 414 29.08 30.28 39.77
N THR E 415 30.37 30.03 39.59
CA THR E 415 30.84 29.74 38.25
C THR E 415 31.16 28.28 38.12
N LEU E 416 30.53 27.66 37.14
CA LEU E 416 30.71 26.25 36.86
C LEU E 416 31.57 26.15 35.60
N PRO E 417 32.74 25.55 35.62
CA PRO E 417 33.56 25.40 34.45
C PRO E 417 32.87 24.35 33.61
N CYS E 418 33.03 24.41 32.27
CA CYS E 418 32.47 23.47 31.30
C CYS E 418 33.51 23.01 30.27
N ARG E 419 33.25 21.86 29.68
CA ARG E 419 34.08 21.33 28.61
C ARG E 419 33.27 21.00 27.39
N ILE E 420 33.89 21.02 26.24
CA ILE E 420 33.20 20.70 25.00
C ILE E 420 33.69 19.42 24.41
N LYS E 421 32.76 18.58 24.01
CA LYS E 421 33.09 17.30 23.38
C LYS E 421 32.36 17.20 22.04
N GLN E 422 33.08 16.91 20.94
CA GLN E 422 32.44 16.86 19.63
C GLN E 422 31.91 15.50 19.20
N ILE E 423 32.49 14.40 19.69
CA ILE E 423 32.01 13.10 19.26
C ILE E 423 31.19 12.48 20.37
N ILE E 424 29.89 12.33 20.14
CA ILE E 424 29.02 11.89 21.23
C ILE E 424 28.10 10.70 20.96
N ASN E 425 27.58 10.12 22.06
CA ASN E 425 26.66 8.98 22.04
C ASN E 425 25.42 9.29 22.88
N MET E 426 24.48 10.02 22.32
CA MET E 426 23.40 10.57 23.11
C MET E 426 22.43 9.64 23.76
N TRP E 427 22.15 8.51 23.17
CA TRP E 427 21.10 7.71 23.75
C TRP E 427 21.60 6.54 24.54
N GLN E 428 22.87 6.61 24.95
CA GLN E 428 23.55 5.58 25.75
C GLN E 428 23.77 4.32 24.96
N ARG E 429 23.63 4.43 23.66
CA ARG E 429 23.85 3.33 22.77
C ARG E 429 25.30 3.29 22.41
N ILE E 430 25.80 2.12 22.07
CA ILE E 430 27.15 2.00 21.61
C ILE E 430 27.15 1.49 20.19
N GLY E 431 27.88 2.17 19.31
CA GLY E 431 27.95 1.74 17.91
C GLY E 431 27.56 2.84 16.93
N GLN E 432 26.83 3.83 17.39
CA GLN E 432 26.41 4.93 16.53
C GLN E 432 26.92 6.25 17.07
N ALA E 433 28.05 6.76 16.59
CA ALA E 433 28.54 8.00 17.17
C ALA E 433 28.26 9.15 16.23
N MET E 434 27.95 10.30 16.80
CA MET E 434 27.71 11.48 15.98
C MET E 434 28.82 12.48 16.12
N TYR E 435 29.26 13.07 15.01
CA TYR E 435 30.25 14.13 15.09
C TYR E 435 29.58 15.45 14.86
N ALA E 436 29.63 16.30 15.85
CA ALA E 436 29.00 17.57 15.70
C ALA E 436 29.91 18.48 14.89
N PRO E 437 29.43 19.14 13.84
CA PRO E 437 30.22 20.05 13.07
C PRO E 437 30.41 21.22 13.98
N PRO E 438 31.46 21.98 13.88
CA PRO E 438 31.72 23.17 14.63
C PRO E 438 30.72 24.25 14.37
N ILE E 439 30.47 25.03 15.40
CA ILE E 439 29.64 26.21 15.31
C ILE E 439 30.54 27.42 15.34
N GLN E 440 30.35 28.32 14.39
CA GLN E 440 31.23 29.50 14.29
C GLN E 440 30.83 30.61 15.22
N GLY E 441 31.82 31.40 15.61
CA GLY E 441 31.57 32.56 16.44
C GLY E 441 31.42 32.18 17.90
N VAL E 442 30.93 33.13 18.68
CA VAL E 442 30.77 32.98 20.12
C VAL E 442 29.37 32.59 20.48
N ILE E 443 29.25 31.62 21.36
CA ILE E 443 27.95 31.10 21.76
C ILE E 443 27.54 31.50 23.15
N ARG E 444 26.34 32.03 23.27
CA ARG E 444 25.80 32.33 24.58
C ARG E 444 24.37 31.81 24.67
N CYS E 445 24.03 31.15 25.79
CA CYS E 445 22.73 30.56 26.08
C CYS E 445 22.23 30.99 27.46
N VAL E 446 20.97 31.39 27.54
CA VAL E 446 20.40 31.64 28.85
C VAL E 446 19.21 30.74 29.02
N SER E 447 19.27 29.87 30.03
CA SER E 447 18.24 28.87 30.24
C SER E 447 17.63 28.94 31.64
N ASN E 448 16.43 28.35 31.80
CA ASN E 448 15.70 28.22 33.05
C ASN E 448 15.92 26.83 33.67
N ILE E 449 16.38 26.75 34.93
CA ILE E 449 16.47 25.48 35.67
C ILE E 449 15.11 25.32 36.29
N THR E 450 14.42 24.26 35.92
CA THR E 450 13.07 24.04 36.39
C THR E 450 12.98 22.83 37.29
N GLY E 451 13.99 21.99 37.28
CA GLY E 451 13.93 20.84 38.17
C GLY E 451 15.25 20.13 38.30
N LEU E 452 15.30 19.23 39.24
CA LEU E 452 16.49 18.45 39.56
C LEU E 452 16.24 16.96 39.58
N ILE E 453 17.25 16.17 39.25
CA ILE E 453 17.14 14.75 39.50
C ILE E 453 18.19 14.38 40.51
N LEU E 454 17.73 13.90 41.65
CA LEU E 454 18.61 13.54 42.75
C LEU E 454 18.52 12.09 43.14
N THR E 455 19.58 11.56 43.68
CA THR E 455 19.53 10.23 44.25
C THR E 455 19.95 10.37 45.69
N ARG E 456 19.65 9.38 46.49
CA ARG E 456 20.04 9.41 47.88
C ARG E 456 21.03 8.29 48.05
N ASP E 457 22.07 8.48 48.85
CA ASP E 457 23.04 7.40 48.93
C ASP E 457 22.52 6.17 49.63
N GLY E 458 21.85 6.40 50.74
CA GLY E 458 21.38 5.30 51.56
C GLY E 458 22.62 4.69 52.18
N GLY E 459 22.47 3.60 52.93
CA GLY E 459 23.63 2.87 53.46
C GLY E 459 24.25 3.47 54.72
N SER E 460 23.67 4.55 55.22
CA SER E 460 24.21 5.21 56.39
C SER E 460 23.83 4.44 57.64
N THR E 461 24.51 4.70 58.75
CA THR E 461 24.15 3.98 59.94
C THR E 461 23.00 4.65 60.65
N ASN E 462 21.94 3.87 60.82
CA ASN E 462 20.69 4.22 61.46
C ASN E 462 20.10 5.49 60.91
N SER E 463 20.28 5.74 59.61
CA SER E 463 19.76 6.95 58.99
C SER E 463 20.05 8.20 59.83
N THR E 464 21.26 8.33 60.42
CA THR E 464 21.51 9.49 61.26
C THR E 464 21.38 10.77 60.47
N THR E 465 21.97 10.79 59.27
CA THR E 465 21.92 11.91 58.35
C THR E 465 21.64 11.35 56.97
N GLU E 466 21.25 12.20 56.04
CA GLU E 466 21.02 11.75 54.67
C GLU E 466 21.86 12.57 53.70
N THR E 467 22.32 11.94 52.63
CA THR E 467 23.08 12.64 51.59
C THR E 467 22.44 12.46 50.23
N PHE E 468 22.31 13.58 49.52
CA PHE E 468 21.73 13.60 48.19
C PHE E 468 22.75 14.08 47.18
N ARG E 469 22.70 13.48 45.99
CA ARG E 469 23.61 13.84 44.93
C ARG E 469 22.85 13.98 43.63
N PRO E 470 23.31 14.79 42.68
CA PRO E 470 22.77 14.85 41.34
C PRO E 470 22.89 13.50 40.67
N GLY E 471 21.86 13.13 39.95
CA GLY E 471 21.83 11.88 39.23
C GLY E 471 21.09 12.00 37.92
N GLY E 472 20.31 10.99 37.58
CA GLY E 472 19.61 10.97 36.32
C GLY E 472 20.53 10.43 35.24
N GLY E 473 20.24 10.74 33.99
CA GLY E 473 20.98 10.20 32.86
C GLY E 473 20.11 9.29 32.00
N ASP E 474 19.06 8.75 32.59
CA ASP E 474 18.08 7.98 31.85
C ASP E 474 17.06 8.96 31.38
N MET E 475 17.00 9.15 30.10
CA MET E 475 16.17 10.15 29.47
C MET E 475 14.70 9.99 29.76
N ARG E 476 14.29 8.81 30.13
CA ARG E 476 12.91 8.62 30.43
C ARG E 476 12.47 9.54 31.55
N ASP E 477 13.36 9.85 32.49
CA ASP E 477 12.99 10.70 33.61
C ASP E 477 12.83 12.14 33.22
N ASN E 478 13.38 12.54 32.08
CA ASN E 478 13.20 13.92 31.71
C ASN E 478 11.79 14.07 31.21
N TRP E 479 11.32 13.00 30.57
CA TRP E 479 9.95 12.97 30.02
C TRP E 479 8.97 12.88 31.18
N ARG E 480 9.22 11.97 32.12
CA ARG E 480 8.29 11.71 33.20
C ARG E 480 7.99 12.99 33.94
N SER E 481 8.91 13.92 33.87
CA SER E 481 8.80 15.19 34.54
C SER E 481 7.78 16.11 33.89
N GLU E 482 7.37 15.82 32.65
CA GLU E 482 6.39 16.64 31.96
C GLU E 482 5.06 15.90 31.71
N LEU E 483 5.13 14.59 31.53
CA LEU E 483 3.98 13.77 31.19
C LEU E 483 3.25 13.18 32.38
N TYR E 484 3.65 13.54 33.57
CA TYR E 484 3.03 13.00 34.79
C TYR E 484 1.56 13.38 34.93
N LYS E 485 1.13 14.42 34.26
CA LYS E 485 -0.25 14.85 34.34
C LYS E 485 -1.15 14.20 33.31
N TYR E 486 -0.61 13.39 32.41
CA TYR E 486 -1.49 12.86 31.39
C TYR E 486 -1.66 11.36 31.39
N LYS E 487 -2.87 10.91 31.05
CA LYS E 487 -3.15 9.49 30.90
C LYS E 487 -3.97 9.22 29.64
N VAL E 488 -3.72 8.10 28.97
CA VAL E 488 -4.49 7.75 27.78
C VAL E 488 -5.50 6.65 28.02
N VAL E 489 -6.75 6.93 27.65
CA VAL E 489 -7.80 5.95 27.84
C VAL E 489 -8.55 5.66 26.55
N LYS E 490 -9.07 4.45 26.47
CA LYS E 490 -9.86 3.96 25.36
C LYS E 490 -11.30 4.17 25.65
N ILE E 491 -12.04 4.62 24.66
CA ILE E 491 -13.45 4.82 24.87
C ILE E 491 -14.17 3.55 24.50
N GLU E 492 -15.10 3.13 25.36
CA GLU E 492 -15.89 1.90 25.14
C GLU E 492 -17.38 2.18 25.18
N PRO E 493 -17.97 2.68 24.08
CA PRO E 493 -19.31 3.19 23.92
C PRO E 493 -20.45 2.22 24.12
N LEU E 494 -20.22 0.92 24.10
CA LEU E 494 -21.36 0.04 24.23
C LEU E 494 -21.63 -0.40 25.65
N GLY E 495 -22.80 -0.07 26.18
CA GLY E 495 -23.13 -0.44 27.54
C GLY E 495 -24.55 -1.01 27.68
N VAL E 496 -24.80 -1.64 28.82
CA VAL E 496 -26.07 -2.26 29.14
C VAL E 496 -26.63 -1.78 30.47
N ALA E 497 -27.94 -1.53 30.53
CA ALA E 497 -28.60 -1.10 31.77
C ALA E 497 -30.09 -1.52 31.77
N PRO E 498 -30.75 -1.72 32.94
CA PRO E 498 -32.16 -2.04 33.06
C PRO E 498 -33.05 -0.85 32.76
N THR E 499 -34.22 -1.12 32.18
CA THR E 499 -35.25 -0.10 31.92
C THR E 499 -36.67 -0.62 32.11
N ARG E 500 -37.59 0.30 32.42
CA ARG E 500 -39.00 -0.07 32.47
C ARG E 500 -39.65 -0.07 31.08
N CYS E 501 -39.26 -1.04 30.21
CA CYS E 501 -39.77 -1.24 28.85
C CYS E 501 -39.64 -2.69 28.44
N LYS E 502 -40.35 -3.08 27.41
CA LYS E 502 -40.23 -4.40 26.82
C LYS E 502 -40.40 -4.19 25.31
N ARG E 503 -39.80 -5.05 24.45
CA ARG E 503 -39.89 -4.94 22.99
C ARG E 503 -41.23 -5.53 22.52
N GLY F 10 -19.10 19.02 24.62
CA GLY F 10 -17.80 18.40 24.66
C GLY F 10 -17.96 16.88 24.65
N PHE F 11 -17.02 16.16 23.99
CA PHE F 11 -17.04 14.69 23.78
C PHE F 11 -17.25 13.83 25.04
N LEU F 12 -16.52 14.08 26.11
CA LEU F 12 -16.79 13.30 27.32
C LEU F 12 -17.46 14.18 28.36
N GLY F 13 -18.08 15.27 27.94
CA GLY F 13 -18.67 16.21 28.88
C GLY F 13 -19.70 15.58 29.79
N ALA F 14 -20.39 14.57 29.32
CA ALA F 14 -21.42 13.90 30.10
C ALA F 14 -20.87 12.86 31.06
N ALA F 15 -19.56 12.66 31.10
CA ALA F 15 -19.00 11.61 31.94
C ALA F 15 -19.41 11.77 33.40
N GLY F 16 -19.53 13.00 33.87
CA GLY F 16 -19.88 13.23 35.26
C GLY F 16 -21.39 13.36 35.51
N SER F 17 -22.19 13.21 34.47
CA SER F 17 -23.63 13.36 34.59
C SER F 17 -24.25 12.04 35.01
N THR F 18 -25.46 12.08 35.51
CA THR F 18 -26.05 10.83 35.90
C THR F 18 -26.43 10.01 34.68
N MET F 19 -26.67 8.73 34.84
CA MET F 19 -26.94 7.89 33.67
C MET F 19 -28.08 8.36 32.83
N GLY F 20 -29.18 8.74 33.46
CA GLY F 20 -30.36 9.18 32.76
C GLY F 20 -30.25 10.57 32.19
N ALA F 21 -29.19 11.29 32.53
CA ALA F 21 -28.96 12.61 32.01
C ALA F 21 -27.96 12.53 30.88
N ALA F 22 -26.97 11.66 31.04
CA ALA F 22 -25.93 11.45 30.07
C ALA F 22 -26.52 10.92 28.80
N SER F 23 -27.57 10.11 28.96
CA SER F 23 -28.27 9.46 27.87
C SER F 23 -28.95 10.43 26.96
N MET F 24 -29.08 11.69 27.36
CA MET F 24 -29.70 12.68 26.51
C MET F 24 -28.80 13.00 25.33
N THR F 25 -27.49 12.78 25.47
CA THR F 25 -26.55 13.09 24.41
C THR F 25 -25.61 11.94 24.13
N LEU F 26 -26.12 10.91 23.47
CA LEU F 26 -25.32 9.74 23.12
C LEU F 26 -24.74 9.87 21.72
N THR F 27 -25.40 10.67 20.89
CA THR F 27 -25.06 10.81 19.50
C THR F 27 -23.65 11.34 19.30
N VAL F 28 -23.23 12.29 20.12
CA VAL F 28 -21.90 12.87 19.95
C VAL F 28 -20.78 11.86 20.16
N GLN F 29 -20.97 10.90 21.06
CA GLN F 29 -19.90 9.96 21.26
C GLN F 29 -19.87 9.03 20.08
N ALA F 30 -21.04 8.66 19.58
CA ALA F 30 -21.07 7.77 18.46
C ALA F 30 -20.41 8.40 17.22
N ARG F 31 -20.63 9.69 17.00
CA ARG F 31 -20.09 10.36 15.82
C ARG F 31 -18.59 10.50 15.86
N ASN F 32 -18.05 10.83 17.02
CA ASN F 32 -16.63 11.08 17.14
C ASN F 32 -15.77 9.94 16.68
N LEU F 33 -16.26 8.72 16.83
CA LEU F 33 -15.50 7.55 16.50
C LEU F 33 -15.05 7.50 15.05
N LEU F 34 -15.86 7.99 14.11
CA LEU F 34 -15.45 7.97 12.71
C LEU F 34 -15.12 9.34 12.17
N SER F 35 -15.84 10.36 12.63
CA SER F 35 -15.66 11.68 12.07
C SER F 35 -14.30 12.19 12.42
N GLY F 36 -13.81 11.82 13.61
CA GLY F 36 -12.51 12.24 14.03
C GLY F 36 -11.44 11.63 13.13
N ILE F 37 -11.66 10.42 12.63
CA ILE F 37 -10.64 9.77 11.83
C ILE F 37 -10.50 10.47 10.51
N VAL F 38 -11.63 10.75 9.88
CA VAL F 38 -11.58 11.36 8.57
C VAL F 38 -11.03 12.78 8.69
N GLN F 39 -11.47 13.55 9.67
CA GLN F 39 -10.97 14.89 9.75
C GLN F 39 -9.47 14.90 10.08
N GLN F 40 -9.00 14.03 10.99
CA GLN F 40 -7.59 14.03 11.34
C GLN F 40 -6.68 13.64 10.19
N GLN F 41 -7.12 12.70 9.39
CA GLN F 41 -6.30 12.24 8.29
C GLN F 41 -6.36 13.12 7.05
N SER F 42 -7.52 13.71 6.76
CA SER F 42 -7.68 14.51 5.55
C SER F 42 -7.61 16.03 5.73
N ASN F 43 -8.41 16.55 6.66
CA ASN F 43 -8.59 17.98 6.83
C ASN F 43 -7.50 18.63 7.66
N LEU F 44 -6.97 17.88 8.61
CA LEU F 44 -5.91 18.34 9.48
C LEU F 44 -4.59 18.35 8.69
N LEU F 45 -4.45 17.34 7.82
CA LEU F 45 -3.24 17.17 6.98
C LEU F 45 -3.32 18.10 5.76
N ARG F 46 -3.23 19.40 6.02
CA ARG F 46 -3.37 20.46 5.04
C ARG F 46 -2.15 20.77 4.21
N ALA F 47 -0.98 20.62 4.80
CA ALA F 47 0.23 20.96 4.10
C ALA F 47 0.72 19.74 3.33
N PRO F 48 0.77 19.77 1.98
CA PRO F 48 1.09 18.61 1.17
C PRO F 48 2.49 18.10 1.44
N GLU F 49 3.38 18.97 1.91
CA GLU F 49 4.71 18.53 2.21
C GLU F 49 4.82 17.60 3.42
N CYS F 50 3.76 17.55 4.31
CA CYS F 50 3.72 16.71 5.48
C CYS F 50 3.61 15.29 5.02
N GLN F 51 2.71 15.04 4.09
CA GLN F 51 2.58 13.66 3.72
C GLN F 51 3.80 13.25 2.92
N GLN F 52 4.32 14.17 2.11
CA GLN F 52 5.45 13.77 1.30
C GLN F 52 6.66 13.41 2.14
N HIS F 53 6.88 14.16 3.21
CA HIS F 53 8.00 13.88 4.09
C HIS F 53 7.70 12.68 4.99
N LEU F 54 6.50 12.61 5.55
CA LEU F 54 6.17 11.56 6.50
C LEU F 54 6.16 10.18 5.84
N LEU F 55 5.93 10.11 4.55
CA LEU F 55 5.98 8.84 3.83
C LEU F 55 7.40 8.28 3.78
N LYS F 56 8.40 9.08 4.15
CA LYS F 56 9.77 8.62 4.17
C LYS F 56 10.09 7.92 5.49
N LEU F 57 9.21 8.05 6.46
CA LEU F 57 9.40 7.41 7.75
C LEU F 57 8.60 6.14 7.68
N THR F 58 9.23 5.07 7.23
CA THR F 58 8.47 3.87 6.97
C THR F 58 7.79 3.36 8.21
N VAL F 59 8.49 3.37 9.33
CA VAL F 59 7.88 2.86 10.54
C VAL F 59 6.71 3.71 10.97
N TRP F 60 6.81 5.03 10.93
CA TRP F 60 5.66 5.80 11.35
C TRP F 60 4.49 5.55 10.43
N GLY F 61 4.74 5.38 9.13
CA GLY F 61 3.68 5.13 8.20
C GLY F 61 2.93 3.87 8.58
N ILE F 62 3.66 2.79 8.85
CA ILE F 62 3.01 1.56 9.21
C ILE F 62 2.31 1.67 10.54
N LYS F 63 2.91 2.29 11.54
CA LYS F 63 2.22 2.36 12.82
C LYS F 63 0.93 3.14 12.74
N GLN F 64 0.93 4.24 11.99
CA GLN F 64 -0.27 5.04 11.91
C GLN F 64 -1.35 4.30 11.15
N LEU F 65 -0.98 3.55 10.10
CA LEU F 65 -2.01 2.77 9.45
C LEU F 65 -2.55 1.72 10.36
N GLN F 66 -1.72 1.08 11.16
CA GLN F 66 -2.26 0.06 12.01
C GLN F 66 -3.27 0.68 12.96
N ALA F 67 -2.99 1.87 13.46
CA ALA F 67 -3.93 2.50 14.36
C ALA F 67 -5.27 2.79 13.68
N ARG F 68 -5.23 3.28 12.43
CA ARG F 68 -6.49 3.61 11.72
C ARG F 68 -7.26 2.33 11.44
N VAL F 69 -6.58 1.31 10.95
CA VAL F 69 -7.24 0.09 10.55
C VAL F 69 -7.90 -0.51 11.74
N LEU F 70 -7.21 -0.53 12.87
CA LEU F 70 -7.80 -1.09 14.05
C LEU F 70 -9.00 -0.29 14.50
N ALA F 71 -8.94 1.04 14.42
CA ALA F 71 -10.11 1.80 14.83
C ALA F 71 -11.32 1.39 14.02
N VAL F 72 -11.13 1.14 12.73
CA VAL F 72 -12.22 0.70 11.89
C VAL F 72 -12.69 -0.68 12.28
N GLU F 73 -11.77 -1.60 12.52
CA GLU F 73 -12.15 -2.94 12.89
C GLU F 73 -12.95 -2.97 14.17
N ARG F 74 -12.58 -2.14 15.15
CA ARG F 74 -13.33 -2.12 16.37
C ARG F 74 -14.69 -1.50 16.17
N TYR F 75 -14.78 -0.46 15.36
CA TYR F 75 -16.06 0.13 15.09
C TYR F 75 -16.99 -0.89 14.49
N LEU F 76 -16.51 -1.60 13.48
CA LEU F 76 -17.35 -2.56 12.83
C LEU F 76 -17.70 -3.70 13.72
N ARG F 77 -16.80 -4.15 14.58
CA ARG F 77 -17.18 -5.25 15.44
C ARG F 77 -18.33 -4.84 16.32
N ASP F 78 -18.32 -3.62 16.86
CA ASP F 78 -19.44 -3.22 17.69
C ASP F 78 -20.71 -3.09 16.87
N GLN F 79 -20.62 -2.61 15.64
CA GLN F 79 -21.83 -2.52 14.86
C GLN F 79 -22.38 -3.88 14.49
N GLN F 80 -21.51 -4.85 14.21
CA GLN F 80 -21.98 -6.16 13.86
C GLN F 80 -22.71 -6.73 15.03
N LEU F 81 -22.19 -6.50 16.22
CA LEU F 81 -22.79 -7.06 17.38
C LEU F 81 -24.17 -6.48 17.61
N LEU F 82 -24.32 -5.17 17.44
CA LEU F 82 -25.64 -4.60 17.61
C LEU F 82 -26.59 -5.16 16.58
N GLY F 83 -26.10 -5.38 15.37
CA GLY F 83 -26.95 -5.95 14.34
C GLY F 83 -27.43 -7.34 14.72
N ILE F 84 -26.55 -8.17 15.26
CA ILE F 84 -26.90 -9.53 15.65
C ILE F 84 -27.97 -9.53 16.68
N TRP F 85 -27.89 -8.61 17.62
CA TRP F 85 -28.86 -8.49 18.71
C TRP F 85 -30.18 -7.84 18.30
N GLY F 86 -30.29 -7.38 17.06
CA GLY F 86 -31.48 -6.70 16.60
C GLY F 86 -31.61 -5.23 17.01
N CYS F 87 -30.49 -4.53 17.27
CA CYS F 87 -30.40 -3.15 17.71
C CYS F 87 -29.81 -2.27 16.62
N SER F 88 -29.82 -2.77 15.40
CA SER F 88 -29.22 -2.02 14.33
C SER F 88 -29.89 -0.69 14.11
N GLY F 89 -29.08 0.33 13.94
CA GLY F 89 -29.59 1.64 13.63
C GLY F 89 -30.08 2.43 14.82
N LYS F 90 -29.96 1.89 16.02
CA LYS F 90 -30.47 2.61 17.18
C LYS F 90 -29.40 2.97 18.18
N LEU F 91 -29.57 4.10 18.87
CA LEU F 91 -28.65 4.39 19.96
C LEU F 91 -29.25 3.84 21.23
N ILE F 92 -30.58 3.77 21.25
CA ILE F 92 -31.32 3.21 22.37
C ILE F 92 -32.08 2.00 21.85
N CYS F 93 -31.84 0.80 22.42
CA CYS F 93 -32.48 -0.46 22.02
C CYS F 93 -33.00 -1.21 23.23
N CYS F 94 -34.27 -1.60 23.18
CA CYS F 94 -34.89 -2.31 24.26
C CYS F 94 -35.13 -3.74 23.79
N THR F 95 -34.71 -4.75 24.56
CA THR F 95 -34.96 -6.11 24.10
C THR F 95 -35.60 -7.01 25.12
N ASN F 96 -36.01 -8.19 24.67
CA ASN F 96 -36.69 -9.13 25.53
C ASN F 96 -35.81 -10.14 26.23
N VAL F 97 -34.95 -9.61 27.07
CA VAL F 97 -34.11 -10.36 27.96
C VAL F 97 -34.35 -9.72 29.33
N PRO F 98 -34.89 -10.42 30.32
CA PRO F 98 -35.24 -9.85 31.59
C PRO F 98 -34.01 -9.53 32.35
N TRP F 99 -34.08 -8.54 33.21
CA TRP F 99 -32.95 -8.22 34.04
C TRP F 99 -32.89 -9.17 35.25
N ASN F 100 -31.71 -9.77 35.50
CA ASN F 100 -31.39 -10.68 36.61
C ASN F 100 -30.75 -9.86 37.75
N SER F 101 -31.31 -9.98 38.98
CA SER F 101 -30.90 -9.26 40.21
C SER F 101 -29.48 -9.61 40.64
N THR F 102 -28.99 -10.72 40.11
CA THR F 102 -27.64 -11.13 40.38
C THR F 102 -26.70 -10.11 39.78
N TRP F 103 -27.03 -9.61 38.58
CA TRP F 103 -26.16 -8.69 37.89
C TRP F 103 -26.14 -7.41 38.68
N SER F 104 -27.32 -7.00 39.11
CA SER F 104 -27.46 -5.84 39.96
C SER F 104 -28.79 -5.85 40.67
N ASN F 105 -28.76 -5.82 42.01
CA ASN F 105 -29.98 -5.83 42.82
C ASN F 105 -30.14 -4.54 43.57
N ARG F 106 -30.93 -3.66 43.02
CA ARG F 106 -31.17 -2.35 43.58
C ARG F 106 -32.35 -1.74 42.82
N ASN F 107 -32.83 -0.58 43.28
CA ASN F 107 -33.92 0.18 42.66
C ASN F 107 -33.43 0.87 41.40
N LEU F 108 -34.36 1.01 40.44
CA LEU F 108 -34.15 1.69 39.14
C LEU F 108 -34.04 3.22 39.29
N SER F 109 -34.44 3.77 40.45
CA SER F 109 -34.08 5.11 40.81
C SER F 109 -32.59 5.28 41.09
N GLU F 110 -32.02 4.38 41.91
CA GLU F 110 -30.59 4.45 42.21
C GLU F 110 -29.75 4.25 40.97
N ILE F 111 -30.18 3.36 40.10
CA ILE F 111 -29.38 3.10 38.92
C ILE F 111 -29.45 4.17 37.88
N TRP F 112 -30.65 4.65 37.53
CA TRP F 112 -30.64 5.60 36.40
C TRP F 112 -30.19 6.97 36.84
N ASP F 113 -30.56 7.34 38.05
CA ASP F 113 -30.25 8.72 38.37
C ASP F 113 -29.40 8.80 39.64
N ASN F 114 -28.71 9.90 39.79
CA ASN F 114 -27.82 10.18 40.92
C ASN F 114 -26.61 9.22 40.98
N MET F 115 -26.30 8.60 39.85
CA MET F 115 -25.16 7.71 39.66
C MET F 115 -24.66 7.90 38.24
N THR F 116 -23.35 7.86 38.02
CA THR F 116 -22.79 8.04 36.67
C THR F 116 -22.54 6.74 35.93
N TRP F 117 -22.30 6.82 34.61
CA TRP F 117 -22.05 5.62 33.81
C TRP F 117 -20.76 4.91 34.12
N LEU F 118 -19.76 5.66 34.56
CA LEU F 118 -18.49 5.07 34.89
C LEU F 118 -18.67 4.14 36.06
N GLN F 119 -19.49 4.56 37.01
CA GLN F 119 -19.71 3.77 38.20
C GLN F 119 -20.47 2.53 37.84
N TRP F 120 -21.43 2.69 36.95
CA TRP F 120 -22.24 1.59 36.52
C TRP F 120 -21.45 0.52 35.84
N ASP F 121 -20.57 0.92 34.94
CA ASP F 121 -19.80 -0.06 34.23
C ASP F 121 -18.91 -0.83 35.19
N LYS F 122 -18.35 -0.14 36.18
CA LYS F 122 -17.51 -0.85 37.10
C LYS F 122 -18.30 -1.88 37.88
N GLU F 123 -19.55 -1.56 38.27
CA GLU F 123 -20.36 -2.51 39.01
C GLU F 123 -20.81 -3.74 38.21
N ILE F 124 -21.15 -3.57 36.93
CA ILE F 124 -21.58 -4.73 36.15
C ILE F 124 -20.41 -5.65 35.91
N SER F 125 -19.27 -5.09 35.59
CA SER F 125 -18.07 -5.90 35.49
C SER F 125 -18.21 -7.15 34.55
N ASN F 126 -17.86 -8.35 35.09
CA ASN F 126 -17.78 -9.65 34.43
C ASN F 126 -19.14 -10.25 34.02
N TYR F 127 -20.29 -9.60 34.36
CA TYR F 127 -21.63 -10.07 33.96
C TYR F 127 -21.90 -9.75 32.48
N THR F 128 -21.05 -8.91 31.90
CA THR F 128 -21.21 -8.49 30.52
C THR F 128 -21.21 -9.66 29.54
N GLN F 129 -20.33 -10.62 29.73
CA GLN F 129 -20.26 -11.72 28.77
C GLN F 129 -21.53 -12.56 28.77
N ILE F 130 -22.15 -12.70 29.93
CA ILE F 130 -23.35 -13.49 30.07
C ILE F 130 -24.46 -12.82 29.32
N ILE F 131 -24.56 -11.51 29.51
CA ILE F 131 -25.61 -10.78 28.86
C ILE F 131 -25.48 -10.86 27.36
N TYR F 132 -24.28 -10.72 26.84
CA TYR F 132 -24.17 -10.76 25.39
C TYR F 132 -24.61 -12.09 24.83
N GLY F 133 -24.26 -13.20 25.47
CA GLY F 133 -24.71 -14.47 24.93
C GLY F 133 -26.23 -14.59 24.91
N LEU F 134 -26.88 -14.06 25.96
CA LEU F 134 -28.33 -14.12 26.03
C LEU F 134 -28.99 -13.31 24.92
N LEU F 135 -28.41 -12.16 24.63
CA LEU F 135 -28.98 -11.30 23.62
C LEU F 135 -28.93 -11.96 22.26
N GLU F 136 -27.84 -12.66 21.96
CA GLU F 136 -27.71 -13.30 20.65
C GLU F 136 -28.73 -14.41 20.46
N GLU F 137 -28.97 -15.21 21.50
CA GLU F 137 -29.92 -16.28 21.30
C GLU F 137 -31.33 -15.75 21.14
N SER F 138 -31.67 -14.71 21.89
CA SER F 138 -33.00 -14.19 21.80
C SER F 138 -33.30 -13.70 20.40
N GLN F 139 -32.35 -13.01 19.77
CA GLN F 139 -32.65 -12.53 18.44
C GLN F 139 -32.83 -13.68 17.47
N ASN F 140 -32.08 -14.75 17.61
CA ASN F 140 -32.27 -15.82 16.66
C ASN F 140 -33.66 -16.42 16.76
N GLN F 141 -34.20 -16.47 17.97
CA GLN F 141 -35.52 -17.02 18.08
C GLN F 141 -36.54 -16.09 17.42
N GLN F 142 -36.32 -14.78 17.55
CA GLN F 142 -37.24 -13.86 16.93
C GLN F 142 -37.21 -13.92 15.43
N GLU F 143 -36.02 -14.09 14.84
CA GLU F 143 -35.98 -14.15 13.39
C GLU F 143 -36.67 -15.39 12.87
N LYS F 144 -36.51 -16.51 13.56
CA LYS F 144 -37.18 -17.68 13.07
C LYS F 144 -38.68 -17.49 13.15
N ASN F 145 -39.17 -16.89 14.23
CA ASN F 145 -40.59 -16.75 14.34
C ASN F 145 -41.16 -15.85 13.26
N GLU F 146 -40.44 -14.78 12.89
CA GLU F 146 -40.97 -13.93 11.84
C GLU F 146 -41.06 -14.67 10.53
N GLN F 147 -40.01 -15.44 10.21
CA GLN F 147 -40.00 -16.16 8.95
C GLN F 147 -41.18 -17.11 8.87
N ASP F 148 -41.53 -17.75 9.99
CA ASP F 148 -42.66 -18.66 9.93
C ASP F 148 -43.97 -17.92 9.78
N LEU F 149 -44.15 -16.78 10.45
CA LEU F 149 -45.42 -16.07 10.33
C LEU F 149 -45.67 -15.57 8.92
N LEU F 150 -44.63 -15.16 8.25
CA LEU F 150 -44.74 -14.63 6.91
C LEU F 150 -45.04 -15.69 5.89
N ALA F 151 -44.97 -16.96 6.28
CA ALA F 151 -45.26 -18.04 5.40
C ALA F 151 -46.69 -18.53 5.57
N LEU F 152 -47.45 -17.92 6.48
CA LEU F 152 -48.82 -18.40 6.72
C LEU F 152 -49.94 -17.79 5.86
N ASP F 153 -49.77 -16.56 5.31
CA ASP F 153 -50.76 -15.80 4.50
C ASP F 153 -52.19 -15.89 5.06
N UNK G 1 -35.72 -11.21 -23.65
CA UNK G 1 -36.74 -10.17 -23.52
C UNK G 1 -37.95 -10.54 -24.39
N UNK G 2 -38.76 -11.49 -23.89
CA UNK G 2 -40.00 -11.99 -24.48
C UNK G 2 -41.13 -11.01 -24.31
N UNK G 3 -42.10 -11.09 -25.20
CA UNK G 3 -43.29 -10.27 -25.09
C UNK G 3 -44.43 -11.01 -25.74
N UNK G 4 -45.64 -10.68 -25.36
CA UNK G 4 -46.76 -11.33 -26.01
C UNK G 4 -47.95 -10.42 -26.15
N UNK G 5 -48.65 -10.60 -27.25
CA UNK G 5 -49.86 -9.85 -27.52
C UNK G 5 -51.00 -10.59 -26.88
N UNK G 6 -52.05 -9.88 -26.50
CA UNK G 6 -53.19 -10.53 -25.90
C UNK G 6 -54.51 -9.79 -26.14
N UNK G 7 -55.60 -10.53 -25.96
CA UNK G 7 -56.98 -10.02 -25.95
C UNK G 7 -57.46 -9.29 -27.19
N UNK G 8 -57.07 -9.70 -28.39
CA UNK G 8 -57.66 -9.02 -29.54
C UNK G 8 -59.11 -9.46 -29.61
N UNK G 9 -60.00 -8.58 -30.02
CA UNK G 9 -61.40 -8.95 -30.16
C UNK G 9 -62.06 -8.18 -31.28
N UNK G 10 -63.04 -8.80 -31.93
CA UNK G 10 -63.75 -8.13 -33.01
C UNK G 10 -64.93 -7.31 -32.53
N UNK G 11 -64.78 -6.01 -32.63
CA UNK G 11 -65.78 -5.07 -32.21
C UNK G 11 -66.84 -4.94 -33.28
N UNK G 12 -68.04 -4.56 -32.89
CA UNK G 12 -69.04 -4.23 -33.86
C UNK G 12 -68.60 -2.94 -34.49
N UNK G 13 -69.06 -2.61 -35.67
CA UNK G 13 -68.63 -1.33 -36.18
C UNK G 13 -69.07 -0.28 -35.18
N UNK G 14 -68.19 0.68 -34.92
CA UNK G 14 -68.36 1.81 -34.01
C UNK G 14 -68.52 1.39 -32.56
N UNK G 15 -68.07 0.19 -32.23
CA UNK G 15 -68.06 -0.28 -30.87
C UNK G 15 -66.61 -0.34 -30.40
N UNK G 16 -66.39 -0.15 -29.11
CA UNK G 16 -65.03 -0.23 -28.57
C UNK G 16 -64.64 -1.66 -28.18
N UNK G 17 -63.33 -1.86 -28.11
CA UNK G 17 -62.68 -3.08 -27.65
C UNK G 17 -61.34 -2.67 -27.05
N UNK G 18 -60.73 -3.54 -26.25
CA UNK G 18 -59.42 -3.19 -25.69
C UNK G 18 -58.50 -4.38 -25.80
N UNK G 19 -57.23 -4.07 -26.02
CA UNK G 19 -56.16 -5.04 -26.16
C UNK G 19 -55.28 -5.06 -24.94
N UNK G 20 -54.46 -6.10 -24.85
CA UNK G 20 -53.54 -6.24 -23.75
C UNK G 20 -52.23 -6.85 -24.22
N UNK G 21 -51.20 -6.68 -23.42
CA UNK G 21 -49.91 -7.28 -23.71
C UNK G 21 -49.17 -7.65 -22.43
N UNK G 22 -48.34 -8.67 -22.55
CA UNK G 22 -47.52 -9.16 -21.46
C UNK G 22 -46.06 -8.90 -21.72
N UNK G 23 -45.27 -8.80 -20.66
CA UNK G 23 -43.84 -8.62 -20.82
C UNK G 23 -43.06 -9.55 -19.93
N UNK G 24 -41.86 -9.92 -20.36
CA UNK G 24 -41.03 -10.76 -19.51
C UNK G 24 -39.57 -10.51 -19.75
N UNK G 25 -38.74 -10.88 -18.77
CA UNK G 25 -37.29 -10.80 -18.91
C UNK G 25 -36.79 -9.43 -19.31
N UNK G 26 -37.38 -8.40 -18.72
CA UNK G 26 -36.97 -7.04 -18.99
C UNK G 26 -37.26 -6.17 -17.79
N UNK G 27 -36.49 -5.12 -17.62
CA UNK G 27 -36.77 -4.17 -16.54
C UNK G 27 -37.83 -3.21 -17.00
N UNK G 28 -39.06 -3.71 -17.05
CA UNK G 28 -40.21 -3.02 -17.61
C UNK G 28 -40.44 -1.68 -16.94
N UNK G 29 -40.01 -1.55 -15.71
CA UNK G 29 -40.16 -0.30 -14.97
C UNK G 29 -39.37 0.84 -15.61
N UNK G 30 -38.20 0.55 -16.20
CA UNK G 30 -37.36 1.58 -16.78
C UNK G 30 -37.54 1.70 -18.27
N UNK G 31 -37.86 0.60 -18.92
CA UNK G 31 -37.98 0.63 -20.37
C UNK G 31 -39.27 1.32 -20.77
N UNK G 32 -39.25 1.99 -21.89
CA UNK G 32 -40.45 2.59 -22.45
C UNK G 32 -41.04 1.62 -23.47
N UNK G 33 -42.28 1.81 -23.89
CA UNK G 33 -42.87 0.87 -24.85
C UNK G 33 -43.81 1.55 -25.83
N UNK G 34 -44.03 0.91 -26.97
CA UNK G 34 -44.87 1.48 -28.02
C UNK G 34 -45.63 0.42 -28.78
N UNK G 35 -46.66 0.85 -29.52
CA UNK G 35 -47.46 -0.08 -30.31
C UNK G 35 -47.67 0.44 -31.72
N UNK G 36 -47.83 -0.48 -32.65
CA UNK G 36 -48.04 -0.18 -34.07
C UNK G 36 -48.98 -1.20 -34.67
N UNK G 37 -49.60 -0.84 -35.78
CA UNK G 37 -50.53 -1.78 -36.39
C UNK G 37 -50.60 -1.67 -37.88
N UNK G 38 -50.99 -2.78 -38.53
CA UNK G 38 -51.09 -2.78 -39.98
C UNK G 38 -52.31 -3.48 -40.52
N UNK G 39 -52.94 -2.79 -41.44
CA UNK G 39 -54.07 -3.29 -42.17
C UNK G 39 -53.55 -4.28 -43.15
N UNK G 40 -54.41 -5.10 -43.70
CA UNK G 40 -53.90 -6.02 -44.69
C UNK G 40 -53.29 -5.21 -45.81
N UNK G 41 -52.17 -5.71 -46.36
CA UNK G 41 -51.49 -5.07 -47.47
C UNK G 41 -51.11 -3.62 -47.15
N UNK G 42 -50.54 -3.43 -45.97
CA UNK G 42 -50.12 -2.12 -45.55
C UNK G 42 -48.94 -2.19 -44.60
N UNK G 43 -48.14 -1.14 -44.57
CA UNK G 43 -47.04 -1.04 -43.62
C UNK G 43 -47.62 -0.71 -42.28
N UNK G 44 -46.96 -1.11 -41.22
CA UNK G 44 -47.46 -0.73 -39.94
C UNK G 44 -47.27 0.73 -39.70
N UNK G 45 -48.21 1.34 -39.02
CA UNK G 45 -48.08 2.71 -38.62
C UNK G 45 -48.02 2.79 -37.12
N UNK G 46 -47.27 3.76 -36.60
CA UNK G 46 -47.24 3.88 -35.16
C UNK G 46 -48.63 4.15 -34.73
N UNK G 47 -49.06 3.53 -33.66
CA UNK G 47 -50.37 3.79 -33.17
C UNK G 47 -50.29 4.68 -31.95
N UNK G 48 -49.36 4.34 -31.07
CA UNK G 48 -49.19 5.05 -29.82
C UNK G 48 -47.86 4.74 -29.18
N UNK G 49 -47.46 5.58 -28.23
CA UNK G 49 -46.27 5.30 -27.44
C UNK G 49 -46.41 5.85 -26.05
N UNK G 50 -45.70 5.24 -25.10
CA UNK G 50 -45.72 5.73 -23.74
C UNK G 50 -44.38 5.58 -23.06
N UNK G 51 -44.17 6.50 -22.14
CA UNK G 51 -42.98 6.62 -21.33
C UNK G 51 -42.91 5.56 -20.30
N UNK G 52 -41.72 5.39 -19.74
CA UNK G 52 -41.55 4.44 -18.66
C UNK G 52 -42.54 4.86 -17.57
N UNK G 53 -42.73 6.17 -17.42
CA UNK G 53 -43.72 6.70 -16.51
C UNK G 53 -44.16 8.10 -16.93
N UNK G 54 -45.42 8.41 -16.64
CA UNK G 54 -46.06 9.73 -16.73
C UNK G 54 -46.11 10.48 -18.09
N UNK G 55 -46.11 9.80 -19.23
CA UNK G 55 -46.27 10.54 -20.48
C UNK G 55 -46.74 9.64 -21.59
N UNK G 56 -47.49 10.20 -22.54
CA UNK G 56 -47.95 9.41 -23.67
C UNK G 56 -48.29 10.29 -24.87
N UNK G 57 -48.31 9.67 -26.04
CA UNK G 57 -48.70 10.33 -27.29
C UNK G 57 -49.36 9.31 -28.21
N UNK G 58 -50.15 9.79 -29.18
CA UNK G 58 -50.80 8.88 -30.13
C UNK G 58 -50.88 9.52 -31.49
N UNK G 59 -50.94 8.70 -32.53
CA UNK G 59 -50.96 9.22 -33.88
C UNK G 59 -52.28 9.08 -34.60
N UNK G 60 -52.95 10.20 -34.87
CA UNK G 60 -54.23 10.22 -35.60
C UNK G 60 -55.23 9.21 -35.03
N UNK G 61 -55.32 9.15 -33.72
CA UNK G 61 -56.21 8.19 -33.09
C UNK G 61 -56.82 8.81 -31.86
N UNK G 62 -57.53 9.90 -32.05
CA UNK G 62 -58.09 10.59 -30.92
C UNK G 62 -59.02 9.67 -30.18
N UNK G 63 -58.99 9.81 -28.86
CA UNK G 63 -59.77 9.07 -27.88
C UNK G 63 -59.30 7.64 -27.64
N UNK G 64 -58.29 7.17 -28.35
CA UNK G 64 -57.72 5.86 -28.06
C UNK G 64 -56.70 6.11 -26.96
N UNK G 65 -56.35 5.11 -26.14
CA UNK G 65 -55.34 5.42 -25.13
C UNK G 65 -54.47 4.26 -24.70
N UNK G 66 -53.21 4.58 -24.42
CA UNK G 66 -52.23 3.63 -23.89
C UNK G 66 -52.31 3.58 -22.37
N UNK G 67 -51.96 2.43 -21.80
CA UNK G 67 -51.91 2.24 -20.37
C UNK G 67 -50.84 1.23 -19.98
N UNK G 68 -50.40 1.27 -18.72
CA UNK G 68 -49.43 0.29 -18.25
C UNK G 68 -49.70 -0.05 -16.80
N UNK G 69 -49.45 -1.31 -16.44
CA UNK G 69 -49.68 -1.77 -15.08
C UNK G 69 -48.50 -1.61 -14.15
N UNK G 70 -47.34 -1.33 -14.73
CA UNK G 70 -46.08 -1.28 -13.98
C UNK G 70 -45.90 -2.60 -13.25
N UNK G 71 -46.27 -3.69 -13.93
CA UNK G 71 -46.21 -5.03 -13.41
C UNK G 71 -46.04 -6.00 -14.56
N UNK G 72 -45.08 -5.70 -15.42
CA UNK G 72 -44.77 -6.52 -16.59
C UNK G 72 -46.02 -6.80 -17.44
N UNK G 73 -46.84 -5.77 -17.63
CA UNK G 73 -48.05 -5.84 -18.43
C UNK G 73 -48.43 -4.45 -18.92
N UNK G 74 -49.15 -4.41 -20.04
CA UNK G 74 -49.60 -3.18 -20.68
C UNK G 74 -50.94 -3.37 -21.36
N UNK G 75 -51.60 -2.27 -21.66
CA UNK G 75 -52.90 -2.33 -22.29
C UNK G 75 -53.22 -1.11 -23.13
N UNK G 76 -54.20 -1.25 -24.02
CA UNK G 76 -54.65 -0.10 -24.79
C UNK G 76 -56.14 -0.17 -25.11
N UNK G 77 -56.78 0.99 -25.00
CA UNK G 77 -58.19 1.15 -25.30
C UNK G 77 -58.37 1.64 -26.72
N UNK G 78 -59.23 0.97 -27.49
CA UNK G 78 -59.46 1.39 -28.86
C UNK G 78 -60.44 2.55 -29.03
N UNK G 79 -61.36 2.73 -28.06
CA UNK G 79 -62.46 3.70 -28.18
C UNK G 79 -63.34 3.16 -29.29
N UNK G 80 -64.39 3.86 -29.69
CA UNK G 80 -65.22 3.26 -30.74
C UNK G 80 -64.37 3.00 -31.95
N UNK G 81 -64.46 1.79 -32.50
CA UNK G 81 -63.67 1.44 -33.65
C UNK G 81 -64.44 1.50 -34.95
N UNK G 82 -63.95 2.29 -35.87
CA UNK G 82 -64.55 2.39 -37.18
C UNK G 82 -64.31 1.08 -37.87
N UNK G 83 -65.16 0.70 -38.82
CA UNK G 83 -64.95 -0.53 -39.58
C UNK G 83 -63.60 -0.49 -40.31
N UNK G 84 -63.15 0.72 -40.59
CA UNK G 84 -61.90 0.99 -41.27
C UNK G 84 -60.69 0.59 -40.43
N UNK G 85 -60.86 0.51 -39.12
CA UNK G 85 -59.76 0.22 -38.20
C UNK G 85 -59.53 -1.28 -38.10
N UNK G 86 -59.12 -1.84 -39.22
CA UNK G 86 -58.89 -3.27 -39.35
C UNK G 86 -57.43 -3.54 -39.40
N UNK G 87 -56.87 -4.19 -38.38
CA UNK G 87 -55.43 -4.36 -38.40
C UNK G 87 -54.88 -5.41 -37.46
N UNK G 88 -53.71 -5.91 -37.81
CA UNK G 88 -52.95 -6.72 -36.88
C UNK G 88 -52.23 -5.71 -36.02
N UNK G 89 -52.00 -6.02 -34.77
CA UNK G 89 -51.29 -5.05 -33.96
C UNK G 89 -50.38 -5.70 -32.97
N UNK G 90 -49.34 -4.97 -32.57
CA UNK G 90 -48.44 -5.50 -31.58
C UNK G 90 -47.70 -4.45 -30.80
N UNK G 91 -47.29 -4.84 -29.60
CA UNK G 91 -46.43 -4.03 -28.74
C UNK G 91 -44.97 -4.32 -29.03
N UNK G 92 -44.12 -3.33 -28.81
CA UNK G 92 -42.68 -3.44 -28.97
C UNK G 92 -41.96 -2.61 -27.92
N UNK G 93 -40.72 -2.97 -27.61
CA UNK G 93 -39.96 -2.17 -26.67
C UNK G 93 -39.47 -0.96 -27.39
N UNK G 94 -39.42 0.15 -26.71
CA UNK G 94 -38.80 1.29 -27.34
C UNK G 94 -37.32 1.18 -27.07
N UNK G 95 -36.50 1.73 -27.93
CA UNK G 95 -35.14 1.84 -27.48
C UNK G 95 -35.36 2.73 -26.31
N UNK G 96 -34.66 2.59 -25.22
CA UNK G 96 -35.05 3.45 -24.13
C UNK G 96 -33.97 4.37 -23.60
N UNK G 97 -32.94 4.69 -24.39
CA UNK G 97 -31.94 5.60 -23.84
C UNK G 97 -32.65 6.89 -23.57
N UNK G 98 -32.37 7.50 -22.43
CA UNK G 98 -33.08 8.73 -22.12
C UNK G 98 -32.87 9.81 -23.19
N UNK G 99 -31.68 9.85 -23.78
CA UNK G 99 -31.35 10.87 -24.79
C UNK G 99 -31.71 10.50 -26.25
N UNK G 100 -32.23 9.30 -26.51
CA UNK G 100 -32.59 8.87 -27.88
C UNK G 100 -33.39 7.57 -27.80
N UNK G 101 -34.68 7.62 -28.05
CA UNK G 101 -35.48 6.43 -27.75
C UNK G 101 -36.54 6.01 -28.75
N UNK G 102 -36.22 5.88 -30.04
CA UNK G 102 -37.29 5.42 -30.90
C UNK G 102 -36.88 4.39 -31.96
N UNK G 103 -35.81 3.66 -31.72
CA UNK G 103 -35.49 2.57 -32.61
C UNK G 103 -36.17 1.35 -32.02
N UNK G 104 -37.30 0.94 -32.56
CA UNK G 104 -38.09 -0.13 -31.92
C UNK G 104 -37.31 -1.42 -31.87
N UNK G 105 -37.52 -2.18 -30.81
CA UNK G 105 -36.83 -3.45 -30.65
C UNK G 105 -37.71 -4.50 -30.02
N UNK G 106 -37.39 -5.76 -30.27
CA UNK G 106 -38.17 -6.86 -29.69
C UNK G 106 -39.63 -6.70 -30.04
N UNK G 107 -39.90 -6.28 -31.28
CA UNK G 107 -41.26 -6.12 -31.77
C UNK G 107 -41.73 -7.44 -32.26
N UNK G 108 -41.91 -8.37 -31.35
CA UNK G 108 -42.13 -9.75 -31.73
C UNK G 108 -43.32 -10.42 -31.07
N UNK G 109 -44.50 -9.97 -31.44
CA UNK G 109 -45.74 -10.46 -30.91
C UNK G 109 -46.83 -10.15 -31.90
N UNK G 110 -47.95 -10.83 -31.85
CA UNK G 110 -49.03 -10.36 -32.71
C UNK G 110 -50.38 -10.82 -32.24
N UNK G 111 -51.38 -10.00 -32.51
CA UNK G 111 -52.78 -10.33 -32.30
C UNK G 111 -53.55 -9.53 -33.32
N UNK G 112 -54.78 -9.92 -33.67
CA UNK G 112 -55.47 -9.09 -34.66
C UNK G 112 -56.95 -9.06 -34.50
N UNK G 113 -57.54 -7.96 -34.96
CA UNK G 113 -58.98 -7.80 -34.95
C UNK G 113 -59.41 -6.73 -35.94
N UNK G 114 -60.68 -6.77 -36.34
CA UNK G 114 -61.23 -5.73 -37.16
C UNK G 114 -62.65 -5.46 -36.76
N UNK G 115 -63.05 -4.20 -36.80
CA UNK G 115 -64.40 -3.88 -36.46
C UNK G 115 -65.30 -4.21 -37.66
N UNK G 116 -66.56 -4.61 -37.37
CA UNK G 116 -67.67 -4.91 -38.31
C UNK G 116 -67.68 -6.41 -38.56
N UNK H 1 -42.66 14.77 -40.83
CA UNK H 1 -41.80 14.46 -41.96
C UNK H 1 -42.07 13.02 -42.40
N UNK H 2 -42.78 12.85 -43.53
CA UNK H 2 -43.14 11.54 -44.10
C UNK H 2 -42.04 10.99 -44.99
N UNK H 3 -41.47 9.89 -44.56
CA UNK H 3 -40.41 9.23 -45.29
C UNK H 3 -41.05 8.35 -46.33
N UNK H 4 -40.33 8.07 -47.40
CA UNK H 4 -40.87 7.16 -48.40
C UNK H 4 -39.81 6.30 -49.05
N UNK H 5 -40.14 5.04 -49.23
CA UNK H 5 -39.25 4.09 -49.83
C UNK H 5 -39.18 4.29 -51.33
N UNK H 6 -38.00 4.06 -51.85
CA UNK H 6 -37.68 4.06 -53.26
C UNK H 6 -37.57 2.61 -53.70
N UNK H 7 -37.79 2.34 -54.98
CA UNK H 7 -37.69 0.99 -55.52
C UNK H 7 -38.78 0.14 -54.92
N UNK H 8 -39.96 0.18 -55.53
CA UNK H 8 -41.11 -0.54 -54.97
C UNK H 8 -40.85 -2.00 -54.80
N UNK H 9 -40.06 -2.58 -55.70
CA UNK H 9 -39.73 -3.99 -55.60
C UNK H 9 -38.41 -4.28 -56.27
N UNK H 10 -37.78 -5.35 -55.84
CA UNK H 10 -36.54 -5.82 -56.47
C UNK H 10 -36.52 -7.33 -56.59
N UNK H 11 -35.81 -7.81 -57.63
CA UNK H 11 -35.64 -9.24 -57.89
C UNK H 11 -34.25 -9.53 -58.43
N UNK H 12 -33.25 -9.41 -57.57
CA UNK H 12 -31.84 -9.55 -57.95
C UNK H 12 -31.37 -11.00 -57.96
N UNK H 13 -32.25 -11.92 -57.56
CA UNK H 13 -31.92 -13.32 -57.42
C UNK H 13 -30.75 -13.45 -56.47
N UNK H 14 -29.76 -14.26 -56.80
CA UNK H 14 -28.66 -14.43 -55.87
C UNK H 14 -27.60 -13.35 -56.01
N UNK H 15 -27.98 -12.12 -55.70
CA UNK H 15 -27.08 -10.99 -55.82
C UNK H 15 -27.47 -9.88 -54.85
N UNK H 16 -26.49 -9.06 -54.49
CA UNK H 16 -26.76 -7.92 -53.64
C UNK H 16 -27.52 -6.84 -54.40
N UNK H 17 -28.41 -6.14 -53.71
CA UNK H 17 -29.12 -5.02 -54.27
C UNK H 17 -29.47 -4.03 -53.19
N UNK H 18 -29.51 -2.75 -53.55
CA UNK H 18 -29.85 -1.71 -52.60
C UNK H 18 -31.30 -1.30 -52.60
N UNK H 19 -31.73 -0.91 -51.43
CA UNK H 19 -33.02 -0.31 -51.13
C UNK H 19 -32.71 1.10 -50.66
N UNK H 20 -33.64 2.02 -50.81
CA UNK H 20 -33.37 3.37 -50.35
C UNK H 20 -34.62 4.08 -49.91
N UNK H 21 -34.45 5.15 -49.15
CA UNK H 21 -35.57 5.96 -48.72
C UNK H 21 -35.21 7.43 -48.63
N UNK H 22 -36.21 8.25 -48.88
CA UNK H 22 -36.10 9.70 -48.79
C UNK H 22 -36.83 10.22 -47.60
N UNK H 23 -36.48 11.42 -47.13
CA UNK H 23 -37.24 12.04 -46.07
C UNK H 23 -37.44 13.52 -46.32
N UNK H 24 -38.48 14.04 -45.69
CA UNK H 24 -38.88 15.44 -45.81
C UNK H 24 -38.15 16.37 -44.85
N UNK H 25 -37.27 15.81 -44.05
CA UNK H 25 -36.53 16.56 -43.06
C UNK H 25 -35.22 15.86 -42.80
N UNK H 26 -34.24 16.57 -42.25
CA UNK H 26 -32.97 15.91 -42.02
C UNK H 26 -33.08 14.68 -41.15
N UNK H 27 -33.87 14.76 -40.10
CA UNK H 27 -34.08 13.64 -39.20
C UNK H 27 -32.76 13.07 -38.67
N UNK H 28 -31.78 13.94 -38.39
CA UNK H 28 -30.50 13.54 -37.81
C UNK H 28 -29.93 12.27 -38.45
N UNK H 29 -29.70 11.26 -37.61
CA UNK H 29 -29.20 9.94 -37.96
C UNK H 29 -30.15 8.98 -37.30
N UNK H 30 -31.41 9.41 -37.31
CA UNK H 30 -32.51 8.73 -36.67
C UNK H 30 -33.15 7.69 -37.55
N UNK H 31 -32.69 7.57 -38.78
CA UNK H 31 -33.27 6.58 -39.65
C UNK H 31 -33.03 5.25 -39.02
N UNK H 32 -33.94 4.34 -39.18
CA UNK H 32 -33.83 3.01 -38.64
C UNK H 32 -34.50 2.06 -39.60
N UNK H 33 -34.17 0.77 -39.55
CA UNK H 33 -34.87 -0.12 -40.48
C UNK H 33 -35.08 -1.50 -39.92
N UNK H 34 -36.17 -2.12 -40.39
CA UNK H 34 -36.57 -3.46 -39.97
C UNK H 34 -37.21 -4.19 -41.15
N UNK H 35 -37.26 -5.51 -41.05
CA UNK H 35 -37.84 -6.29 -42.14
C UNK H 35 -38.56 -7.53 -41.67
N UNK H 36 -39.49 -8.02 -42.50
CA UNK H 36 -40.26 -9.20 -42.14
C UNK H 36 -40.66 -10.04 -43.31
N UNK H 37 -40.74 -11.33 -43.05
CA UNK H 37 -41.28 -12.29 -43.98
C UNK H 37 -42.75 -12.00 -44.04
N UNK H 38 -43.42 -12.43 -45.09
CA UNK H 38 -44.84 -12.17 -45.09
C UNK H 38 -45.45 -12.90 -43.91
N UNK H 39 -46.45 -12.28 -43.27
CA UNK H 39 -47.14 -12.88 -42.14
C UNK H 39 -46.19 -13.25 -41.01
N UNK H 40 -45.31 -12.33 -40.67
CA UNK H 40 -44.34 -12.54 -39.61
C UNK H 40 -44.02 -11.22 -38.94
N UNK H 41 -43.61 -11.26 -37.67
CA UNK H 41 -43.20 -10.05 -37.00
C UNK H 41 -41.87 -9.59 -37.57
N UNK H 42 -41.70 -8.29 -37.67
CA UNK H 42 -40.45 -7.71 -38.16
C UNK H 42 -39.38 -7.70 -37.11
N UNK H 43 -38.15 -7.62 -37.57
CA UNK H 43 -37.04 -7.47 -36.66
C UNK H 43 -36.13 -6.38 -37.16
N UNK H 44 -35.51 -5.65 -36.23
CA UNK H 44 -34.61 -4.59 -36.64
C UNK H 44 -33.44 -5.15 -37.37
N UNK H 45 -33.04 -4.45 -38.41
CA UNK H 45 -31.87 -4.79 -39.18
C UNK H 45 -30.79 -3.75 -38.91
N UNK H 46 -31.25 -2.51 -38.83
CA UNK H 46 -30.39 -1.37 -38.63
C UNK H 46 -30.71 -0.69 -37.30
N UNK H 47 -29.67 -0.57 -36.47
CA UNK H 47 -29.76 -0.02 -35.12
C UNK H 47 -29.64 1.48 -35.18
N UNK H 48 -30.65 2.07 -35.77
CA UNK H 48 -30.71 3.47 -36.13
C UNK H 48 -29.81 3.64 -37.32
N UNK H 49 -29.52 4.86 -37.71
CA UNK H 49 -28.87 5.00 -38.97
C UNK H 49 -27.48 4.45 -38.99
N UNK H 50 -27.14 3.80 -40.10
CA UNK H 50 -25.80 3.33 -40.36
C UNK H 50 -25.22 2.51 -39.19
N UNK H 51 -26.01 1.61 -38.65
CA UNK H 51 -25.57 0.77 -37.55
C UNK H 51 -26.24 -0.57 -37.64
N UNK H 52 -25.60 -1.61 -37.16
CA UNK H 52 -26.24 -2.93 -37.22
C UNK H 52 -27.03 -3.26 -35.98
N UNK H 53 -28.14 -3.96 -36.20
CA UNK H 53 -28.97 -4.48 -35.13
C UNK H 53 -28.29 -5.66 -34.44
N UNK H 54 -28.66 -5.91 -33.20
CA UNK H 54 -28.13 -7.08 -32.55
C UNK H 54 -28.59 -8.27 -33.32
N UNK H 55 -27.70 -9.23 -33.53
CA UNK H 55 -27.96 -10.45 -34.27
C UNK H 55 -28.37 -10.19 -35.71
N UNK H 56 -27.93 -9.05 -36.26
CA UNK H 56 -28.18 -8.71 -37.64
C UNK H 56 -27.38 -9.65 -38.50
N UNK H 57 -27.84 -9.85 -39.71
CA UNK H 57 -27.12 -10.68 -40.63
C UNK H 57 -25.73 -10.13 -40.84
N UNK H 58 -24.76 -11.00 -41.03
CA UNK H 58 -23.40 -10.55 -41.29
C UNK H 58 -23.34 -9.66 -42.52
N UNK H 59 -24.21 -9.94 -43.48
CA UNK H 59 -24.28 -9.21 -44.72
C UNK H 59 -25.07 -7.91 -44.58
N UNK H 60 -25.62 -7.63 -43.43
CA UNK H 60 -26.40 -6.41 -43.30
C UNK H 60 -25.46 -5.21 -43.40
N UNK H 61 -25.91 -4.15 -44.04
CA UNK H 61 -25.11 -2.94 -44.14
C UNK H 61 -26.03 -1.77 -44.32
N UNK H 62 -25.58 -0.57 -43.97
CA UNK H 62 -26.40 0.62 -44.15
C UNK H 62 -25.56 1.89 -44.20
N UNK H 63 -26.12 2.93 -44.78
CA UNK H 63 -25.50 4.24 -44.81
C UNK H 63 -26.58 5.31 -44.73
N UNK H 64 -26.22 6.49 -44.23
CA UNK H 64 -27.23 7.53 -44.12
C UNK H 64 -26.64 8.92 -44.17
N UNK H 65 -27.52 9.86 -44.47
CA UNK H 65 -27.24 11.28 -44.58
C UNK H 65 -28.45 12.06 -44.15
N UNK H 66 -28.29 13.33 -43.87
CA UNK H 66 -29.49 14.07 -43.55
C UNK H 66 -30.50 13.95 -44.68
N UNK H 67 -31.72 13.62 -44.31
CA UNK H 67 -32.90 13.48 -45.16
C UNK H 67 -32.75 12.42 -46.27
N UNK H 68 -31.83 11.46 -46.09
CA UNK H 68 -31.67 10.38 -47.06
C UNK H 68 -31.04 9.14 -46.44
N UNK H 69 -31.38 7.96 -46.93
CA UNK H 69 -30.71 6.76 -46.46
C UNK H 69 -30.77 5.63 -47.46
N UNK H 70 -29.85 4.68 -47.33
CA UNK H 70 -29.86 3.51 -48.18
C UNK H 70 -29.22 2.32 -47.50
N UNK H 71 -29.59 1.13 -47.95
CA UNK H 71 -29.00 -0.08 -47.40
C UNK H 71 -28.99 -1.20 -48.40
N UNK H 72 -28.03 -2.10 -48.25
CA UNK H 72 -27.96 -3.25 -49.13
C UNK H 72 -27.32 -4.40 -48.45
N UNK H 73 -27.73 -5.60 -48.80
CA UNK H 73 -27.02 -6.73 -48.28
C UNK H 73 -25.68 -6.79 -48.97
N UNK H 74 -24.66 -7.20 -48.26
CA UNK H 74 -23.36 -7.42 -48.88
C UNK H 74 -23.46 -8.49 -49.96
N UNK H 75 -24.33 -9.47 -49.70
CA UNK H 75 -24.55 -10.57 -50.60
C UNK H 75 -25.94 -11.10 -50.35
N UNK H 76 -26.49 -11.74 -51.36
CA UNK H 76 -27.77 -12.40 -51.23
C UNK H 76 -27.63 -13.66 -50.43
N UNK H 77 -28.75 -14.09 -49.90
CA UNK H 77 -28.90 -15.30 -49.13
C UNK H 77 -30.26 -15.85 -49.39
N UNK H 78 -30.50 -17.11 -49.10
CA UNK H 78 -31.82 -17.68 -49.36
C UNK H 78 -32.93 -16.92 -48.62
N UNK H 79 -32.64 -16.40 -47.44
CA UNK H 79 -33.63 -15.68 -46.65
C UNK H 79 -33.74 -14.21 -47.02
N UNK H 80 -32.93 -13.74 -47.95
CA UNK H 80 -32.90 -12.32 -48.31
C UNK H 80 -33.93 -12.01 -49.39
N UNK H 81 -35.19 -12.24 -49.05
CA UNK H 81 -36.28 -12.03 -49.99
C UNK H 81 -37.55 -11.67 -49.25
N UNK H 82 -37.53 -10.51 -48.63
CA UNK H 82 -38.67 -10.11 -47.83
C UNK H 82 -38.83 -8.61 -47.86
N UNK H 83 -40.04 -8.15 -47.59
CA UNK H 83 -40.31 -6.74 -47.56
C UNK H 83 -39.60 -6.07 -46.40
N UNK H 84 -39.16 -4.84 -46.63
CA UNK H 84 -38.48 -4.09 -45.58
C UNK H 84 -38.80 -2.62 -45.62
N UNK H 85 -38.74 -1.97 -44.46
CA UNK H 85 -39.05 -0.55 -44.43
C UNK H 85 -38.22 0.27 -43.47
N UNK H 86 -38.07 1.52 -43.87
CA UNK H 86 -37.42 2.55 -43.09
C UNK H 86 -38.38 3.13 -42.10
N UNK H 87 -37.82 3.68 -41.04
CA UNK H 87 -38.58 4.39 -40.02
C UNK H 87 -37.77 5.55 -39.49
N UNK H 88 -38.47 6.58 -39.00
CA UNK H 88 -37.81 7.73 -38.43
C UNK H 88 -37.93 7.75 -36.93
N UNK H 89 -36.80 7.67 -36.25
CA UNK H 89 -36.75 7.71 -34.80
C UNK H 89 -36.80 9.18 -34.31
N UNK H 90 -36.68 10.11 -35.26
CA UNK H 90 -36.68 11.54 -35.01
C UNK H 90 -38.09 12.05 -34.86
N UNK H 91 -38.22 13.16 -34.14
CA UNK H 91 -39.48 13.84 -33.94
C UNK H 91 -40.53 12.84 -33.51
N UNK H 92 -41.74 12.93 -34.07
CA UNK H 92 -42.71 11.93 -33.71
C UNK H 92 -42.30 10.69 -34.46
N UNK H 93 -42.28 9.56 -33.79
CA UNK H 93 -41.85 8.38 -34.50
C UNK H 93 -42.77 8.12 -35.67
N UNK H 94 -42.18 7.73 -36.80
CA UNK H 94 -43.00 7.45 -37.99
C UNK H 94 -42.46 6.29 -38.82
N UNK H 95 -43.39 5.54 -39.37
CA UNK H 95 -43.12 4.40 -40.24
C UNK H 95 -43.28 4.82 -41.69
N UNK H 96 -42.83 3.98 -42.61
CA UNK H 96 -42.95 4.27 -44.04
C UNK H 96 -43.21 2.99 -44.81
N UNK H 97 -43.77 3.12 -46.02
CA UNK H 97 -44.07 1.96 -46.84
C UNK H 97 -42.85 1.15 -47.15
N UNK H 98 -43.01 -0.18 -47.10
CA UNK H 98 -41.95 -1.12 -47.38
C UNK H 98 -41.71 -1.35 -48.85
N UNK H 99 -40.47 -1.71 -49.17
CA UNK H 99 -40.12 -2.15 -50.52
C UNK H 99 -40.22 -3.66 -50.51
N UNK H 100 -40.70 -4.24 -51.60
CA UNK H 100 -40.83 -5.69 -51.70
C UNK H 100 -39.59 -6.37 -52.27
N UNK H 101 -39.42 -7.64 -51.98
CA UNK H 101 -38.32 -8.38 -52.57
C UNK H 101 -38.74 -9.81 -52.82
N UNK H 102 -38.45 -10.29 -54.02
CA UNK H 102 -38.75 -11.66 -54.39
C UNK H 102 -37.92 -12.07 -55.61
#